data_4ZDO
#
_entry.id   4ZDO
#
_cell.length_a   166.238
_cell.length_b   166.238
_cell.length_c   238.160
_cell.angle_alpha   90.00
_cell.angle_beta   90.00
_cell.angle_gamma   120.00
#
_symmetry.space_group_name_H-M   'P 31 1 2'
#
loop_
_entity.id
_entity.type
_entity.pdbx_description
1 polymer 'O-phosphoseryl-tRNA(Sec) selenium transferase'
2 polymer 'selenocysteine tRNA'
3 non-polymer '(5-HYDROXY-4,6-DIMETHYLPYRIDIN-3-YL)METHYL DIHYDROGEN PHOSPHATE'
4 non-polymer 'PHOSPHATE ION'
5 water water
#
loop_
_entity_poly.entity_id
_entity_poly.type
_entity_poly.pdbx_seq_one_letter_code
_entity_poly.pdbx_strand_id
1 'polypeptide(L)'
;MNRESFAAGERLVSPAYVRQGCEARRSHEHLIRLLLEKGKCPENGWDESTLELFLHELAIMDSNNFLGNCGVGEREGRVA
SALVARRHYRFIHGIGRSGDISAVQPKAAGSSLLNKITNSLVLDIIKLAGVHTVANCFVVPMATGMSLTLCFLTLRHKRP
KAKYIIWPRIDQKSCFKSMITAGFEPVVIENVLEGDELRTDLKAVEAKVQELGPDCILCIHSTTSCFAPRVPDRLEELAV
ICANYDIPHIVNNAYGVQSSKCMHLIQQGARVGRIDAFVQSLDKNFMVPVGGAIIAGFNDSFIQEISKMYPGRASASPSL
DVLISLLSLGSNGYKKLLKERKEMFSYLSNQIKKLSEAYNERLLHTPHNPISLAMTLKTLDEHRDKAVTQLGSMLFTRQV
SGARVVPLGSMQTVSGYTFRGFMSHTNNYPCAYLNAASAIGMKMQDVDLFIKRLDRCLKAVRKERSKESDDNYDKTEDVD
IEEMALKLDNVLLDTYQDASS
;
A,B,C,D
2 'polyribonucleotide'
;GCCCGGAUGAUCCUCAGUGGUCUGGGGUGCAGGCUUCAAACCUGUAGCUGUCUAGCGACAGAGUGGUUCAAUUCCACCUU
UCGGGCG
;
E
#
loop_
_chem_comp.id
_chem_comp.type
_chem_comp.name
_chem_comp.formula
A RNA linking ADENOSINE-5'-MONOPHOSPHATE 'C10 H14 N5 O7 P'
C RNA linking CYTIDINE-5'-MONOPHOSPHATE 'C9 H14 N3 O8 P'
G RNA linking GUANOSINE-5'-MONOPHOSPHATE 'C10 H14 N5 O8 P'
PLR non-polymer '(5-HYDROXY-4,6-DIMETHYLPYRIDIN-3-YL)METHYL DIHYDROGEN PHOSPHATE' 'C8 H12 N O5 P'
PO4 non-polymer 'PHOSPHATE ION' 'O4 P -3'
U RNA linking URIDINE-5'-MONOPHOSPHATE 'C9 H13 N2 O9 P'
#
# COMPACT_ATOMS: atom_id res chain seq x y z
N ARG A 19 30.73 16.59 -23.41
CA ARG A 19 29.85 16.90 -22.29
C ARG A 19 28.49 16.21 -22.41
N GLN A 20 28.08 15.87 -23.63
CA GLN A 20 26.87 15.10 -23.82
C GLN A 20 27.16 13.63 -23.58
N GLY A 21 28.44 13.27 -23.64
CA GLY A 21 28.87 11.90 -23.49
C GLY A 21 29.43 11.63 -22.11
N CYS A 22 30.04 12.65 -21.53
CA CYS A 22 30.55 12.54 -20.17
C CYS A 22 29.37 12.55 -19.23
N GLU A 23 28.19 12.87 -19.76
CA GLU A 23 26.95 12.76 -19.01
C GLU A 23 26.22 11.50 -19.45
N ALA A 24 26.68 10.92 -20.54
CA ALA A 24 26.11 9.67 -21.02
C ALA A 24 26.90 8.51 -20.43
N ARG A 25 28.12 8.81 -19.99
CA ARG A 25 28.88 7.83 -19.21
C ARG A 25 28.18 7.60 -17.89
N ARG A 26 27.47 8.60 -17.42
CA ARG A 26 26.71 8.49 -16.19
C ARG A 26 25.69 7.38 -16.27
N SER A 27 25.25 7.06 -17.48
CA SER A 27 24.28 6.00 -17.64
C SER A 27 24.91 4.65 -17.34
N HIS A 28 26.20 4.50 -17.62
CA HIS A 28 26.90 3.26 -17.31
C HIS A 28 27.06 3.22 -15.80
N GLU A 29 27.74 4.22 -15.27
CA GLU A 29 28.03 4.29 -13.86
C GLU A 29 26.81 4.06 -12.99
N HIS A 30 25.63 4.30 -13.52
CA HIS A 30 24.41 4.11 -12.77
C HIS A 30 23.95 2.67 -12.79
N LEU A 31 24.21 1.95 -13.87
CA LEU A 31 23.90 0.54 -13.88
C LEU A 31 24.83 -0.13 -12.89
N ILE A 32 26.07 0.33 -12.87
CA ILE A 32 27.08 -0.25 -11.99
C ILE A 32 26.82 0.08 -10.53
N ARG A 33 26.39 1.28 -10.24
CA ARG A 33 26.08 1.63 -8.87
C ARG A 33 24.95 0.79 -8.37
N LEU A 34 24.01 0.49 -9.24
CA LEU A 34 22.82 -0.25 -8.85
C LEU A 34 23.16 -1.68 -8.50
N LEU A 35 24.13 -2.24 -9.21
CA LEU A 35 24.57 -3.60 -8.95
C LEU A 35 25.22 -3.69 -7.59
N LEU A 36 26.10 -2.75 -7.27
CA LEU A 36 26.85 -2.79 -6.04
C LEU A 36 26.00 -2.42 -4.83
N GLU A 37 24.95 -1.66 -5.05
CA GLU A 37 24.13 -1.21 -3.94
C GLU A 37 23.13 -2.26 -3.50
N LYS A 38 22.48 -2.92 -4.45
CA LYS A 38 21.39 -3.80 -4.13
C LYS A 38 21.72 -5.26 -4.37
N GLY A 39 22.80 -5.51 -5.09
CA GLY A 39 23.31 -6.86 -5.24
C GLY A 39 22.53 -7.83 -6.09
N LYS A 40 21.50 -7.37 -6.79
CA LYS A 40 20.70 -8.27 -7.58
C LYS A 40 21.07 -8.25 -9.06
N CYS A 41 20.67 -9.28 -9.79
CA CYS A 41 20.83 -9.30 -11.24
C CYS A 41 20.20 -8.10 -11.88
N PRO A 42 20.80 -7.61 -12.97
CA PRO A 42 20.05 -6.66 -13.78
C PRO A 42 18.86 -7.38 -14.33
N GLU A 43 17.73 -6.73 -14.49
CA GLU A 43 16.60 -7.40 -15.08
C GLU A 43 16.86 -7.65 -16.55
N ASN A 44 17.30 -6.63 -17.26
CA ASN A 44 17.72 -6.86 -18.62
C ASN A 44 19.22 -6.79 -18.68
N GLY A 45 19.80 -7.64 -19.50
CA GLY A 45 21.23 -7.74 -19.61
C GLY A 45 21.91 -6.43 -19.89
N TRP A 46 23.12 -6.28 -19.39
CA TRP A 46 23.97 -5.16 -19.68
C TRP A 46 24.47 -5.25 -21.10
N ASP A 47 24.70 -4.12 -21.74
CA ASP A 47 25.45 -4.09 -22.98
C ASP A 47 26.85 -4.56 -22.67
N GLU A 48 27.56 -5.13 -23.63
CA GLU A 48 28.95 -5.50 -23.38
C GLU A 48 29.77 -4.32 -22.95
N SER A 49 29.49 -3.15 -23.52
CA SER A 49 30.27 -1.97 -23.20
C SER A 49 30.25 -1.68 -21.71
N THR A 50 29.13 -1.93 -21.06
CA THR A 50 29.02 -1.69 -19.64
C THR A 50 29.72 -2.79 -18.88
N LEU A 51 29.57 -4.02 -19.35
CA LEU A 51 30.15 -5.16 -18.67
C LEU A 51 31.65 -5.03 -18.62
N GLU A 52 32.27 -4.72 -19.75
CA GLU A 52 33.72 -4.63 -19.85
C GLU A 52 34.29 -3.42 -19.13
N LEU A 53 33.58 -2.31 -19.17
CA LEU A 53 33.97 -1.14 -18.40
C LEU A 53 34.05 -1.47 -16.91
N PHE A 54 33.04 -2.16 -16.41
CA PHE A 54 32.98 -2.62 -15.03
C PHE A 54 34.14 -3.56 -14.69
N LEU A 55 34.40 -4.52 -15.56
CA LEU A 55 35.46 -5.47 -15.32
C LEU A 55 36.81 -4.78 -15.26
N HIS A 56 37.01 -3.77 -16.10
CA HIS A 56 38.26 -3.06 -16.10
C HIS A 56 38.37 -2.19 -14.87
N GLU A 57 37.24 -1.70 -14.40
CA GLU A 57 37.25 -0.86 -13.22
C GLU A 57 37.65 -1.66 -12.01
N LEU A 58 37.19 -2.91 -11.95
CA LEU A 58 37.55 -3.81 -10.87
C LEU A 58 38.97 -4.32 -10.96
N ALA A 59 39.42 -4.68 -12.14
CA ALA A 59 40.74 -5.25 -12.29
C ALA A 59 41.85 -4.30 -11.90
N ILE A 60 41.68 -3.01 -12.16
CA ILE A 60 42.70 -2.08 -11.77
C ILE A 60 42.66 -1.78 -10.29
N MET A 61 41.77 -2.43 -9.57
CA MET A 61 41.73 -2.25 -8.13
C MET A 61 42.65 -3.27 -7.45
N ASP A 62 42.98 -4.33 -8.15
CA ASP A 62 43.90 -5.32 -7.63
C ASP A 62 45.32 -4.78 -7.66
N SER A 63 46.09 -5.07 -6.62
CA SER A 63 47.41 -4.48 -6.46
C SER A 63 48.33 -4.79 -7.62
N ASN A 64 48.16 -5.92 -8.26
CA ASN A 64 49.05 -6.29 -9.33
C ASN A 64 48.88 -5.41 -10.55
N ASN A 65 47.84 -4.61 -10.57
CA ASN A 65 47.56 -3.79 -11.72
C ASN A 65 47.76 -2.32 -11.41
N PHE A 66 48.13 -2.02 -10.18
CA PHE A 66 48.49 -0.67 -9.80
C PHE A 66 49.64 -0.22 -10.65
N LEU A 67 49.77 1.08 -10.87
CA LEU A 67 50.83 1.56 -11.74
C LEU A 67 52.14 1.73 -11.01
N GLY A 68 52.09 2.19 -9.77
CA GLY A 68 53.32 2.42 -9.03
C GLY A 68 53.70 1.30 -8.10
N ASN A 69 53.12 0.13 -8.34
CA ASN A 69 53.31 -1.03 -7.49
C ASN A 69 54.69 -1.65 -7.62
N CYS A 70 55.20 -2.16 -6.52
CA CYS A 70 56.36 -3.02 -6.54
C CYS A 70 56.01 -4.23 -5.71
N GLY A 71 56.52 -5.39 -6.08
CA GLY A 71 56.19 -6.59 -5.37
C GLY A 71 57.41 -7.36 -4.95
N VAL A 72 57.53 -7.61 -3.65
CA VAL A 72 58.67 -8.34 -3.13
C VAL A 72 58.22 -9.61 -2.43
N GLY A 73 57.06 -10.12 -2.79
CA GLY A 73 56.56 -11.34 -2.21
C GLY A 73 56.70 -12.52 -3.14
N GLU A 74 56.09 -13.64 -2.76
CA GLU A 74 56.22 -14.87 -3.54
C GLU A 74 54.98 -15.14 -4.35
N ARG A 75 53.88 -14.49 -3.97
CA ARG A 75 52.64 -14.52 -4.74
C ARG A 75 52.20 -13.10 -5.04
N GLU A 76 52.51 -12.63 -6.23
CA GLU A 76 52.31 -11.24 -6.59
C GLU A 76 51.39 -11.08 -7.79
N GLY A 77 50.90 -12.19 -8.31
CA GLY A 77 50.05 -12.12 -9.48
C GLY A 77 50.82 -11.67 -10.70
N ARG A 78 52.07 -12.08 -10.81
CA ARG A 78 52.85 -11.77 -11.97
C ARG A 78 52.35 -12.66 -13.09
N VAL A 79 52.31 -12.14 -14.31
CA VAL A 79 51.75 -12.89 -15.43
C VAL A 79 52.77 -12.89 -16.53
N ALA A 80 53.19 -14.06 -16.97
CA ALA A 80 54.27 -14.18 -17.92
C ALA A 80 53.80 -13.99 -19.33
N SER A 81 52.59 -14.43 -19.62
CA SER A 81 52.07 -14.33 -20.97
C SER A 81 50.89 -13.37 -21.06
N ALA A 82 50.90 -12.50 -22.06
CA ALA A 82 49.86 -11.51 -22.21
C ALA A 82 48.54 -12.10 -22.66
N LEU A 83 48.59 -13.25 -23.32
CA LEU A 83 47.37 -13.98 -23.64
C LEU A 83 46.62 -14.42 -22.41
N VAL A 84 47.35 -14.83 -21.39
CA VAL A 84 46.78 -15.25 -20.13
C VAL A 84 46.22 -14.07 -19.35
N ALA A 85 46.92 -12.95 -19.31
CA ALA A 85 46.42 -11.81 -18.55
C ALA A 85 45.17 -11.20 -19.17
N ARG A 86 45.10 -11.21 -20.49
CA ARG A 86 44.00 -10.59 -21.17
C ARG A 86 42.74 -11.41 -21.09
N ARG A 87 42.84 -12.71 -21.25
CA ARG A 87 41.65 -13.55 -21.25
C ARG A 87 41.04 -13.68 -19.89
N HIS A 88 41.70 -13.13 -18.88
CA HIS A 88 41.17 -13.14 -17.53
C HIS A 88 40.89 -11.75 -17.06
N TYR A 89 40.92 -10.80 -17.98
CA TYR A 89 40.62 -9.42 -17.68
C TYR A 89 41.51 -8.89 -16.57
N ARG A 90 42.71 -9.44 -16.52
CA ARG A 90 43.79 -9.04 -15.60
C ARG A 90 43.51 -9.37 -14.16
N PHE A 91 42.68 -10.39 -13.94
CA PHE A 91 42.37 -10.86 -12.60
C PHE A 91 43.25 -12.04 -12.30
N ILE A 92 44.20 -11.87 -11.40
CA ILE A 92 45.24 -12.87 -11.23
C ILE A 92 45.29 -13.46 -9.82
N HIS A 93 44.85 -12.71 -8.83
CA HIS A 93 45.00 -13.10 -7.45
C HIS A 93 44.01 -14.10 -6.91
N GLY A 94 43.06 -14.53 -7.73
CA GLY A 94 42.08 -15.50 -7.26
C GLY A 94 41.14 -14.94 -6.21
N ILE A 95 40.44 -15.82 -5.51
CA ILE A 95 39.51 -15.37 -4.49
C ILE A 95 39.94 -15.81 -3.10
N GLY A 96 39.75 -14.93 -2.11
CA GLY A 96 40.00 -15.29 -0.72
C GLY A 96 41.42 -15.07 -0.24
N ARG A 97 41.68 -15.43 1.01
CA ARG A 97 43.02 -15.41 1.56
C ARG A 97 43.43 -16.79 2.04
N SER A 98 44.69 -16.90 2.50
CA SER A 98 45.28 -18.17 2.94
C SER A 98 44.39 -19.00 3.85
N GLY A 99 43.81 -18.40 4.87
CA GLY A 99 43.04 -19.16 5.83
C GLY A 99 41.57 -18.85 5.83
N ASP A 100 41.08 -18.35 4.71
CA ASP A 100 39.68 -17.97 4.53
C ASP A 100 39.44 -17.73 3.06
N ILE A 101 38.42 -18.39 2.50
CA ILE A 101 38.21 -18.36 1.05
C ILE A 101 37.14 -17.27 0.96
N SER A 102 36.63 -16.84 2.11
CA SER A 102 35.52 -15.91 2.15
C SER A 102 35.98 -14.48 2.39
N ALA A 103 37.26 -14.32 2.69
CA ALA A 103 37.76 -13.03 3.18
C ALA A 103 38.21 -12.11 2.07
N VAL A 104 38.06 -10.82 2.31
CA VAL A 104 38.59 -9.82 1.42
C VAL A 104 40.10 -9.96 1.37
N GLN A 105 40.66 -9.90 0.18
CA GLN A 105 42.10 -9.96 0.00
C GLN A 105 42.65 -8.56 -0.18
N PRO A 106 43.37 -8.04 0.83
CA PRO A 106 43.81 -6.63 0.79
C PRO A 106 44.71 -6.35 -0.41
N LYS A 107 45.36 -7.37 -0.90
CA LYS A 107 46.23 -7.26 -2.05
C LYS A 107 45.45 -7.46 -3.34
N ALA A 108 44.15 -7.69 -3.21
CA ALA A 108 43.29 -7.82 -4.37
C ALA A 108 41.88 -7.32 -4.08
N ALA A 109 41.74 -6.03 -3.87
CA ALA A 109 40.45 -5.47 -3.53
C ALA A 109 39.44 -5.66 -4.64
N GLY A 110 39.92 -5.70 -5.87
CA GLY A 110 39.01 -5.76 -7.00
C GLY A 110 38.47 -7.14 -7.19
N SER A 111 39.30 -8.15 -7.00
CA SER A 111 38.88 -9.52 -7.13
C SER A 111 37.93 -9.91 -6.01
N SER A 112 38.10 -9.29 -4.86
CA SER A 112 37.28 -9.61 -3.71
C SER A 112 35.88 -9.12 -3.88
N LEU A 113 35.75 -7.93 -4.45
CA LEU A 113 34.46 -7.37 -4.79
C LEU A 113 33.81 -8.20 -5.87
N LEU A 114 34.58 -8.67 -6.83
CA LEU A 114 34.11 -9.57 -7.85
C LEU A 114 33.43 -10.77 -7.23
N ASN A 115 34.08 -11.36 -6.24
CA ASN A 115 33.58 -12.52 -5.54
C ASN A 115 32.30 -12.24 -4.77
N LYS A 116 32.25 -11.12 -4.06
CA LYS A 116 31.06 -10.72 -3.33
C LYS A 116 29.86 -10.51 -4.25
N ILE A 117 30.09 -9.84 -5.37
CA ILE A 117 29.03 -9.56 -6.31
C ILE A 117 28.54 -10.85 -6.96
N THR A 118 29.44 -11.73 -7.37
CA THR A 118 29.03 -13.00 -7.96
C THR A 118 28.18 -13.84 -7.02
N ASN A 119 28.57 -13.90 -5.75
CA ASN A 119 27.84 -14.72 -4.79
C ASN A 119 26.47 -14.14 -4.57
N SER A 120 26.40 -12.82 -4.58
CA SER A 120 25.15 -12.14 -4.41
C SER A 120 24.23 -12.26 -5.62
N LEU A 121 24.79 -12.42 -6.81
CA LEU A 121 23.97 -12.58 -8.00
C LEU A 121 23.44 -13.98 -8.03
N VAL A 122 24.30 -14.92 -7.70
CA VAL A 122 23.93 -16.31 -7.70
C VAL A 122 22.87 -16.57 -6.64
N LEU A 123 22.96 -15.89 -5.51
CA LEU A 123 21.94 -16.00 -4.49
C LEU A 123 20.62 -15.50 -5.02
N ASP A 124 20.66 -14.44 -5.81
CA ASP A 124 19.46 -13.89 -6.40
C ASP A 124 18.84 -14.88 -7.36
N ILE A 125 19.65 -15.52 -8.17
CA ILE A 125 19.14 -16.45 -9.15
C ILE A 125 18.62 -17.73 -8.49
N ILE A 126 19.16 -18.11 -7.35
CA ILE A 126 18.66 -19.30 -6.67
C ILE A 126 17.27 -19.03 -6.12
N LYS A 127 17.03 -17.82 -5.64
CA LYS A 127 15.69 -17.40 -5.26
C LYS A 127 14.74 -17.41 -6.45
N LEU A 128 15.02 -16.61 -7.46
CA LEU A 128 14.21 -16.55 -8.66
C LEU A 128 13.90 -17.92 -9.25
N ALA A 129 14.76 -18.90 -9.02
CA ALA A 129 14.59 -20.19 -9.65
C ALA A 129 13.75 -21.12 -8.81
N GLY A 130 13.40 -20.71 -7.61
CA GLY A 130 12.57 -21.57 -6.78
C GLY A 130 12.80 -21.60 -5.29
N VAL A 131 14.04 -21.57 -4.83
CA VAL A 131 14.30 -21.63 -3.40
C VAL A 131 14.39 -20.24 -2.83
N HIS A 132 13.26 -19.66 -2.50
CA HIS A 132 13.22 -18.27 -2.08
C HIS A 132 13.77 -18.07 -0.68
N THR A 133 13.91 -19.14 0.08
CA THR A 133 14.33 -18.99 1.47
C THR A 133 15.77 -19.38 1.71
N VAL A 134 16.56 -19.50 0.65
CA VAL A 134 17.97 -19.73 0.77
C VAL A 134 18.57 -18.58 1.55
N ALA A 135 19.49 -18.88 2.46
CA ALA A 135 19.99 -17.87 3.37
C ALA A 135 21.32 -17.38 2.92
N ASN A 136 22.13 -18.31 2.43
CA ASN A 136 23.48 -17.99 2.07
C ASN A 136 24.00 -19.00 1.07
N CYS A 137 24.95 -18.59 0.28
CA CYS A 137 25.58 -19.48 -0.66
C CYS A 137 26.90 -18.92 -1.05
N PHE A 138 27.72 -19.72 -1.70
CA PHE A 138 28.95 -19.22 -2.26
C PHE A 138 29.40 -20.07 -3.42
N VAL A 139 30.13 -19.47 -4.34
CA VAL A 139 30.68 -20.18 -5.48
C VAL A 139 32.01 -20.76 -5.08
N VAL A 140 32.23 -22.01 -5.43
CA VAL A 140 33.48 -22.67 -5.12
C VAL A 140 34.04 -23.28 -6.40
N PRO A 141 35.28 -22.93 -6.74
CA PRO A 141 35.82 -23.34 -8.03
C PRO A 141 36.22 -24.80 -8.15
N MET A 142 35.45 -25.70 -7.57
CA MET A 142 35.61 -27.11 -7.87
C MET A 142 34.26 -27.60 -8.30
N ALA A 143 34.19 -28.73 -8.98
CA ALA A 143 32.91 -29.12 -9.52
C ALA A 143 32.03 -29.67 -8.42
N THR A 144 30.96 -30.33 -8.79
CA THR A 144 29.92 -30.64 -7.85
C THR A 144 30.31 -31.78 -6.95
N GLY A 145 30.92 -32.81 -7.51
CA GLY A 145 31.39 -33.92 -6.70
C GLY A 145 32.32 -33.49 -5.62
N MET A 146 33.28 -32.65 -5.94
CA MET A 146 34.25 -32.22 -4.98
C MET A 146 33.65 -31.24 -4.00
N SER A 147 32.62 -30.53 -4.42
CA SER A 147 31.97 -29.60 -3.52
C SER A 147 31.13 -30.37 -2.53
N LEU A 148 30.54 -31.47 -2.97
CA LEU A 148 29.90 -32.39 -2.06
C LEU A 148 30.91 -32.92 -1.04
N THR A 149 32.09 -33.34 -1.49
CA THR A 149 33.16 -33.76 -0.59
C THR A 149 33.49 -32.70 0.45
N LEU A 150 33.62 -31.45 0.05
CA LEU A 150 33.88 -30.39 1.01
C LEU A 150 32.79 -30.30 2.07
N CYS A 151 31.56 -30.64 1.70
CA CYS A 151 30.46 -30.63 2.65
C CYS A 151 30.68 -31.74 3.67
N PHE A 152 31.07 -32.91 3.17
CA PHE A 152 31.26 -34.04 4.03
C PHE A 152 32.45 -33.84 4.95
N LEU A 153 33.48 -33.16 4.47
CA LEU A 153 34.65 -32.93 5.27
C LEU A 153 34.37 -31.93 6.35
N THR A 154 33.38 -31.07 6.13
CA THR A 154 33.03 -30.06 7.11
C THR A 154 32.22 -30.69 8.22
N LEU A 155 31.46 -31.72 7.85
CA LEU A 155 30.53 -32.36 8.76
C LEU A 155 31.25 -33.30 9.69
N ARG A 156 32.40 -33.79 9.26
CA ARG A 156 33.18 -34.70 10.07
C ARG A 156 33.50 -34.09 11.40
N HIS A 157 33.91 -32.84 11.39
CA HIS A 157 34.27 -32.17 12.61
C HIS A 157 33.07 -31.94 13.51
N LYS A 158 31.89 -31.85 12.92
CA LYS A 158 30.69 -31.66 13.69
C LYS A 158 30.19 -32.98 14.27
N ARG A 159 30.51 -34.07 13.59
CA ARG A 159 30.05 -35.38 13.97
C ARG A 159 31.19 -36.38 13.97
N PRO A 160 32.05 -36.30 14.99
CA PRO A 160 33.29 -37.04 15.01
C PRO A 160 33.12 -38.54 15.11
N LYS A 161 31.90 -39.00 15.38
CA LYS A 161 31.69 -40.43 15.55
C LYS A 161 31.13 -41.08 14.30
N ALA A 162 30.85 -40.26 13.30
CA ALA A 162 30.12 -40.73 12.13
C ALA A 162 31.01 -41.42 11.12
N LYS A 163 30.45 -42.43 10.46
CA LYS A 163 31.21 -43.25 9.56
C LYS A 163 30.46 -43.49 8.26
N TYR A 164 29.15 -43.31 8.29
CA TYR A 164 28.32 -43.68 7.16
C TYR A 164 27.57 -42.52 6.60
N ILE A 165 27.41 -42.55 5.29
CA ILE A 165 26.53 -41.62 4.59
C ILE A 165 25.44 -42.45 3.95
N ILE A 166 24.19 -42.15 4.26
CA ILE A 166 23.07 -42.89 3.70
C ILE A 166 22.63 -42.24 2.43
N TRP A 167 22.56 -43.02 1.37
CA TRP A 167 22.55 -42.49 0.03
C TRP A 167 21.59 -43.23 -0.86
N PRO A 168 20.44 -42.63 -1.17
CA PRO A 168 19.58 -43.34 -2.11
C PRO A 168 20.25 -43.45 -3.47
N ARG A 169 20.33 -44.65 -4.02
CA ARG A 169 21.18 -44.92 -5.18
C ARG A 169 20.92 -44.06 -6.39
N ILE A 170 22.01 -43.60 -7.02
CA ILE A 170 22.00 -43.01 -8.35
C ILE A 170 23.31 -43.30 -9.05
N ASP A 171 23.24 -43.97 -10.19
CA ASP A 171 24.42 -44.43 -10.89
C ASP A 171 25.20 -43.31 -11.60
N GLN A 172 25.85 -42.49 -10.80
CA GLN A 172 26.68 -41.44 -11.31
C GLN A 172 27.97 -41.47 -10.52
N LYS A 173 29.09 -41.64 -11.21
CA LYS A 173 30.34 -41.95 -10.53
C LYS A 173 30.88 -40.82 -9.70
N SER A 174 30.45 -39.60 -9.94
CA SER A 174 31.05 -38.47 -9.26
C SER A 174 30.47 -38.22 -7.90
N CYS A 175 29.16 -38.30 -7.76
CA CYS A 175 28.58 -38.06 -6.45
C CYS A 175 28.81 -39.25 -5.53
N PHE A 176 28.91 -40.43 -6.11
CA PHE A 176 29.28 -41.60 -5.34
C PHE A 176 30.69 -41.48 -4.80
N LYS A 177 31.65 -41.26 -5.67
CA LYS A 177 33.02 -41.12 -5.24
C LYS A 177 33.20 -40.00 -4.24
N SER A 178 32.32 -39.01 -4.27
CA SER A 178 32.50 -37.86 -3.40
C SER A 178 32.50 -38.26 -1.95
N MET A 179 31.76 -39.32 -1.64
CA MET A 179 31.58 -39.75 -0.27
C MET A 179 32.78 -40.54 0.17
N ILE A 180 33.34 -41.29 -0.76
CA ILE A 180 34.51 -42.10 -0.49
C ILE A 180 35.76 -41.24 -0.42
N THR A 181 35.89 -40.31 -1.34
CA THR A 181 36.97 -39.33 -1.30
C THR A 181 36.98 -38.58 0.02
N ALA A 182 35.82 -38.33 0.59
CA ALA A 182 35.75 -37.62 1.86
C ALA A 182 36.11 -38.53 2.99
N GLY A 183 36.16 -39.83 2.72
CA GLY A 183 36.58 -40.79 3.70
C GLY A 183 35.46 -41.38 4.53
N PHE A 184 34.30 -41.59 3.93
CA PHE A 184 33.19 -42.18 4.63
C PHE A 184 32.73 -43.37 3.83
N GLU A 185 31.89 -44.21 4.42
CA GLU A 185 31.36 -45.35 3.71
C GLU A 185 29.98 -45.05 3.26
N PRO A 186 29.72 -45.19 1.96
CA PRO A 186 28.36 -44.93 1.52
C PRO A 186 27.48 -46.11 1.83
N VAL A 187 26.30 -45.84 2.34
CA VAL A 187 25.30 -46.88 2.52
C VAL A 187 24.31 -46.75 1.40
N VAL A 188 24.37 -47.67 0.45
CA VAL A 188 23.56 -47.58 -0.74
C VAL A 188 22.15 -48.14 -0.52
N ILE A 189 21.18 -47.24 -0.47
CA ILE A 189 19.78 -47.60 -0.32
C ILE A 189 19.14 -47.78 -1.67
N GLU A 190 18.88 -49.00 -2.08
CA GLU A 190 18.26 -49.25 -3.37
C GLU A 190 16.93 -48.54 -3.49
N ASN A 191 16.42 -48.39 -4.69
CA ASN A 191 15.19 -47.64 -4.90
C ASN A 191 13.99 -48.54 -5.08
N VAL A 192 12.80 -48.00 -4.91
CA VAL A 192 11.61 -48.79 -5.14
C VAL A 192 11.06 -48.48 -6.51
N LEU A 193 10.69 -49.52 -7.24
CA LEU A 193 10.14 -49.34 -8.57
C LEU A 193 8.65 -49.08 -8.53
N GLU A 194 8.22 -47.86 -8.79
CA GLU A 194 6.81 -47.54 -8.83
C GLU A 194 6.34 -47.16 -10.22
N GLY A 195 5.84 -48.12 -10.96
CA GLY A 195 5.46 -47.87 -12.32
C GLY A 195 6.70 -48.08 -13.15
N ASP A 196 7.09 -47.06 -13.90
CA ASP A 196 8.33 -47.09 -14.64
C ASP A 196 9.40 -46.37 -13.86
N GLU A 197 8.98 -45.55 -12.92
CA GLU A 197 9.85 -44.72 -12.12
C GLU A 197 10.55 -45.44 -10.99
N LEU A 198 11.77 -45.04 -10.69
CA LEU A 198 12.49 -45.51 -9.52
C LEU A 198 12.49 -44.42 -8.49
N ARG A 199 12.03 -44.67 -7.28
CA ARG A 199 11.90 -43.60 -6.32
C ARG A 199 12.51 -43.96 -5.00
N THR A 200 12.50 -43.01 -4.08
CA THR A 200 13.11 -43.22 -2.80
C THR A 200 12.42 -44.29 -1.99
N ASP A 201 13.20 -45.16 -1.38
CA ASP A 201 12.67 -46.15 -0.46
C ASP A 201 12.76 -45.57 0.92
N LEU A 202 11.77 -44.79 1.30
CA LEU A 202 11.73 -44.13 2.58
C LEU A 202 11.76 -45.10 3.75
N LYS A 203 11.25 -46.30 3.54
CA LYS A 203 11.18 -47.27 4.63
C LYS A 203 12.57 -47.71 4.95
N ALA A 204 13.34 -48.01 3.91
CA ALA A 204 14.67 -48.53 4.07
C ALA A 204 15.62 -47.49 4.63
N VAL A 205 15.41 -46.24 4.27
CA VAL A 205 16.25 -45.17 4.75
C VAL A 205 16.12 -45.08 6.26
N GLU A 206 14.89 -45.14 6.76
CA GLU A 206 14.67 -45.04 8.21
C GLU A 206 15.05 -46.32 8.91
N ALA A 207 14.91 -47.43 8.22
CA ALA A 207 15.34 -48.71 8.78
C ALA A 207 16.83 -48.70 8.98
N LYS A 208 17.56 -48.07 8.07
CA LYS A 208 19.00 -48.03 8.14
C LYS A 208 19.46 -47.05 9.20
N VAL A 209 18.74 -45.95 9.35
CA VAL A 209 19.06 -44.97 10.36
C VAL A 209 18.99 -45.60 11.72
N GLN A 210 18.01 -46.47 11.89
CA GLN A 210 17.78 -47.12 13.16
C GLN A 210 18.72 -48.27 13.33
N GLU A 211 19.03 -48.96 12.24
CA GLU A 211 19.95 -50.09 12.31
C GLU A 211 21.33 -49.65 12.72
N LEU A 212 21.80 -48.55 12.14
CA LEU A 212 23.17 -48.08 12.34
C LEU A 212 23.27 -47.14 13.51
N GLY A 213 22.26 -46.32 13.68
CA GLY A 213 22.23 -45.41 14.81
C GLY A 213 22.58 -44.03 14.35
N PRO A 214 21.71 -43.07 14.61
CA PRO A 214 21.88 -41.67 14.22
C PRO A 214 23.29 -41.14 14.44
N ASP A 215 23.89 -41.45 15.57
CA ASP A 215 25.23 -40.96 15.87
C ASP A 215 26.26 -41.43 14.87
N CYS A 216 26.02 -42.56 14.23
CA CYS A 216 26.99 -43.11 13.30
C CYS A 216 26.75 -42.64 11.88
N ILE A 217 25.76 -41.77 11.72
CA ILE A 217 25.39 -41.26 10.41
C ILE A 217 25.93 -39.85 10.24
N LEU A 218 26.73 -39.64 9.21
CA LEU A 218 27.28 -38.33 8.96
C LEU A 218 26.21 -37.43 8.37
N CYS A 219 25.43 -37.99 7.47
CA CYS A 219 24.37 -37.26 6.82
C CYS A 219 23.58 -38.17 5.92
N ILE A 220 22.40 -37.71 5.52
CA ILE A 220 21.69 -38.34 4.42
C ILE A 220 22.02 -37.52 3.19
N HIS A 221 22.32 -38.20 2.10
CA HIS A 221 22.82 -37.59 0.90
C HIS A 221 21.85 -37.86 -0.23
N SER A 222 20.99 -36.90 -0.56
CA SER A 222 19.96 -37.13 -1.55
C SER A 222 20.22 -36.41 -2.85
N THR A 223 19.47 -36.77 -3.87
CA THR A 223 19.69 -36.27 -5.23
C THR A 223 18.40 -35.83 -5.91
N THR A 224 18.35 -34.60 -6.39
CA THR A 224 17.22 -34.17 -7.20
C THR A 224 17.26 -34.29 -8.73
N SER A 225 18.33 -33.82 -9.34
CA SER A 225 18.43 -33.89 -10.80
C SER A 225 19.08 -35.24 -11.08
N CYS A 226 18.57 -35.97 -12.05
CA CYS A 226 19.07 -37.30 -12.35
C CYS A 226 18.51 -37.84 -13.64
N PHE A 227 19.12 -38.89 -14.16
CA PHE A 227 18.66 -39.53 -15.38
C PHE A 227 17.39 -40.35 -15.17
N ALA A 228 16.40 -40.18 -16.02
CA ALA A 228 15.24 -41.04 -16.01
C ALA A 228 15.69 -42.46 -16.25
N PRO A 229 14.98 -43.46 -15.70
CA PRO A 229 13.72 -43.41 -14.96
C PRO A 229 13.82 -43.14 -13.47
N ARG A 230 14.96 -42.70 -12.97
CA ARG A 230 15.00 -42.25 -11.59
C ARG A 230 14.34 -40.90 -11.58
N VAL A 231 13.81 -40.49 -10.45
CA VAL A 231 13.18 -39.19 -10.33
C VAL A 231 13.78 -38.51 -9.13
N PRO A 232 13.56 -37.22 -8.96
CA PRO A 232 14.05 -36.56 -7.75
C PRO A 232 13.60 -37.22 -6.45
N ASP A 233 14.53 -37.36 -5.52
CA ASP A 233 14.29 -38.02 -4.26
C ASP A 233 13.17 -37.34 -3.52
N ARG A 234 12.52 -38.06 -2.63
CA ARG A 234 11.45 -37.49 -1.86
C ARG A 234 12.02 -36.64 -0.77
N LEU A 235 12.33 -35.38 -1.09
CA LEU A 235 13.11 -34.55 -0.20
C LEU A 235 12.35 -34.13 1.03
N GLU A 236 11.06 -33.92 0.91
CA GLU A 236 10.25 -33.51 2.05
C GLU A 236 10.24 -34.58 3.13
N GLU A 237 10.03 -35.81 2.72
CA GLU A 237 9.97 -36.91 3.65
C GLU A 237 11.34 -37.14 4.27
N LEU A 238 12.37 -37.14 3.44
CA LEU A 238 13.73 -37.33 3.90
C LEU A 238 14.18 -36.23 4.83
N ALA A 239 13.69 -35.03 4.61
CA ALA A 239 14.11 -33.94 5.46
C ALA A 239 13.42 -34.03 6.81
N VAL A 240 12.32 -34.78 6.86
CA VAL A 240 11.57 -34.94 8.10
C VAL A 240 12.27 -36.00 8.93
N ILE A 241 12.62 -37.11 8.31
CA ILE A 241 13.51 -38.09 8.92
C ILE A 241 14.75 -37.44 9.48
N CYS A 242 15.33 -36.52 8.73
CA CYS A 242 16.58 -35.89 9.15
C CYS A 242 16.39 -34.94 10.32
N ALA A 243 15.30 -34.20 10.32
CA ALA A 243 15.01 -33.33 11.44
C ALA A 243 14.74 -34.13 12.70
N ASN A 244 14.09 -35.28 12.54
CA ASN A 244 13.70 -36.10 13.67
C ASN A 244 14.87 -36.78 14.33
N TYR A 245 15.73 -37.39 13.53
CA TYR A 245 16.84 -38.12 14.11
C TYR A 245 18.07 -37.25 14.34
N ASP A 246 17.95 -35.96 14.10
CA ASP A 246 19.06 -35.01 14.20
C ASP A 246 20.24 -35.43 13.33
N ILE A 247 19.97 -35.67 12.05
CA ILE A 247 20.98 -36.07 11.09
C ILE A 247 21.08 -35.01 10.01
N PRO A 248 22.30 -34.65 9.59
CA PRO A 248 22.46 -33.69 8.50
C PRO A 248 21.94 -34.18 7.16
N HIS A 249 21.35 -33.26 6.42
CA HIS A 249 20.79 -33.56 5.12
C HIS A 249 21.52 -32.78 4.04
N ILE A 250 22.20 -33.48 3.14
CA ILE A 250 22.93 -32.85 2.07
C ILE A 250 22.34 -33.21 0.72
N VAL A 251 21.99 -32.21 -0.08
CA VAL A 251 21.27 -32.46 -1.32
C VAL A 251 22.12 -32.20 -2.57
N ASN A 252 22.26 -33.21 -3.42
CA ASN A 252 22.94 -33.05 -4.67
C ASN A 252 22.02 -32.46 -5.69
N ASN A 253 22.06 -31.15 -5.89
CA ASN A 253 21.22 -30.53 -6.90
C ASN A 253 22.08 -30.23 -8.11
N ALA A 254 22.71 -31.26 -8.67
CA ALA A 254 23.73 -30.99 -9.67
C ALA A 254 23.23 -30.13 -10.80
N TYR A 255 22.15 -30.52 -11.46
CA TYR A 255 21.59 -29.64 -12.47
C TYR A 255 20.13 -29.35 -12.30
N GLY A 256 19.75 -28.88 -11.12
CA GLY A 256 18.36 -28.67 -10.84
C GLY A 256 17.99 -27.24 -10.63
N VAL A 257 18.95 -26.33 -10.70
CA VAL A 257 18.59 -24.93 -10.61
C VAL A 257 17.65 -24.58 -11.75
N GLN A 258 17.80 -25.26 -12.87
CA GLN A 258 17.03 -24.97 -14.06
C GLN A 258 15.65 -25.57 -14.04
N SER A 259 15.30 -26.19 -12.93
CA SER A 259 14.07 -26.96 -12.86
C SER A 259 13.21 -26.53 -11.70
N SER A 260 12.12 -25.84 -11.98
CA SER A 260 11.30 -25.29 -10.93
C SER A 260 10.75 -26.38 -10.02
N LYS A 261 10.55 -27.57 -10.55
CA LYS A 261 10.10 -28.68 -9.75
C LYS A 261 11.19 -29.07 -8.77
N CYS A 262 12.40 -29.28 -9.26
CA CYS A 262 13.52 -29.62 -8.41
C CYS A 262 13.71 -28.58 -7.33
N MET A 263 13.68 -27.32 -7.69
CA MET A 263 13.94 -26.30 -6.70
C MET A 263 12.80 -26.21 -5.72
N HIS A 264 11.61 -26.64 -6.13
CA HIS A 264 10.45 -26.63 -5.25
C HIS A 264 10.69 -27.57 -4.07
N LEU A 265 11.02 -28.81 -4.37
CA LEU A 265 11.35 -29.80 -3.38
C LEU A 265 12.29 -29.28 -2.32
N ILE A 266 13.35 -28.63 -2.75
CA ILE A 266 14.36 -28.16 -1.84
C ILE A 266 13.74 -27.11 -0.96
N GLN A 267 12.95 -26.26 -1.58
CA GLN A 267 12.23 -25.23 -0.87
C GLN A 267 11.25 -25.83 0.10
N GLN A 268 10.57 -26.90 -0.30
CA GLN A 268 9.59 -27.54 0.56
C GLN A 268 10.24 -28.39 1.63
N GLY A 269 11.29 -29.11 1.25
CA GLY A 269 12.01 -29.93 2.19
C GLY A 269 12.56 -29.14 3.35
N ALA A 270 12.84 -27.87 3.11
CA ALA A 270 13.40 -27.02 4.14
C ALA A 270 12.32 -26.43 4.98
N ARG A 271 11.12 -26.38 4.42
CA ARG A 271 9.96 -25.89 5.11
C ARG A 271 9.46 -26.96 6.08
N VAL A 272 9.25 -28.17 5.57
CA VAL A 272 8.72 -29.26 6.38
C VAL A 272 9.76 -29.88 7.30
N GLY A 273 11.04 -29.73 6.96
CA GLY A 273 12.06 -30.42 7.70
C GLY A 273 13.45 -29.81 7.69
N ARG A 274 14.43 -30.63 7.40
CA ARG A 274 15.83 -30.22 7.50
C ARG A 274 16.63 -30.41 6.21
N ILE A 275 17.26 -29.33 5.78
CA ILE A 275 18.22 -29.39 4.68
C ILE A 275 19.42 -28.56 5.05
N ASP A 276 20.57 -29.19 5.17
CA ASP A 276 21.74 -28.48 5.67
C ASP A 276 22.48 -27.75 4.56
N ALA A 277 22.58 -28.37 3.40
CA ALA A 277 23.19 -27.74 2.26
C ALA A 277 22.71 -28.38 0.98
N PHE A 278 22.64 -27.59 -0.09
CA PHE A 278 22.41 -28.16 -1.39
C PHE A 278 23.44 -27.61 -2.37
N VAL A 279 23.93 -28.49 -3.24
CA VAL A 279 25.08 -28.21 -4.08
C VAL A 279 24.70 -28.23 -5.54
N GLN A 280 25.14 -27.23 -6.30
CA GLN A 280 24.81 -27.13 -7.72
C GLN A 280 25.99 -26.87 -8.60
N SER A 281 25.93 -27.40 -9.81
CA SER A 281 26.97 -27.21 -10.80
C SER A 281 26.80 -25.91 -11.57
N LEU A 282 27.88 -25.21 -11.88
CA LEU A 282 27.79 -23.97 -12.62
C LEU A 282 27.57 -24.22 -14.09
N ASP A 283 28.24 -25.19 -14.66
CA ASP A 283 28.13 -25.40 -16.08
C ASP A 283 26.78 -25.96 -16.48
N LYS A 284 26.22 -26.83 -15.67
CA LYS A 284 24.95 -27.46 -16.01
C LYS A 284 23.81 -26.50 -15.87
N ASN A 285 23.95 -25.50 -15.03
CA ASN A 285 22.86 -24.57 -14.77
C ASN A 285 23.06 -23.19 -15.34
N PHE A 286 24.28 -22.82 -15.71
CA PHE A 286 24.52 -21.44 -16.12
C PHE A 286 25.25 -21.33 -17.44
N MET A 287 25.51 -22.46 -18.08
CA MET A 287 26.16 -22.50 -19.38
C MET A 287 27.49 -21.77 -19.40
N VAL A 288 28.40 -22.19 -18.53
CA VAL A 288 29.75 -21.69 -18.49
C VAL A 288 30.64 -22.92 -18.55
N PRO A 289 31.95 -22.75 -18.58
CA PRO A 289 32.72 -24.00 -18.64
C PRO A 289 32.69 -24.80 -17.34
N VAL A 290 33.03 -26.06 -17.46
CA VAL A 290 33.06 -26.99 -16.34
C VAL A 290 34.11 -26.61 -15.31
N GLY A 291 33.78 -26.78 -14.03
CA GLY A 291 34.78 -26.64 -13.02
C GLY A 291 34.40 -25.81 -11.83
N GLY A 292 33.15 -25.42 -11.74
CA GLY A 292 32.68 -24.64 -10.61
C GLY A 292 31.38 -25.18 -10.09
N ALA A 293 30.99 -24.74 -8.90
CA ALA A 293 29.78 -25.22 -8.26
C ALA A 293 29.30 -24.22 -7.27
N ILE A 294 28.07 -24.36 -6.81
CA ILE A 294 27.56 -23.53 -5.74
C ILE A 294 27.15 -24.40 -4.55
N ILE A 295 27.51 -23.96 -3.36
CA ILE A 295 27.06 -24.57 -2.13
C ILE A 295 26.11 -23.60 -1.47
N ALA A 296 24.88 -24.03 -1.20
CA ALA A 296 23.88 -23.14 -0.66
C ALA A 296 23.13 -23.80 0.47
N GLY A 297 22.54 -23.01 1.34
CA GLY A 297 21.80 -23.57 2.45
C GLY A 297 20.93 -22.60 3.19
N PHE A 298 20.40 -23.05 4.33
CA PHE A 298 19.40 -22.27 5.03
C PHE A 298 19.91 -21.82 6.38
N ASN A 299 20.83 -22.57 6.95
CA ASN A 299 21.51 -22.13 8.14
C ASN A 299 22.70 -21.30 7.72
N ASP A 300 22.65 -20.01 7.99
CA ASP A 300 23.68 -19.10 7.53
C ASP A 300 25.05 -19.47 8.06
N SER A 301 25.18 -19.66 9.36
CA SER A 301 26.48 -19.91 9.95
C SER A 301 27.11 -21.19 9.48
N PHE A 302 26.30 -22.18 9.12
CA PHE A 302 26.84 -23.45 8.67
C PHE A 302 27.45 -23.34 7.29
N ILE A 303 26.77 -22.63 6.40
CA ILE A 303 27.28 -22.42 5.07
C ILE A 303 28.59 -21.66 5.17
N GLN A 304 28.69 -20.76 6.13
CA GLN A 304 29.96 -20.11 6.40
C GLN A 304 31.02 -21.09 6.89
N GLU A 305 30.59 -22.12 7.62
CA GLU A 305 31.54 -23.09 8.14
C GLU A 305 32.12 -23.94 7.04
N ILE A 306 31.32 -24.25 6.04
CA ILE A 306 31.81 -25.03 4.90
C ILE A 306 32.82 -24.22 4.14
N SER A 307 32.55 -22.92 4.05
CA SER A 307 33.41 -21.99 3.39
C SER A 307 34.75 -21.90 4.09
N LYS A 308 34.74 -21.83 5.40
CA LYS A 308 35.95 -21.59 6.15
C LYS A 308 36.77 -22.86 6.24
N MET A 309 36.27 -23.94 5.67
CA MET A 309 36.94 -25.23 5.72
C MET A 309 37.80 -25.42 4.48
N TYR A 310 37.67 -24.49 3.55
CA TYR A 310 38.49 -24.50 2.34
C TYR A 310 39.87 -23.94 2.62
N PRO A 311 40.91 -24.72 2.34
CA PRO A 311 42.27 -24.28 2.62
C PRO A 311 42.91 -23.53 1.48
N GLY A 312 43.14 -22.24 1.65
CA GLY A 312 43.89 -21.50 0.67
C GLY A 312 43.04 -20.72 -0.30
N ARG A 313 43.68 -19.98 -1.18
CA ARG A 313 42.98 -19.23 -2.18
C ARG A 313 42.53 -20.15 -3.26
N ALA A 314 41.61 -19.68 -4.08
CA ALA A 314 41.14 -20.50 -5.19
C ALA A 314 40.95 -19.68 -6.45
N SER A 315 40.68 -20.35 -7.56
CA SER A 315 40.48 -19.73 -8.85
C SER A 315 39.33 -18.74 -8.85
N ALA A 316 39.47 -17.65 -9.60
CA ALA A 316 38.39 -16.69 -9.75
C ALA A 316 37.73 -16.87 -11.08
N SER A 317 38.16 -17.88 -11.80
CA SER A 317 37.71 -18.09 -13.14
C SER A 317 36.26 -18.53 -13.19
N PRO A 318 35.87 -19.57 -12.42
CA PRO A 318 34.44 -19.86 -12.45
C PRO A 318 33.59 -18.70 -12.01
N SER A 319 34.01 -17.91 -11.04
CA SER A 319 33.21 -16.78 -10.63
C SER A 319 33.12 -15.68 -11.67
N LEU A 320 34.12 -15.55 -12.53
CA LEU A 320 34.09 -14.49 -13.52
C LEU A 320 33.16 -14.87 -14.65
N ASP A 321 33.17 -16.14 -15.02
CA ASP A 321 32.25 -16.68 -16.00
C ASP A 321 30.81 -16.48 -15.61
N VAL A 322 30.49 -16.76 -14.35
CA VAL A 322 29.15 -16.58 -13.84
C VAL A 322 28.78 -15.12 -13.74
N LEU A 323 29.72 -14.30 -13.30
CA LEU A 323 29.44 -12.89 -13.26
C LEU A 323 29.11 -12.40 -14.66
N ILE A 324 29.98 -12.72 -15.61
CA ILE A 324 29.79 -12.28 -16.99
C ILE A 324 28.48 -12.79 -17.57
N SER A 325 28.13 -14.04 -17.30
CA SER A 325 26.92 -14.58 -17.89
C SER A 325 25.63 -14.03 -17.34
N LEU A 326 25.57 -13.78 -16.04
CA LEU A 326 24.33 -13.31 -15.45
C LEU A 326 24.13 -11.82 -15.73
N LEU A 327 25.21 -11.07 -15.86
CA LEU A 327 25.06 -9.66 -16.19
C LEU A 327 24.71 -9.49 -17.66
N SER A 328 25.16 -10.39 -18.51
CA SER A 328 24.82 -10.36 -19.91
C SER A 328 23.39 -10.82 -20.17
N LEU A 329 22.94 -11.86 -19.47
CA LEU A 329 21.61 -12.38 -19.63
C LEU A 329 20.56 -11.57 -18.88
N GLY A 330 20.92 -11.13 -17.69
CA GLY A 330 19.95 -10.53 -16.79
C GLY A 330 19.03 -11.60 -16.27
N SER A 331 18.29 -11.28 -15.22
CA SER A 331 17.34 -12.24 -14.71
C SER A 331 16.24 -12.52 -15.71
N ASN A 332 15.98 -11.59 -16.62
CA ASN A 332 14.99 -11.84 -17.67
C ASN A 332 15.51 -12.84 -18.67
N GLY A 333 16.77 -12.68 -19.05
CA GLY A 333 17.38 -13.60 -19.95
C GLY A 333 17.51 -14.97 -19.34
N TYR A 334 17.71 -15.03 -18.04
CA TYR A 334 17.80 -16.34 -17.41
C TYR A 334 16.43 -16.96 -17.39
N LYS A 335 15.43 -16.21 -16.93
CA LYS A 335 14.04 -16.66 -16.97
C LYS A 335 13.61 -17.15 -18.35
N LYS A 336 14.09 -16.50 -19.41
CA LYS A 336 13.71 -16.93 -20.74
C LYS A 336 14.28 -18.30 -21.05
N LEU A 337 15.51 -18.55 -20.59
CA LEU A 337 16.15 -19.83 -20.82
C LEU A 337 15.39 -20.95 -20.14
N LEU A 338 14.82 -20.64 -18.99
CA LEU A 338 14.11 -21.61 -18.18
C LEU A 338 12.78 -21.95 -18.79
N LYS A 339 12.15 -20.94 -19.40
CA LYS A 339 10.89 -21.11 -20.09
C LYS A 339 11.10 -21.95 -21.31
N GLU A 340 12.13 -21.63 -22.07
CA GLU A 340 12.45 -22.36 -23.27
C GLU A 340 12.84 -23.79 -22.98
N ARG A 341 13.35 -24.06 -21.79
CA ARG A 341 13.72 -25.41 -21.43
C ARG A 341 12.48 -26.27 -21.21
N LYS A 342 11.45 -25.68 -20.60
CA LYS A 342 10.19 -26.39 -20.38
C LYS A 342 9.51 -26.72 -21.69
N GLU A 343 9.56 -25.80 -22.64
CA GLU A 343 8.93 -26.02 -23.93
C GLU A 343 9.64 -27.09 -24.71
N MET A 344 10.96 -27.14 -24.60
CA MET A 344 11.74 -28.10 -25.33
C MET A 344 11.59 -29.46 -24.72
N PHE A 345 11.24 -29.51 -23.45
CA PHE A 345 10.97 -30.77 -22.81
C PHE A 345 9.72 -31.41 -23.41
N SER A 346 8.64 -30.64 -23.50
CA SER A 346 7.42 -31.13 -24.14
C SER A 346 7.67 -31.55 -25.57
N TYR A 347 8.37 -30.69 -26.31
CA TYR A 347 8.63 -30.98 -27.71
C TYR A 347 9.44 -32.24 -27.87
N LEU A 348 10.47 -32.38 -27.07
CA LEU A 348 11.30 -33.59 -27.09
C LEU A 348 10.47 -34.78 -26.71
N SER A 349 9.63 -34.60 -25.69
CA SER A 349 8.79 -35.69 -25.18
C SER A 349 7.83 -36.19 -26.26
N ASN A 350 7.22 -35.25 -26.98
CA ASN A 350 6.28 -35.59 -28.03
C ASN A 350 6.93 -36.19 -29.24
N GLN A 351 8.17 -35.81 -29.51
CA GLN A 351 8.90 -36.36 -30.64
C GLN A 351 9.39 -37.76 -30.35
N ILE A 352 9.79 -38.01 -29.11
CA ILE A 352 10.17 -39.34 -28.69
C ILE A 352 8.96 -40.26 -28.75
N LYS A 353 7.82 -39.76 -28.30
CA LYS A 353 6.56 -40.48 -28.38
C LYS A 353 6.26 -40.97 -29.78
N LYS A 354 6.38 -40.06 -30.75
CA LYS A 354 6.06 -40.37 -32.14
C LYS A 354 7.06 -41.32 -32.78
N LEU A 355 8.35 -41.09 -32.55
CA LEU A 355 9.37 -41.93 -33.11
C LEU A 355 9.27 -43.34 -32.55
N SER A 356 9.14 -43.46 -31.24
CA SER A 356 9.07 -44.76 -30.59
C SER A 356 7.95 -45.63 -31.12
N GLU A 357 6.77 -45.05 -31.21
CA GLU A 357 5.58 -45.72 -31.71
C GLU A 357 5.83 -46.42 -33.03
N ALA A 358 6.70 -45.86 -33.85
CA ALA A 358 6.96 -46.41 -35.15
C ALA A 358 7.89 -47.60 -35.06
N TYR A 359 8.64 -47.70 -33.97
CA TYR A 359 9.58 -48.81 -33.83
C TYR A 359 9.12 -49.78 -32.77
N ASN A 360 7.87 -49.64 -32.36
CA ASN A 360 7.24 -50.50 -31.35
C ASN A 360 7.90 -50.42 -30.00
N GLU A 361 8.33 -49.22 -29.65
CA GLU A 361 8.91 -48.91 -28.36
C GLU A 361 8.02 -47.88 -27.74
N ARG A 362 8.41 -47.33 -26.61
CA ARG A 362 7.58 -46.34 -25.98
C ARG A 362 8.39 -45.42 -25.11
N LEU A 363 7.79 -44.28 -24.81
CA LEU A 363 8.35 -43.35 -23.87
C LEU A 363 8.02 -43.79 -22.46
N LEU A 364 9.02 -44.19 -21.68
CA LEU A 364 8.80 -44.62 -20.31
C LEU A 364 8.05 -43.57 -19.55
N HIS A 365 7.11 -43.99 -18.71
CA HIS A 365 6.26 -43.06 -18.00
C HIS A 365 6.97 -42.56 -16.76
N THR A 366 7.55 -41.37 -16.83
CA THR A 366 8.31 -40.85 -15.72
C THR A 366 7.98 -39.41 -15.38
N PRO A 367 6.71 -39.13 -15.08
CA PRO A 367 6.18 -37.78 -14.90
C PRO A 367 6.89 -36.96 -13.87
N HIS A 368 7.61 -37.60 -12.97
CA HIS A 368 8.17 -36.89 -11.84
C HIS A 368 9.57 -36.42 -12.12
N ASN A 369 10.09 -36.78 -13.29
CA ASN A 369 11.36 -36.26 -13.73
C ASN A 369 11.15 -35.16 -14.74
N PRO A 370 11.48 -33.93 -14.37
CA PRO A 370 11.23 -32.76 -15.18
C PRO A 370 12.28 -32.47 -16.23
N ILE A 371 13.42 -33.15 -16.19
CA ILE A 371 14.50 -32.88 -17.11
C ILE A 371 14.80 -34.02 -18.06
N SER A 372 14.74 -35.25 -17.59
CA SER A 372 15.25 -36.38 -18.36
C SER A 372 14.15 -37.30 -18.84
N LEU A 373 14.36 -37.96 -19.97
CA LEU A 373 13.36 -38.81 -20.61
C LEU A 373 13.97 -40.12 -20.98
N ALA A 374 13.19 -41.17 -21.14
CA ALA A 374 13.78 -42.43 -21.56
C ALA A 374 12.92 -43.14 -22.55
N MET A 375 13.52 -43.63 -23.61
CA MET A 375 12.82 -44.39 -24.61
C MET A 375 13.26 -45.83 -24.51
N THR A 376 12.31 -46.74 -24.54
CA THR A 376 12.62 -48.14 -24.36
C THR A 376 13.37 -48.68 -25.55
N LEU A 377 14.13 -49.75 -25.35
CA LEU A 377 14.80 -50.42 -26.45
C LEU A 377 14.54 -51.91 -26.38
N LYS A 378 13.28 -52.30 -26.22
CA LYS A 378 12.95 -53.71 -26.01
C LYS A 378 13.18 -54.49 -27.28
N THR A 379 13.08 -53.82 -28.42
CA THR A 379 13.15 -54.50 -29.69
C THR A 379 14.56 -54.73 -30.18
N LEU A 380 15.54 -54.42 -29.34
CA LEU A 380 16.92 -54.65 -29.70
C LEU A 380 17.51 -55.73 -28.82
N ASP A 381 18.15 -56.71 -29.42
CA ASP A 381 18.70 -57.82 -28.65
C ASP A 381 20.18 -57.65 -28.39
N GLU A 382 20.52 -57.31 -27.15
CA GLU A 382 21.89 -57.08 -26.76
C GLU A 382 22.67 -58.37 -26.61
N HIS A 383 21.97 -59.43 -26.23
CA HIS A 383 22.64 -60.68 -25.94
C HIS A 383 23.15 -61.34 -27.22
N ARG A 384 22.35 -61.33 -28.27
CA ARG A 384 22.69 -62.07 -29.48
C ARG A 384 23.21 -61.21 -30.62
N ASP A 385 22.71 -59.99 -30.72
CA ASP A 385 23.13 -59.11 -31.81
C ASP A 385 23.90 -57.90 -31.31
N LYS A 386 24.03 -57.79 -29.99
CA LYS A 386 24.73 -56.68 -29.35
C LYS A 386 24.14 -55.33 -29.75
N ALA A 387 22.89 -55.35 -30.20
CA ALA A 387 22.24 -54.20 -30.81
C ALA A 387 22.17 -52.97 -29.94
N VAL A 388 22.02 -53.14 -28.64
CA VAL A 388 21.87 -52.01 -27.76
C VAL A 388 23.14 -51.21 -27.75
N THR A 389 24.26 -51.92 -27.66
CA THR A 389 25.56 -51.28 -27.61
C THR A 389 25.90 -50.62 -28.93
N GLN A 390 25.64 -51.32 -30.03
CA GLN A 390 25.85 -50.76 -31.36
C GLN A 390 25.06 -49.47 -31.52
N LEU A 391 23.89 -49.38 -30.92
CA LEU A 391 23.09 -48.18 -31.05
C LEU A 391 23.80 -46.99 -30.48
N GLY A 392 24.47 -47.18 -29.36
CA GLY A 392 25.15 -46.09 -28.69
C GLY A 392 26.35 -45.63 -29.48
N SER A 393 27.01 -46.56 -30.17
CA SER A 393 28.12 -46.23 -31.05
C SER A 393 27.67 -45.41 -32.22
N MET A 394 26.66 -45.91 -32.92
CA MET A 394 26.17 -45.27 -34.12
C MET A 394 25.72 -43.86 -33.83
N LEU A 395 25.12 -43.67 -32.67
CA LEU A 395 24.66 -42.36 -32.29
C LEU A 395 25.84 -41.44 -32.07
N PHE A 396 26.94 -41.99 -31.59
CA PHE A 396 28.11 -41.20 -31.25
C PHE A 396 28.92 -40.84 -32.47
N THR A 397 29.02 -41.75 -33.42
CA THR A 397 29.76 -41.48 -34.63
C THR A 397 28.95 -40.57 -35.54
N ARG A 398 27.64 -40.54 -35.34
CA ARG A 398 26.80 -39.64 -36.12
C ARG A 398 26.62 -38.34 -35.35
N GLN A 399 27.49 -38.12 -34.37
CA GLN A 399 27.62 -36.85 -33.66
C GLN A 399 26.38 -36.44 -32.87
N VAL A 400 25.70 -37.41 -32.27
CA VAL A 400 24.67 -37.13 -31.30
C VAL A 400 25.32 -37.16 -29.94
N SER A 401 25.20 -36.08 -29.20
CA SER A 401 25.89 -35.98 -27.94
C SER A 401 24.92 -36.12 -26.78
N GLY A 402 25.32 -36.83 -25.74
CA GLY A 402 24.51 -36.95 -24.55
C GLY A 402 23.36 -37.93 -24.63
N ALA A 403 23.38 -38.81 -25.62
CA ALA A 403 22.37 -39.83 -25.74
C ALA A 403 22.81 -41.08 -25.02
N ARG A 404 22.52 -41.15 -23.73
CA ARG A 404 22.94 -42.27 -22.90
C ARG A 404 22.12 -43.53 -23.19
N VAL A 405 22.78 -44.57 -23.68
CA VAL A 405 22.15 -45.86 -23.88
C VAL A 405 22.43 -46.76 -22.70
N VAL A 406 21.41 -47.44 -22.18
CA VAL A 406 21.55 -48.21 -20.96
C VAL A 406 21.08 -49.64 -21.10
N PRO A 407 22.00 -50.58 -21.25
CA PRO A 407 21.63 -51.98 -21.41
C PRO A 407 21.42 -52.68 -20.08
N LEU A 408 20.91 -53.90 -20.12
CA LEU A 408 20.62 -54.64 -18.90
C LEU A 408 21.81 -55.41 -18.39
N GLY A 409 21.90 -55.54 -17.08
CA GLY A 409 22.85 -56.45 -16.49
C GLY A 409 24.30 -56.07 -16.56
N SER A 410 24.59 -54.77 -16.54
CA SER A 410 25.96 -54.32 -16.48
C SER A 410 26.47 -54.35 -15.06
N MET A 411 27.51 -55.14 -14.82
CA MET A 411 28.20 -55.06 -13.55
C MET A 411 29.32 -54.04 -13.68
N GLN A 412 29.55 -53.29 -12.62
CA GLN A 412 30.56 -52.27 -12.65
C GLN A 412 31.05 -52.01 -11.25
N THR A 413 32.36 -51.87 -11.11
CA THR A 413 32.92 -51.60 -9.80
C THR A 413 33.38 -50.17 -9.74
N VAL A 414 33.01 -49.49 -8.67
CA VAL A 414 33.37 -48.11 -8.50
C VAL A 414 33.97 -47.93 -7.12
N SER A 415 35.27 -47.68 -7.05
CA SER A 415 35.97 -47.55 -5.79
C SER A 415 35.68 -48.70 -4.84
N GLY A 416 35.62 -49.90 -5.39
CA GLY A 416 35.43 -51.08 -4.57
C GLY A 416 34.04 -51.66 -4.52
N TYR A 417 33.02 -50.81 -4.60
CA TYR A 417 31.64 -51.24 -4.49
C TYR A 417 31.14 -51.74 -5.82
N THR A 418 30.49 -52.89 -5.83
CA THR A 418 30.00 -53.46 -7.09
C THR A 418 28.53 -53.11 -7.32
N PHE A 419 28.23 -52.65 -8.53
CA PHE A 419 26.87 -52.30 -8.90
C PHE A 419 26.34 -53.33 -9.86
N ARG A 420 25.23 -53.96 -9.53
CA ARG A 420 24.56 -54.76 -10.52
C ARG A 420 23.58 -53.87 -11.26
N GLY A 421 23.40 -54.13 -12.54
CA GLY A 421 22.54 -53.30 -13.36
C GLY A 421 22.98 -51.86 -13.43
N PHE A 422 24.29 -51.63 -13.44
CA PHE A 422 24.84 -50.28 -13.39
C PHE A 422 24.30 -49.41 -14.50
N MET A 423 24.12 -48.13 -14.18
CA MET A 423 23.57 -47.10 -15.05
C MET A 423 22.06 -47.17 -15.18
N SER A 424 21.42 -48.05 -14.43
CA SER A 424 19.98 -48.23 -14.55
C SER A 424 19.41 -47.92 -13.18
N HIS A 425 20.28 -47.76 -12.20
CA HIS A 425 19.95 -47.28 -10.86
C HIS A 425 19.27 -48.33 -10.01
N THR A 426 19.24 -49.56 -10.48
CA THR A 426 18.61 -50.63 -9.75
C THR A 426 19.12 -51.95 -10.30
N ASN A 427 19.05 -53.03 -9.52
CA ASN A 427 19.62 -54.29 -9.94
C ASN A 427 18.97 -54.86 -11.19
N ASN A 428 17.66 -54.72 -11.31
CA ASN A 428 16.96 -55.28 -12.47
C ASN A 428 15.84 -54.43 -13.00
N TYR A 429 16.16 -53.44 -13.84
CA TYR A 429 15.12 -52.68 -14.47
C TYR A 429 14.50 -53.58 -15.54
N PRO A 430 13.21 -53.38 -15.82
CA PRO A 430 12.50 -54.15 -16.83
C PRO A 430 13.18 -54.21 -18.21
N CYS A 431 13.57 -53.08 -18.77
CA CYS A 431 14.14 -53.07 -20.10
C CYS A 431 15.39 -52.22 -20.25
N ALA A 432 16.07 -52.38 -21.37
CA ALA A 432 17.11 -51.45 -21.77
C ALA A 432 16.45 -50.21 -22.34
N TYR A 433 17.08 -49.05 -22.22
CA TYR A 433 16.48 -47.83 -22.73
C TYR A 433 17.49 -46.81 -23.20
N LEU A 434 17.01 -45.66 -23.65
CA LEU A 434 17.88 -44.62 -24.15
C LEU A 434 17.49 -43.29 -23.55
N ASN A 435 18.46 -42.52 -23.10
CA ASN A 435 18.15 -41.27 -22.43
C ASN A 435 18.21 -40.10 -23.37
N ALA A 436 17.55 -39.01 -23.00
CA ALA A 436 17.67 -37.74 -23.68
C ALA A 436 17.14 -36.74 -22.71
N ALA A 437 17.58 -35.49 -22.77
CA ALA A 437 17.15 -34.54 -21.76
C ALA A 437 16.92 -33.20 -22.37
N SER A 438 16.12 -32.39 -21.71
CA SER A 438 16.01 -31.02 -22.13
C SER A 438 16.61 -30.16 -21.07
N ALA A 439 17.83 -29.70 -21.31
CA ALA A 439 18.57 -28.94 -20.34
C ALA A 439 18.74 -27.56 -20.87
N ILE A 440 19.04 -26.63 -20.00
CA ILE A 440 19.06 -25.24 -20.37
C ILE A 440 19.91 -25.01 -21.63
N GLY A 441 19.38 -24.26 -22.57
CA GLY A 441 20.13 -23.90 -23.76
C GLY A 441 19.93 -24.79 -24.96
N MET A 442 19.05 -25.77 -24.84
CA MET A 442 18.78 -26.67 -25.93
C MET A 442 17.93 -25.96 -26.95
N LYS A 443 18.13 -26.31 -28.22
CA LYS A 443 17.41 -25.67 -29.29
C LYS A 443 16.63 -26.70 -30.05
N MET A 444 15.62 -26.25 -30.79
CA MET A 444 14.80 -27.16 -31.57
C MET A 444 15.64 -27.98 -32.52
N GLN A 445 16.70 -27.39 -33.03
CA GLN A 445 17.60 -28.11 -33.91
C GLN A 445 18.15 -29.35 -33.24
N ASP A 446 18.43 -29.25 -31.95
CA ASP A 446 18.97 -30.37 -31.20
C ASP A 446 18.03 -31.56 -31.23
N VAL A 447 16.75 -31.33 -30.95
CA VAL A 447 15.77 -32.40 -30.93
C VAL A 447 15.55 -32.98 -32.32
N ASP A 448 15.47 -32.10 -33.32
CA ASP A 448 15.17 -32.54 -34.67
C ASP A 448 16.31 -33.36 -35.22
N LEU A 449 17.53 -32.96 -34.92
CA LEU A 449 18.68 -33.71 -35.39
C LEU A 449 18.81 -35.00 -34.62
N PHE A 450 18.54 -34.94 -33.33
CA PHE A 450 18.53 -36.14 -32.53
C PHE A 450 17.50 -37.13 -33.04
N ILE A 451 16.27 -36.67 -33.21
CA ILE A 451 15.20 -37.53 -33.69
C ILE A 451 15.52 -38.14 -35.05
N LYS A 452 15.95 -37.31 -35.98
CA LYS A 452 16.33 -37.75 -37.31
C LYS A 452 17.43 -38.80 -37.30
N ARG A 453 18.44 -38.60 -36.46
CA ARG A 453 19.58 -39.49 -36.42
C ARG A 453 19.32 -40.77 -35.62
N LEU A 454 18.47 -40.68 -34.61
CA LEU A 454 18.06 -41.86 -33.87
C LEU A 454 17.27 -42.76 -34.80
N ASP A 455 16.48 -42.15 -35.65
CA ASP A 455 15.72 -42.85 -36.67
C ASP A 455 16.64 -43.65 -37.57
N ARG A 456 17.61 -42.98 -38.17
CA ARG A 456 18.52 -43.65 -39.09
C ARG A 456 19.24 -44.79 -38.42
N CYS A 457 19.56 -44.61 -37.15
CA CYS A 457 20.27 -45.62 -36.39
C CYS A 457 19.40 -46.83 -36.13
N LEU A 458 18.19 -46.61 -35.65
CA LEU A 458 17.28 -47.73 -35.43
C LEU A 458 17.06 -48.49 -36.72
N LYS A 459 16.69 -47.75 -37.76
CA LYS A 459 16.43 -48.34 -39.07
C LYS A 459 17.58 -49.20 -39.55
N ALA A 460 18.78 -48.89 -39.08
CA ALA A 460 19.96 -49.59 -39.53
C ALA A 460 20.25 -50.80 -38.66
N VAL A 461 19.87 -50.75 -37.40
CA VAL A 461 20.12 -51.88 -36.52
C VAL A 461 19.14 -53.00 -36.85
N ARG A 462 18.00 -52.62 -37.42
CA ARG A 462 17.09 -53.60 -38.02
C ARG A 462 18.01 -54.17 -39.10
N LYS A 463 18.37 -55.44 -38.94
CA LYS A 463 19.29 -56.12 -39.86
C LYS A 463 19.44 -57.58 -39.46
N ASN B 2 25.30 -36.29 -45.39
CA ASN B 2 26.53 -35.53 -45.25
C ASN B 2 27.44 -36.11 -44.18
N ARG B 3 27.09 -35.84 -42.92
CA ARG B 3 27.81 -36.41 -41.79
C ARG B 3 27.50 -37.90 -41.65
N GLU B 4 26.60 -38.38 -42.49
CA GLU B 4 26.18 -39.77 -42.48
C GLU B 4 27.24 -40.68 -43.08
N SER B 5 27.70 -40.33 -44.28
CA SER B 5 28.70 -41.13 -44.97
C SER B 5 30.03 -41.06 -44.24
N PHE B 6 30.23 -39.99 -43.49
CA PHE B 6 31.44 -39.81 -42.69
C PHE B 6 31.33 -40.61 -41.41
N ALA B 7 30.10 -40.91 -41.02
CA ALA B 7 29.85 -41.68 -39.81
C ALA B 7 29.94 -43.17 -40.12
N ALA B 8 29.39 -43.57 -41.24
CA ALA B 8 29.48 -44.96 -41.68
C ALA B 8 30.95 -45.35 -41.83
N GLY B 9 31.76 -44.37 -42.20
CA GLY B 9 33.20 -44.56 -42.32
C GLY B 9 33.87 -44.76 -40.97
N GLU B 10 33.60 -43.85 -40.04
CA GLU B 10 34.19 -43.92 -38.71
C GLU B 10 33.66 -45.12 -37.93
N ARG B 11 32.71 -45.84 -38.54
CA ARG B 11 32.05 -46.97 -37.90
C ARG B 11 32.55 -48.30 -38.45
N LEU B 12 33.51 -48.24 -39.36
CA LEU B 12 34.08 -49.46 -39.93
C LEU B 12 35.55 -49.60 -39.55
N TYR B 17 39.58 -42.38 -30.58
CA TYR B 17 38.53 -41.37 -30.43
C TYR B 17 39.03 -39.99 -30.85
N VAL B 18 40.31 -39.90 -31.23
CA VAL B 18 40.84 -38.66 -31.81
C VAL B 18 40.50 -38.63 -33.30
N ARG B 19 39.98 -39.76 -33.80
CA ARG B 19 39.59 -39.88 -35.19
C ARG B 19 38.29 -39.14 -35.46
N GLN B 20 37.42 -39.10 -34.45
CA GLN B 20 36.18 -38.36 -34.54
C GLN B 20 36.45 -36.87 -34.65
N GLY B 21 37.49 -36.42 -33.96
CA GLY B 21 37.84 -35.01 -33.95
C GLY B 21 38.57 -34.52 -35.19
N CYS B 22 39.66 -35.19 -35.53
CA CYS B 22 40.46 -34.80 -36.69
C CYS B 22 39.64 -34.82 -37.97
N GLU B 23 38.67 -35.73 -38.02
CA GLU B 23 37.78 -35.82 -39.16
C GLU B 23 36.59 -34.90 -38.96
N ALA B 24 36.63 -34.09 -37.92
CA ALA B 24 35.60 -33.11 -37.72
C ALA B 24 36.16 -31.75 -38.05
N ARG B 25 37.46 -31.71 -38.30
CA ARG B 25 38.04 -30.53 -38.91
C ARG B 25 37.60 -30.47 -40.35
N ARG B 26 37.21 -31.62 -40.89
CA ARG B 26 36.80 -31.70 -42.28
C ARG B 26 35.50 -30.95 -42.51
N SER B 27 34.69 -30.78 -41.49
CA SER B 27 33.47 -30.01 -41.66
C SER B 27 33.79 -28.57 -42.00
N HIS B 28 34.76 -28.01 -41.32
CA HIS B 28 35.11 -26.62 -41.50
C HIS B 28 35.73 -26.44 -42.85
N GLU B 29 36.49 -27.43 -43.27
CA GLU B 29 37.18 -27.37 -44.54
C GLU B 29 36.21 -27.41 -45.70
N HIS B 30 35.09 -28.09 -45.54
CA HIS B 30 34.13 -28.14 -46.61
C HIS B 30 33.57 -26.75 -46.81
N LEU B 31 33.35 -26.03 -45.73
CA LEU B 31 32.80 -24.69 -45.86
C LEU B 31 33.79 -23.76 -46.52
N ILE B 32 35.06 -23.94 -46.19
CA ILE B 32 36.12 -23.11 -46.76
C ILE B 32 36.40 -23.50 -48.19
N ARG B 33 36.47 -24.79 -48.47
CA ARG B 33 36.67 -25.25 -49.84
C ARG B 33 35.59 -24.75 -50.76
N LEU B 34 34.39 -24.58 -50.22
CA LEU B 34 33.24 -24.13 -51.00
C LEU B 34 33.29 -22.64 -51.27
N LEU B 35 33.76 -21.88 -50.29
CA LEU B 35 33.84 -20.44 -50.40
C LEU B 35 34.80 -20.03 -51.49
N LEU B 36 36.00 -20.60 -51.50
CA LEU B 36 36.97 -20.09 -52.40
C LEU B 36 37.05 -20.93 -53.65
N GLU B 37 35.98 -21.62 -53.98
CA GLU B 37 35.95 -22.28 -55.27
C GLU B 37 34.74 -21.84 -56.05
N LYS B 38 33.84 -21.13 -55.39
CA LYS B 38 32.64 -20.60 -56.04
C LYS B 38 32.49 -19.13 -55.72
N GLY B 39 33.08 -18.71 -54.61
CA GLY B 39 33.14 -17.30 -54.28
C GLY B 39 31.83 -16.66 -53.92
N LYS B 40 30.82 -17.46 -53.64
CA LYS B 40 29.53 -16.90 -53.26
C LYS B 40 29.44 -16.83 -51.74
N CYS B 41 28.55 -15.98 -51.21
CA CYS B 41 28.29 -15.98 -49.79
C CYS B 41 27.73 -17.32 -49.36
N PRO B 42 27.99 -17.70 -48.13
CA PRO B 42 27.31 -18.90 -47.67
C PRO B 42 25.83 -18.59 -47.47
N GLU B 43 24.96 -19.56 -47.66
CA GLU B 43 23.54 -19.34 -47.46
C GLU B 43 23.29 -19.00 -46.01
N ASN B 44 23.79 -19.83 -45.13
CA ASN B 44 23.73 -19.56 -43.70
C ASN B 44 25.07 -19.12 -43.19
N GLY B 45 25.07 -18.24 -42.21
CA GLY B 45 26.29 -17.74 -41.64
C GLY B 45 27.21 -18.82 -41.12
N TRP B 46 28.51 -18.59 -41.25
CA TRP B 46 29.51 -19.41 -40.62
C TRP B 46 29.45 -19.27 -39.12
N ASP B 47 29.84 -20.31 -38.39
CA ASP B 47 30.10 -20.19 -36.95
C ASP B 47 31.38 -19.40 -36.78
N GLU B 48 31.54 -18.70 -35.66
CA GLU B 48 32.79 -17.98 -35.44
C GLU B 48 34.03 -18.88 -35.50
N SER B 49 33.89 -20.15 -35.18
CA SER B 49 35.05 -20.99 -35.11
C SER B 49 35.54 -21.28 -36.50
N THR B 50 34.63 -21.36 -37.45
CA THR B 50 35.02 -21.56 -38.84
C THR B 50 35.59 -20.27 -39.40
N LEU B 51 34.99 -19.16 -39.04
CA LEU B 51 35.42 -17.87 -39.48
C LEU B 51 36.83 -17.60 -39.01
N GLU B 52 37.07 -17.69 -37.71
CA GLU B 52 38.41 -17.44 -37.20
C GLU B 52 39.42 -18.50 -37.63
N LEU B 53 38.96 -19.69 -37.95
CA LEU B 53 39.88 -20.68 -38.45
C LEU B 53 40.37 -20.25 -39.81
N PHE B 54 39.43 -19.92 -40.69
CA PHE B 54 39.72 -19.44 -42.03
C PHE B 54 40.65 -18.23 -42.06
N LEU B 55 40.39 -17.25 -41.21
CA LEU B 55 41.21 -16.05 -41.16
C LEU B 55 42.62 -16.36 -40.70
N HIS B 56 42.75 -17.21 -39.70
CA HIS B 56 44.06 -17.55 -39.14
C HIS B 56 44.92 -18.25 -40.19
N GLU B 57 44.28 -19.02 -41.05
CA GLU B 57 44.95 -19.73 -42.12
C GLU B 57 45.43 -18.75 -43.17
N LEU B 58 44.61 -17.76 -43.46
CA LEU B 58 44.95 -16.77 -44.44
C LEU B 58 46.11 -15.95 -43.96
N ALA B 59 46.07 -15.54 -42.71
CA ALA B 59 47.10 -14.66 -42.19
C ALA B 59 48.48 -15.30 -42.17
N ILE B 60 48.57 -16.62 -42.07
CA ILE B 60 49.90 -17.19 -42.02
C ILE B 60 50.40 -17.43 -43.43
N MET B 61 49.59 -17.10 -44.41
CA MET B 61 50.05 -17.18 -45.79
C MET B 61 50.83 -15.93 -46.15
N ASP B 62 50.69 -14.90 -45.35
CA ASP B 62 51.40 -13.65 -45.55
C ASP B 62 52.82 -13.75 -45.03
N SER B 63 53.77 -13.27 -45.81
CA SER B 63 55.18 -13.45 -45.51
C SER B 63 55.61 -12.86 -44.18
N ASN B 64 54.93 -11.85 -43.69
CA ASN B 64 55.35 -11.26 -42.43
C ASN B 64 55.08 -12.19 -41.25
N ASN B 65 54.28 -13.22 -41.47
CA ASN B 65 53.88 -14.11 -40.40
C ASN B 65 54.58 -15.44 -40.52
N PHE B 66 55.45 -15.54 -41.52
CA PHE B 66 56.28 -16.71 -41.70
C PHE B 66 57.18 -16.88 -40.50
N LEU B 67 57.50 -18.11 -40.17
CA LEU B 67 58.29 -18.39 -38.99
C LEU B 67 59.78 -18.20 -39.23
N GLY B 68 60.26 -18.62 -40.38
CA GLY B 68 61.68 -18.47 -40.66
C GLY B 68 61.96 -17.27 -41.53
N ASN B 69 61.55 -16.10 -41.08
CA ASN B 69 61.58 -14.93 -41.93
C ASN B 69 62.57 -13.90 -41.47
N CYS B 70 63.26 -13.30 -42.42
CA CYS B 70 64.09 -12.14 -42.17
C CYS B 70 63.70 -11.09 -43.16
N GLY B 71 63.63 -9.85 -42.72
CA GLY B 71 63.22 -8.78 -43.58
C GLY B 71 64.30 -7.73 -43.65
N VAL B 72 64.70 -7.36 -44.85
CA VAL B 72 65.72 -6.35 -45.00
C VAL B 72 65.19 -5.13 -45.75
N GLY B 73 63.88 -5.06 -45.89
CA GLY B 73 63.26 -4.00 -46.64
C GLY B 73 62.69 -2.89 -45.80
N GLU B 74 62.00 -1.96 -46.45
CA GLU B 74 61.45 -0.79 -45.78
C GLU B 74 59.98 -0.98 -45.46
N ARG B 75 59.36 -1.94 -46.12
CA ARG B 75 57.99 -2.30 -45.84
C ARG B 75 57.89 -3.80 -45.64
N GLU B 76 58.08 -4.22 -44.40
CA GLU B 76 58.14 -5.63 -44.07
C GLU B 76 56.93 -6.03 -43.27
N GLY B 77 56.14 -5.05 -42.86
CA GLY B 77 54.95 -5.37 -42.12
C GLY B 77 55.24 -5.68 -40.68
N ARG B 78 56.20 -4.97 -40.11
CA ARG B 78 56.52 -5.16 -38.72
C ARG B 78 55.51 -4.40 -37.90
N VAL B 79 55.07 -5.00 -36.80
CA VAL B 79 54.04 -4.43 -35.95
C VAL B 79 54.56 -4.18 -34.56
N ALA B 80 54.45 -2.96 -34.07
CA ALA B 80 55.05 -2.61 -32.81
C ALA B 80 54.21 -3.05 -31.64
N SER B 81 52.90 -2.99 -31.79
CA SER B 81 51.98 -3.30 -30.72
C SER B 81 51.20 -4.57 -30.97
N ALA B 82 51.20 -5.46 -30.01
CA ALA B 82 50.46 -6.71 -30.13
C ALA B 82 48.97 -6.47 -30.18
N LEU B 83 48.52 -5.42 -29.51
CA LEU B 83 47.14 -5.00 -29.59
C LEU B 83 46.75 -4.69 -31.02
N VAL B 84 47.68 -4.12 -31.77
CA VAL B 84 47.45 -3.76 -33.15
C VAL B 84 47.52 -4.98 -34.04
N ALA B 85 48.45 -5.86 -33.79
CA ALA B 85 48.57 -7.02 -34.62
C ALA B 85 47.42 -7.99 -34.41
N ARG B 86 46.96 -8.11 -33.18
CA ARG B 86 45.97 -9.14 -32.92
C ARG B 86 44.60 -8.69 -33.39
N ARG B 87 44.32 -7.40 -33.32
CA ARG B 87 43.01 -6.90 -33.71
C ARG B 87 42.80 -6.88 -35.20
N HIS B 88 43.88 -7.09 -35.95
CA HIS B 88 43.79 -7.15 -37.40
C HIS B 88 44.04 -8.55 -37.91
N TYR B 89 43.99 -9.52 -37.01
CA TYR B 89 44.19 -10.91 -37.36
C TYR B 89 45.52 -11.12 -38.06
N ARG B 90 46.50 -10.30 -37.70
CA ARG B 90 47.85 -10.34 -38.26
C ARG B 90 47.88 -10.12 -39.75
N PHE B 91 46.94 -9.34 -40.24
CA PHE B 91 46.92 -8.89 -41.62
C PHE B 91 47.53 -7.50 -41.66
N ILE B 92 48.74 -7.37 -42.18
CA ILE B 92 49.46 -6.11 -42.04
C ILE B 92 49.81 -5.45 -43.37
N HIS B 93 49.94 -6.24 -44.43
CA HIS B 93 50.43 -5.76 -45.71
C HIS B 93 49.44 -5.03 -46.61
N GLY B 94 48.26 -4.69 -46.14
CA GLY B 94 47.27 -4.04 -46.98
C GLY B 94 46.86 -4.84 -48.20
N ILE B 95 46.13 -4.22 -49.11
CA ILE B 95 45.75 -4.87 -50.37
C ILE B 95 46.50 -4.31 -51.57
N GLY B 96 46.80 -5.15 -52.55
CA GLY B 96 47.41 -4.71 -53.79
C GLY B 96 48.93 -4.63 -53.83
N ARG B 97 49.48 -4.44 -55.03
CA ARG B 97 50.87 -4.01 -55.16
C ARG B 97 50.83 -2.53 -55.47
N SER B 98 51.95 -1.84 -55.27
CA SER B 98 51.97 -0.39 -55.42
C SER B 98 51.67 0.05 -56.85
N GLY B 99 51.74 -0.87 -57.80
CA GLY B 99 51.40 -0.53 -59.16
C GLY B 99 50.01 -0.93 -59.59
N ASP B 100 49.28 -1.59 -58.70
CA ASP B 100 47.99 -2.18 -59.06
C ASP B 100 47.26 -2.64 -57.80
N ILE B 101 46.14 -1.98 -57.48
CA ILE B 101 45.40 -2.28 -56.26
C ILE B 101 44.75 -3.66 -56.31
N SER B 102 44.78 -4.28 -57.48
CA SER B 102 44.09 -5.55 -57.68
C SER B 102 45.05 -6.69 -57.94
N ALA B 103 46.34 -6.38 -57.91
CA ALA B 103 47.34 -7.40 -58.18
C ALA B 103 47.62 -8.23 -56.95
N VAL B 104 47.86 -9.51 -57.15
CA VAL B 104 48.25 -10.37 -56.06
C VAL B 104 49.58 -9.91 -55.53
N GLN B 105 49.66 -9.69 -54.23
CA GLN B 105 50.91 -9.33 -53.60
C GLN B 105 51.69 -10.58 -53.26
N PRO B 106 52.83 -10.81 -53.92
CA PRO B 106 53.57 -12.04 -53.64
C PRO B 106 54.09 -12.13 -52.21
N LYS B 107 54.26 -10.98 -51.57
CA LYS B 107 54.72 -10.91 -50.20
C LYS B 107 53.55 -11.06 -49.25
N ALA B 108 52.35 -11.11 -49.79
CA ALA B 108 51.14 -11.23 -48.97
C ALA B 108 50.08 -12.03 -49.69
N ALA B 109 50.34 -13.32 -49.89
CA ALA B 109 49.41 -14.17 -50.61
C ALA B 109 48.09 -14.29 -49.89
N GLY B 110 48.13 -14.15 -48.57
CA GLY B 110 46.95 -14.34 -47.77
C GLY B 110 46.02 -13.15 -47.83
N SER B 111 46.61 -11.96 -47.78
CA SER B 111 45.86 -10.73 -47.94
C SER B 111 45.33 -10.57 -49.36
N SER B 112 46.02 -11.14 -50.33
CA SER B 112 45.55 -11.06 -51.70
C SER B 112 44.34 -11.91 -51.85
N LEU B 113 44.37 -13.08 -51.24
CA LEU B 113 43.25 -14.00 -51.24
C LEU B 113 42.08 -13.42 -50.45
N LEU B 114 42.34 -12.72 -49.37
CA LEU B 114 41.29 -12.06 -48.63
C LEU B 114 40.58 -11.02 -49.46
N ASN B 115 41.33 -10.32 -50.28
CA ASN B 115 40.82 -9.24 -51.11
C ASN B 115 39.98 -9.78 -52.26
N LYS B 116 40.44 -10.82 -52.92
CA LYS B 116 39.68 -11.37 -54.03
C LYS B 116 38.37 -11.93 -53.55
N ILE B 117 38.41 -12.63 -52.43
CA ILE B 117 37.22 -13.28 -51.90
C ILE B 117 36.22 -12.24 -51.49
N THR B 118 36.69 -11.20 -50.85
CA THR B 118 35.81 -10.13 -50.42
C THR B 118 35.09 -9.48 -51.60
N ASN B 119 35.82 -9.16 -52.65
CA ASN B 119 35.21 -8.59 -53.85
C ASN B 119 34.20 -9.52 -54.46
N SER B 120 34.49 -10.80 -54.45
CA SER B 120 33.56 -11.80 -54.93
C SER B 120 32.28 -11.89 -54.12
N LEU B 121 32.38 -11.77 -52.81
CA LEU B 121 31.20 -11.86 -51.97
C LEU B 121 30.36 -10.64 -52.15
N VAL B 122 31.01 -9.50 -52.30
CA VAL B 122 30.31 -8.25 -52.43
C VAL B 122 29.62 -8.20 -53.76
N LEU B 123 30.22 -8.80 -54.77
CA LEU B 123 29.58 -8.91 -56.07
C LEU B 123 28.32 -9.74 -55.95
N ASP B 124 28.41 -10.83 -55.20
CA ASP B 124 27.28 -11.70 -54.98
C ASP B 124 26.15 -10.93 -54.31
N ILE B 125 26.45 -10.11 -53.32
CA ILE B 125 25.41 -9.37 -52.63
C ILE B 125 24.76 -8.35 -53.53
N ILE B 126 25.56 -7.65 -54.32
CA ILE B 126 25.03 -6.66 -55.24
C ILE B 126 24.03 -7.31 -56.19
N LYS B 127 24.33 -8.51 -56.65
CA LYS B 127 23.38 -9.25 -57.47
C LYS B 127 22.11 -9.60 -56.72
N LEU B 128 22.26 -10.16 -55.53
CA LEU B 128 21.12 -10.60 -54.74
C LEU B 128 20.27 -9.42 -54.33
N ALA B 129 20.86 -8.23 -54.36
CA ALA B 129 20.19 -7.03 -53.90
C ALA B 129 19.39 -6.31 -54.96
N GLY B 130 19.53 -6.72 -56.22
CA GLY B 130 18.72 -6.11 -57.26
C GLY B 130 19.36 -5.82 -58.61
N VAL B 131 20.68 -5.67 -58.64
CA VAL B 131 21.38 -5.38 -59.87
C VAL B 131 22.01 -6.64 -60.37
N HIS B 132 21.22 -7.51 -60.97
CA HIS B 132 21.66 -8.85 -61.30
C HIS B 132 22.64 -8.86 -62.44
N THR B 133 22.69 -7.77 -63.18
CA THR B 133 23.53 -7.71 -64.37
C THR B 133 24.86 -7.04 -64.13
N VAL B 134 25.21 -6.80 -62.88
CA VAL B 134 26.48 -6.16 -62.55
C VAL B 134 27.63 -7.02 -63.06
N ALA B 135 28.61 -6.39 -63.68
CA ALA B 135 29.67 -7.11 -64.31
C ALA B 135 30.84 -7.27 -63.40
N ASN B 136 31.13 -6.22 -62.64
CA ASN B 136 32.32 -6.21 -61.82
C ASN B 136 32.27 -5.15 -60.76
N CYS B 137 33.04 -5.32 -59.71
CA CYS B 137 33.11 -4.35 -58.64
C CYS B 137 34.35 -4.57 -57.82
N PHE B 138 34.74 -3.57 -57.03
CA PHE B 138 35.85 -3.77 -56.11
C PHE B 138 35.67 -2.92 -54.88
N VAL B 139 36.04 -3.46 -53.74
CA VAL B 139 36.11 -2.72 -52.51
C VAL B 139 37.30 -1.77 -52.53
N VAL B 140 37.07 -0.54 -52.11
CA VAL B 140 38.11 0.45 -52.06
C VAL B 140 38.00 1.12 -50.72
N PRO B 141 39.11 1.23 -49.99
CA PRO B 141 39.12 1.74 -48.62
C PRO B 141 39.03 3.24 -48.53
N MET B 142 38.11 3.82 -49.28
CA MET B 142 37.83 5.22 -49.15
C MET B 142 36.35 5.29 -48.96
N ALA B 143 35.84 6.38 -48.44
CA ALA B 143 34.40 6.47 -48.33
C ALA B 143 33.79 6.72 -49.69
N THR B 144 32.48 6.97 -49.72
CA THR B 144 31.77 7.12 -50.97
C THR B 144 32.17 8.38 -51.69
N GLY B 145 32.33 9.46 -50.94
CA GLY B 145 32.81 10.71 -51.49
C GLY B 145 34.12 10.59 -52.22
N MET B 146 35.15 10.01 -51.61
CA MET B 146 36.42 9.85 -52.30
C MET B 146 36.34 8.82 -53.40
N SER B 147 35.38 7.91 -53.32
CA SER B 147 35.29 6.88 -54.32
C SER B 147 34.61 7.42 -55.55
N LEU B 148 33.80 8.43 -55.37
CA LEU B 148 33.21 9.12 -56.48
C LEU B 148 34.33 9.91 -57.15
N THR B 149 35.13 10.57 -56.36
CA THR B 149 36.31 11.27 -56.85
C THR B 149 37.22 10.39 -57.70
N LEU B 150 37.51 9.18 -57.24
CA LEU B 150 38.33 8.27 -58.02
C LEU B 150 37.68 7.95 -59.35
N CYS B 151 36.36 7.95 -59.39
CA CYS B 151 35.63 7.72 -60.63
C CYS B 151 35.82 8.89 -61.57
N PHE B 152 35.74 10.09 -61.04
CA PHE B 152 35.96 11.28 -61.85
C PHE B 152 37.42 11.41 -62.28
N LEU B 153 38.35 11.01 -61.43
CA LEU B 153 39.74 11.06 -61.78
C LEU B 153 40.06 10.12 -62.92
N THR B 154 39.29 9.05 -63.04
CA THR B 154 39.50 8.08 -64.11
C THR B 154 38.91 8.57 -65.42
N LEU B 155 37.86 9.36 -65.33
CA LEU B 155 37.18 9.79 -66.52
C LEU B 155 37.93 10.91 -67.19
N ARG B 156 38.77 11.60 -66.45
CA ARG B 156 39.48 12.73 -67.01
C ARG B 156 40.36 12.30 -68.14
N HIS B 157 40.98 11.15 -67.99
CA HIS B 157 41.92 10.68 -68.97
C HIS B 157 41.22 10.25 -70.24
N LYS B 158 39.94 9.91 -70.14
CA LYS B 158 39.15 9.56 -71.30
C LYS B 158 38.54 10.78 -71.97
N ARG B 159 38.29 11.82 -71.19
CA ARG B 159 37.65 13.03 -71.67
C ARG B 159 38.44 14.26 -71.26
N PRO B 160 39.53 14.54 -71.96
CA PRO B 160 40.47 15.55 -71.48
C PRO B 160 40.01 16.99 -71.68
N LYS B 161 38.96 17.24 -72.43
CA LYS B 161 38.52 18.61 -72.56
C LYS B 161 37.40 18.96 -71.60
N ALA B 162 36.99 17.99 -70.80
CA ALA B 162 35.82 18.14 -69.94
C ALA B 162 36.10 18.96 -68.70
N LYS B 163 35.16 19.82 -68.33
CA LYS B 163 35.31 20.67 -67.18
C LYS B 163 34.17 20.47 -66.22
N TYR B 164 33.03 20.02 -66.72
CA TYR B 164 31.78 20.10 -66.00
C TYR B 164 31.22 18.76 -65.65
N ILE B 165 30.60 18.69 -64.48
CA ILE B 165 29.81 17.53 -64.08
C ILE B 165 28.37 17.96 -63.79
N ILE B 166 27.42 17.38 -64.50
CA ILE B 166 26.02 17.72 -64.35
C ILE B 166 25.43 16.97 -63.16
N TRP B 167 24.88 17.70 -62.20
CA TRP B 167 24.51 17.13 -60.92
C TRP B 167 23.12 17.54 -60.46
N PRO B 168 22.14 16.64 -60.55
CA PRO B 168 20.85 16.96 -59.94
C PRO B 168 20.96 17.11 -58.43
N ARG B 169 20.60 18.28 -57.93
CA ARG B 169 20.89 18.68 -56.57
C ARG B 169 20.49 17.68 -55.51
N ILE B 170 21.38 17.47 -54.56
CA ILE B 170 21.06 16.81 -53.32
C ILE B 170 21.97 17.41 -52.29
N ASP B 171 21.39 17.90 -51.22
CA ASP B 171 22.17 18.64 -50.26
C ASP B 171 22.91 17.72 -49.32
N GLN B 172 24.06 17.26 -49.78
CA GLN B 172 24.92 16.43 -48.99
C GLN B 172 26.33 16.82 -49.36
N LYS B 173 27.12 17.25 -48.40
CA LYS B 173 28.38 17.91 -48.70
C LYS B 173 29.45 17.01 -49.29
N SER B 174 29.34 15.71 -49.09
CA SER B 174 30.42 14.84 -49.53
C SER B 174 30.38 14.55 -51.02
N CYS B 175 29.22 14.16 -51.53
CA CYS B 175 29.10 13.87 -52.94
C CYS B 175 29.23 15.14 -53.76
N PHE B 176 28.82 16.26 -53.19
CA PHE B 176 28.99 17.53 -53.84
C PHE B 176 30.45 17.89 -53.92
N LYS B 177 31.18 17.79 -52.82
CA LYS B 177 32.59 18.12 -52.84
C LYS B 177 33.42 17.13 -53.62
N SER B 178 32.91 15.93 -53.85
CA SER B 178 33.69 14.93 -54.53
C SER B 178 34.02 15.35 -55.93
N MET B 179 33.17 16.18 -56.49
CA MET B 179 33.36 16.69 -57.83
C MET B 179 34.42 17.76 -57.86
N ILE B 180 34.47 18.58 -56.84
CA ILE B 180 35.42 19.68 -56.76
C ILE B 180 36.83 19.18 -56.45
N THR B 181 36.90 18.17 -55.58
CA THR B 181 38.17 17.55 -55.23
C THR B 181 38.80 16.90 -56.46
N ALA B 182 37.99 16.31 -57.32
CA ALA B 182 38.48 15.70 -58.53
C ALA B 182 38.96 16.74 -59.51
N GLY B 183 38.55 17.98 -59.31
CA GLY B 183 39.00 19.05 -60.16
C GLY B 183 38.01 19.53 -61.19
N PHE B 184 36.75 19.19 -61.02
CA PHE B 184 35.74 19.61 -61.97
C PHE B 184 34.79 20.57 -61.35
N GLU B 185 33.98 21.21 -62.18
CA GLU B 185 33.04 22.22 -61.71
C GLU B 185 31.61 21.69 -61.77
N PRO B 186 30.99 21.59 -60.60
CA PRO B 186 29.63 21.07 -60.51
C PRO B 186 28.65 21.99 -61.17
N VAL B 187 27.85 21.46 -62.07
CA VAL B 187 26.72 22.18 -62.60
C VAL B 187 25.46 21.71 -61.91
N VAL B 188 24.93 22.52 -61.01
CA VAL B 188 23.82 22.10 -60.17
C VAL B 188 22.48 22.29 -60.87
N ILE B 189 21.80 21.18 -61.15
CA ILE B 189 20.47 21.21 -61.73
C ILE B 189 19.43 21.19 -60.64
N GLU B 190 18.62 22.24 -60.53
CA GLU B 190 17.59 22.25 -59.51
C GLU B 190 16.54 21.21 -59.77
N ASN B 191 15.81 20.83 -58.74
CA ASN B 191 14.81 19.78 -58.88
C ASN B 191 13.45 20.35 -59.12
N VAL B 192 12.53 19.51 -59.59
CA VAL B 192 11.19 19.94 -59.82
C VAL B 192 10.28 19.38 -58.74
N LEU B 193 9.50 20.25 -58.11
CA LEU B 193 8.53 19.82 -57.13
C LEU B 193 7.37 19.16 -57.81
N GLU B 194 7.30 17.84 -57.77
CA GLU B 194 6.16 17.14 -58.31
C GLU B 194 5.34 16.53 -57.20
N GLY B 195 4.40 17.30 -56.67
CA GLY B 195 3.57 16.84 -55.60
C GLY B 195 4.17 17.26 -54.30
N ASP B 196 4.57 16.29 -53.50
CA ASP B 196 5.28 16.59 -52.27
C ASP B 196 6.77 16.35 -52.47
N GLU B 197 7.10 15.56 -53.48
CA GLU B 197 8.46 15.11 -53.66
C GLU B 197 9.21 15.87 -54.73
N LEU B 198 10.52 15.95 -54.56
CA LEU B 198 11.39 16.66 -55.48
C LEU B 198 12.02 15.66 -56.42
N ARG B 199 11.84 15.83 -57.71
CA ARG B 199 12.36 14.85 -58.64
C ARG B 199 13.27 15.49 -59.65
N THR B 200 13.85 14.67 -60.49
CA THR B 200 14.78 15.14 -61.50
C THR B 200 14.13 16.07 -62.53
N ASP B 201 14.72 17.22 -62.74
CA ASP B 201 14.32 18.10 -63.81
C ASP B 201 15.03 17.68 -65.09
N LEU B 202 14.47 16.73 -65.80
CA LEU B 202 15.09 16.20 -67.00
C LEU B 202 15.27 17.22 -68.11
N LYS B 203 14.34 18.16 -68.24
CA LYS B 203 14.46 19.17 -69.28
C LYS B 203 15.65 20.05 -69.00
N ALA B 204 15.88 20.34 -67.73
CA ALA B 204 16.96 21.22 -67.33
C ALA B 204 18.32 20.58 -67.51
N VAL B 205 18.37 19.26 -67.33
CA VAL B 205 19.57 18.49 -67.58
C VAL B 205 19.94 18.56 -69.05
N GLU B 206 19.00 18.20 -69.92
CA GLU B 206 19.23 18.27 -71.36
C GLU B 206 19.56 19.67 -71.82
N ALA B 207 18.85 20.65 -71.29
CA ALA B 207 19.11 22.04 -71.66
C ALA B 207 20.53 22.39 -71.37
N LYS B 208 21.10 21.73 -70.38
CA LYS B 208 22.42 22.05 -69.90
C LYS B 208 23.46 21.25 -70.66
N VAL B 209 23.10 20.04 -71.06
CA VAL B 209 23.95 19.24 -71.94
C VAL B 209 24.12 19.98 -73.24
N GLN B 210 23.04 20.57 -73.72
CA GLN B 210 23.03 21.29 -74.98
C GLN B 210 23.77 22.62 -74.93
N GLU B 211 23.63 23.34 -73.83
CA GLU B 211 24.27 24.63 -73.67
C GLU B 211 25.78 24.51 -73.55
N LEU B 212 26.22 23.59 -72.71
CA LEU B 212 27.64 23.42 -72.42
C LEU B 212 28.35 22.54 -73.43
N GLY B 213 27.65 21.55 -73.93
CA GLY B 213 28.20 20.69 -74.96
C GLY B 213 28.68 19.38 -74.38
N PRO B 214 28.20 18.26 -74.92
CA PRO B 214 28.59 16.94 -74.49
C PRO B 214 30.08 16.78 -74.25
N ASP B 215 30.93 17.28 -75.14
CA ASP B 215 32.37 17.09 -75.01
C ASP B 215 32.93 17.80 -73.80
N CYS B 216 32.22 18.80 -73.31
CA CYS B 216 32.65 19.55 -72.15
C CYS B 216 32.18 18.93 -70.83
N ILE B 217 31.31 17.95 -70.90
CA ILE B 217 30.76 17.30 -69.71
C ILE B 217 31.58 16.07 -69.36
N LEU B 218 32.06 15.99 -68.13
CA LEU B 218 32.81 14.81 -67.75
C LEU B 218 31.85 13.66 -67.55
N CYS B 219 30.72 13.93 -66.92
CA CYS B 219 29.71 12.91 -66.68
C CYS B 219 28.45 13.52 -66.13
N ILE B 220 27.38 12.76 -66.11
CA ILE B 220 26.21 13.12 -65.34
C ILE B 220 26.26 12.36 -64.02
N HIS B 221 26.06 13.06 -62.92
CA HIS B 221 26.22 12.49 -61.60
C HIS B 221 24.89 12.40 -60.87
N SER B 222 24.27 11.24 -60.89
CA SER B 222 22.94 11.10 -60.33
C SER B 222 22.96 10.41 -58.98
N THR B 223 21.88 10.54 -58.23
CA THR B 223 21.80 10.01 -56.88
C THR B 223 20.55 9.18 -56.65
N THR B 224 20.69 7.92 -56.24
CA THR B 224 19.52 7.15 -55.86
C THR B 224 19.01 7.20 -54.43
N SER B 225 19.88 7.02 -53.47
CA SER B 225 19.48 7.04 -52.07
C SER B 225 19.66 8.47 -51.65
N CYS B 226 18.71 9.02 -50.90
CA CYS B 226 18.70 10.42 -50.52
C CYS B 226 17.66 10.64 -49.46
N PHE B 227 17.59 11.85 -48.90
CA PHE B 227 16.61 12.14 -47.85
C PHE B 227 15.32 12.76 -48.40
N ALA B 228 14.18 12.18 -48.03
CA ALA B 228 12.90 12.73 -48.42
C ALA B 228 12.87 14.19 -48.05
N PRO B 229 12.09 15.00 -48.76
CA PRO B 229 11.16 14.69 -49.84
C PRO B 229 11.80 14.40 -51.20
N ARG B 230 13.10 14.54 -51.34
CA ARG B 230 13.76 14.17 -52.58
C ARG B 230 13.62 12.67 -52.78
N VAL B 231 13.64 12.22 -54.03
CA VAL B 231 13.52 10.81 -54.31
C VAL B 231 14.61 10.43 -55.28
N PRO B 232 14.87 9.13 -55.47
CA PRO B 232 15.87 8.72 -56.45
C PRO B 232 15.70 9.36 -57.83
N ASP B 233 16.83 9.70 -58.44
CA ASP B 233 16.83 10.33 -59.73
C ASP B 233 16.26 9.40 -60.75
N ARG B 234 15.78 9.96 -61.85
CA ARG B 234 15.16 9.15 -62.87
C ARG B 234 16.22 8.50 -63.71
N LEU B 235 16.84 7.44 -63.20
CA LEU B 235 18.00 6.87 -63.85
C LEU B 235 17.74 6.38 -65.26
N GLU B 236 16.55 5.93 -65.57
CA GLU B 236 16.31 5.42 -66.90
C GLU B 236 16.35 6.53 -67.92
N GLU B 237 15.80 7.68 -67.57
CA GLU B 237 15.75 8.79 -68.47
C GLU B 237 17.12 9.40 -68.66
N LEU B 238 17.86 9.51 -67.56
CA LEU B 238 19.21 10.03 -67.58
C LEU B 238 20.16 9.08 -68.27
N ALA B 239 19.86 7.79 -68.23
CA ALA B 239 20.71 6.84 -68.90
C ALA B 239 20.52 6.91 -70.39
N VAL B 240 19.39 7.44 -70.83
CA VAL B 240 19.11 7.55 -72.24
C VAL B 240 19.72 8.83 -72.79
N ILE B 241 19.61 9.91 -72.03
CA ILE B 241 20.34 11.13 -72.33
C ILE B 241 21.82 10.87 -72.51
N CYS B 242 22.38 10.14 -71.57
CA CYS B 242 23.79 9.81 -71.60
C CYS B 242 24.17 8.93 -72.78
N ALA B 243 23.30 8.00 -73.14
CA ALA B 243 23.62 7.14 -74.27
C ALA B 243 23.55 7.91 -75.57
N ASN B 244 22.57 8.80 -75.68
CA ASN B 244 22.40 9.59 -76.89
C ASN B 244 23.53 10.57 -77.12
N TYR B 245 23.95 11.26 -76.06
CA TYR B 245 24.98 12.28 -76.18
C TYR B 245 26.35 11.75 -75.87
N ASP B 246 26.46 10.45 -75.63
CA ASP B 246 27.75 9.81 -75.36
C ASP B 246 28.49 10.38 -74.16
N ILE B 247 27.76 10.62 -73.07
CA ILE B 247 28.31 11.18 -71.86
C ILE B 247 28.31 10.14 -70.77
N PRO B 248 29.44 9.92 -70.08
CA PRO B 248 29.39 8.87 -69.08
C PRO B 248 28.48 9.20 -67.92
N HIS B 249 27.98 8.15 -67.28
CA HIS B 249 26.99 8.29 -66.23
C HIS B 249 27.50 7.63 -64.95
N ILE B 250 27.64 8.42 -63.90
CA ILE B 250 28.13 7.93 -62.60
C ILE B 250 27.02 8.09 -61.58
N VAL B 251 26.64 7.00 -60.95
CA VAL B 251 25.54 7.01 -60.00
C VAL B 251 26.00 6.93 -58.55
N ASN B 252 25.60 7.91 -57.76
CA ASN B 252 25.81 7.90 -56.32
C ASN B 252 24.75 7.06 -55.63
N ASN B 253 25.08 5.83 -55.30
CA ASN B 253 24.15 4.90 -54.69
C ASN B 253 24.47 4.66 -53.22
N ALA B 254 24.86 5.72 -52.50
CA ALA B 254 25.51 5.62 -51.20
C ALA B 254 24.92 4.59 -50.26
N TYR B 255 23.61 4.61 -50.06
CA TYR B 255 22.99 3.59 -49.22
C TYR B 255 21.79 2.96 -49.84
N GLY B 256 21.93 2.53 -51.09
CA GLY B 256 20.81 1.98 -51.78
C GLY B 256 20.97 0.54 -52.10
N VAL B 257 21.99 -0.10 -51.57
CA VAL B 257 22.09 -1.55 -51.73
C VAL B 257 20.99 -2.18 -50.92
N GLN B 258 20.62 -1.51 -49.85
CA GLN B 258 19.61 -2.02 -48.95
C GLN B 258 18.20 -1.87 -49.50
N SER B 259 18.08 -1.23 -50.65
CA SER B 259 16.78 -0.98 -51.21
C SER B 259 16.65 -1.62 -52.56
N SER B 260 15.78 -2.61 -52.70
CA SER B 260 15.64 -3.28 -53.99
C SER B 260 14.99 -2.37 -55.01
N LYS B 261 14.38 -1.29 -54.55
CA LYS B 261 13.82 -0.33 -55.48
C LYS B 261 14.93 0.53 -56.07
N CYS B 262 15.89 0.91 -55.25
CA CYS B 262 17.05 1.63 -55.72
C CYS B 262 17.89 0.77 -56.65
N MET B 263 18.05 -0.49 -56.31
CA MET B 263 18.87 -1.35 -57.13
C MET B 263 18.19 -1.75 -58.43
N HIS B 264 16.89 -2.01 -58.40
CA HIS B 264 16.22 -2.40 -59.63
C HIS B 264 16.13 -1.20 -60.56
N LEU B 265 16.30 -0.02 -59.99
CA LEU B 265 16.33 1.21 -60.74
C LEU B 265 17.67 1.42 -61.41
N ILE B 266 18.72 0.89 -60.81
CA ILE B 266 20.04 0.94 -61.40
C ILE B 266 20.13 -0.11 -62.49
N GLN B 267 19.56 -1.26 -62.24
CA GLN B 267 19.57 -2.32 -63.22
C GLN B 267 18.77 -1.95 -64.45
N GLN B 268 17.74 -1.16 -64.24
CA GLN B 268 16.84 -0.78 -65.31
C GLN B 268 17.47 0.30 -66.14
N GLY B 269 18.10 1.26 -65.48
CA GLY B 269 18.81 2.30 -66.17
C GLY B 269 19.88 1.72 -67.07
N ALA B 270 20.47 0.62 -66.66
CA ALA B 270 21.54 0.05 -67.43
C ALA B 270 21.01 -0.79 -68.57
N ARG B 271 19.72 -1.07 -68.55
CA ARG B 271 19.14 -1.94 -69.54
C ARG B 271 18.72 -1.13 -70.75
N VAL B 272 18.27 0.08 -70.49
CA VAL B 272 17.69 0.92 -71.52
C VAL B 272 18.64 2.02 -71.94
N GLY B 273 19.70 2.19 -71.17
CA GLY B 273 20.65 3.23 -71.46
C GLY B 273 22.02 2.95 -70.93
N ARG B 274 22.63 3.97 -70.35
CA ARG B 274 24.03 3.92 -70.02
C ARG B 274 24.33 4.28 -68.58
N ILE B 275 24.99 3.37 -67.89
CA ILE B 275 25.50 3.61 -66.53
C ILE B 275 26.92 3.11 -66.50
N ASP B 276 27.85 3.99 -66.17
CA ASP B 276 29.26 3.62 -66.25
C ASP B 276 29.76 3.01 -64.96
N ALA B 277 29.38 3.58 -63.84
CA ALA B 277 29.69 3.03 -62.55
C ALA B 277 28.63 3.43 -61.54
N PHE B 278 28.43 2.63 -60.50
CA PHE B 278 27.64 3.07 -59.36
C PHE B 278 28.39 2.75 -58.07
N VAL B 279 28.40 3.72 -57.17
CA VAL B 279 29.22 3.68 -55.97
C VAL B 279 28.39 3.56 -54.70
N GLN B 280 28.79 2.67 -53.81
CA GLN B 280 28.03 2.42 -52.58
C GLN B 280 28.89 2.46 -51.34
N SER B 281 28.33 2.94 -50.26
CA SER B 281 29.03 2.95 -48.99
C SER B 281 28.99 1.59 -48.30
N LEU B 282 30.06 1.24 -47.60
CA LEU B 282 30.11 -0.04 -46.90
C LEU B 282 29.39 0.03 -45.56
N ASP B 283 29.56 1.11 -44.83
CA ASP B 283 28.97 1.18 -43.50
C ASP B 283 27.48 1.35 -43.52
N LYS B 284 26.95 2.07 -44.50
CA LYS B 284 25.51 2.26 -44.59
C LYS B 284 24.78 1.02 -45.07
N ASN B 285 25.47 0.15 -45.79
CA ASN B 285 24.82 -0.98 -46.42
C ASN B 285 25.16 -2.32 -45.81
N PHE B 286 26.23 -2.37 -45.03
CA PHE B 286 26.70 -3.64 -44.48
C PHE B 286 26.98 -3.59 -42.99
N MET B 287 26.72 -2.46 -42.35
CA MET B 287 26.87 -2.34 -40.92
C MET B 287 28.27 -2.72 -40.46
N VAL B 288 29.26 -1.97 -40.95
CA VAL B 288 30.64 -2.08 -40.53
C VAL B 288 31.06 -0.66 -40.25
N PRO B 289 32.27 -0.45 -39.72
CA PRO B 289 32.69 0.94 -39.52
C PRO B 289 32.81 1.78 -40.79
N VAL B 290 32.71 3.09 -40.63
CA VAL B 290 32.92 4.05 -41.69
C VAL B 290 34.26 3.93 -42.37
N GLY B 291 34.29 4.00 -43.69
CA GLY B 291 35.56 4.19 -44.36
C GLY B 291 35.83 3.39 -45.60
N GLY B 292 34.85 2.65 -46.08
CA GLY B 292 35.07 1.87 -47.28
C GLY B 292 33.91 2.01 -48.23
N ALA B 293 34.12 1.65 -49.48
CA ALA B 293 33.08 1.77 -50.45
C ALA B 293 33.21 0.69 -51.47
N ILE B 294 32.23 0.59 -52.34
CA ILE B 294 32.25 -0.34 -53.45
C ILE B 294 32.02 0.44 -54.72
N ILE B 295 32.83 0.20 -55.73
CA ILE B 295 32.62 0.79 -57.03
C ILE B 295 32.22 -0.31 -57.98
N ALA B 296 31.08 -0.20 -58.63
CA ALA B 296 30.59 -1.31 -59.42
C ALA B 296 30.14 -0.85 -60.77
N GLY B 297 30.07 -1.76 -61.71
CA GLY B 297 29.68 -1.35 -63.03
C GLY B 297 29.32 -2.48 -63.95
N PHE B 298 29.11 -2.14 -65.21
CA PHE B 298 28.62 -3.08 -66.17
C PHE B 298 29.63 -3.33 -67.25
N ASN B 299 30.55 -2.39 -67.44
CA ASN B 299 31.67 -2.63 -68.32
C ASN B 299 32.86 -3.10 -67.51
N ASP B 300 33.24 -4.35 -67.72
CA ASP B 300 34.25 -4.98 -66.89
C ASP B 300 35.57 -4.24 -66.94
N SER B 301 35.91 -3.76 -68.13
CA SER B 301 37.18 -3.09 -68.35
C SER B 301 37.21 -1.69 -67.79
N PHE B 302 36.10 -0.98 -67.79
CA PHE B 302 36.10 0.35 -67.20
C PHE B 302 36.23 0.27 -65.68
N ILE B 303 35.63 -0.74 -65.08
CA ILE B 303 35.76 -0.90 -63.65
C ILE B 303 37.20 -1.27 -63.30
N GLN B 304 37.86 -1.99 -64.19
CA GLN B 304 39.26 -2.32 -64.00
C GLN B 304 40.13 -1.09 -64.17
N GLU B 305 39.75 -0.18 -65.04
CA GLU B 305 40.50 1.05 -65.23
C GLU B 305 40.46 1.96 -64.02
N ILE B 306 39.36 1.93 -63.27
CA ILE B 306 39.20 2.75 -62.07
C ILE B 306 40.02 2.17 -60.95
N SER B 307 40.06 0.86 -60.91
CA SER B 307 40.88 0.12 -59.98
C SER B 307 42.35 0.39 -60.23
N LYS B 308 42.75 0.41 -61.49
CA LYS B 308 44.16 0.56 -61.81
C LYS B 308 44.59 2.01 -61.74
N MET B 309 43.68 2.90 -61.38
CA MET B 309 44.00 4.31 -61.26
C MET B 309 44.36 4.65 -59.83
N TYR B 310 44.11 3.71 -58.92
CA TYR B 310 44.45 3.91 -57.53
C TYR B 310 45.93 3.75 -57.36
N PRO B 311 46.58 4.76 -56.79
CA PRO B 311 48.02 4.72 -56.64
C PRO B 311 48.45 4.12 -55.32
N GLY B 312 49.09 2.97 -55.37
CA GLY B 312 49.66 2.41 -54.18
C GLY B 312 48.84 1.34 -53.51
N ARG B 313 49.23 0.99 -52.29
CA ARG B 313 48.56 0.00 -51.51
C ARG B 313 47.49 0.65 -50.66
N ALA B 314 46.50 -0.13 -50.26
CA ALA B 314 45.44 0.43 -49.46
C ALA B 314 45.15 -0.43 -48.25
N SER B 315 44.55 0.17 -47.24
CA SER B 315 44.14 -0.54 -46.05
C SER B 315 43.31 -1.76 -46.37
N ALA B 316 43.50 -2.83 -45.61
CA ALA B 316 42.70 -4.02 -45.83
C ALA B 316 41.62 -4.09 -44.79
N SER B 317 41.55 -3.08 -43.96
CA SER B 317 40.65 -3.10 -42.83
C SER B 317 39.20 -3.08 -43.29
N PRO B 318 38.82 -2.19 -44.22
CA PRO B 318 37.42 -2.29 -44.63
C PRO B 318 37.06 -3.57 -45.37
N SER B 319 37.97 -4.16 -46.14
CA SER B 319 37.70 -5.44 -46.74
C SER B 319 37.48 -6.51 -45.70
N LEU B 320 38.24 -6.47 -44.62
CA LEU B 320 38.16 -7.52 -43.60
C LEU B 320 36.88 -7.40 -42.78
N ASP B 321 36.42 -6.18 -42.54
CA ASP B 321 35.17 -5.97 -41.85
C ASP B 321 33.99 -6.55 -42.62
N VAL B 322 33.97 -6.39 -43.92
CA VAL B 322 32.80 -6.81 -44.66
C VAL B 322 32.89 -8.28 -44.94
N LEU B 323 34.10 -8.84 -44.96
CA LEU B 323 34.26 -10.26 -45.17
C LEU B 323 33.77 -11.03 -43.93
N ILE B 324 34.09 -10.50 -42.76
CA ILE B 324 33.62 -11.07 -41.52
C ILE B 324 32.12 -10.96 -41.41
N SER B 325 31.57 -9.81 -41.79
CA SER B 325 30.13 -9.59 -41.70
C SER B 325 29.30 -10.45 -42.65
N LEU B 326 29.74 -10.63 -43.87
CA LEU B 326 28.97 -11.40 -44.82
C LEU B 326 29.09 -12.89 -44.57
N LEU B 327 30.23 -13.31 -44.04
CA LEU B 327 30.40 -14.71 -43.71
C LEU B 327 29.62 -15.06 -42.45
N SER B 328 29.49 -14.11 -41.54
CA SER B 328 28.72 -14.33 -40.35
C SER B 328 27.23 -14.24 -40.61
N LEU B 329 26.82 -13.33 -41.48
CA LEU B 329 25.41 -13.17 -41.80
C LEU B 329 24.96 -14.22 -42.78
N GLY B 330 25.74 -14.47 -43.81
CA GLY B 330 25.28 -15.35 -44.86
C GLY B 330 24.28 -14.62 -45.72
N SER B 331 23.98 -15.16 -46.89
CA SER B 331 23.04 -14.49 -47.76
C SER B 331 21.66 -14.47 -47.15
N ASN B 332 21.30 -15.53 -46.41
CA ASN B 332 20.02 -15.57 -45.70
C ASN B 332 19.96 -14.52 -44.62
N GLY B 333 21.07 -14.30 -43.97
CA GLY B 333 21.13 -13.34 -42.91
C GLY B 333 21.00 -11.96 -43.48
N TYR B 334 21.55 -11.74 -44.66
CA TYR B 334 21.46 -10.42 -45.27
C TYR B 334 20.04 -10.19 -45.77
N LYS B 335 19.47 -11.17 -46.47
CA LYS B 335 18.10 -11.08 -46.93
C LYS B 335 17.13 -10.74 -45.80
N LYS B 336 17.28 -11.40 -44.67
CA LYS B 336 16.47 -11.10 -43.52
C LYS B 336 16.59 -9.65 -43.13
N LEU B 337 17.81 -9.14 -43.05
CA LEU B 337 17.99 -7.75 -42.70
C LEU B 337 17.28 -6.83 -43.68
N LEU B 338 17.20 -7.25 -44.94
CA LEU B 338 16.57 -6.47 -45.99
C LEU B 338 15.06 -6.51 -45.86
N LYS B 339 14.52 -7.69 -45.63
CA LYS B 339 13.09 -7.88 -45.39
C LYS B 339 12.61 -7.13 -44.17
N GLU B 340 13.42 -7.09 -43.13
CA GLU B 340 13.03 -6.38 -41.93
C GLU B 340 13.08 -4.88 -42.11
N ARG B 341 13.88 -4.40 -43.05
CA ARG B 341 13.99 -2.97 -43.25
C ARG B 341 12.74 -2.41 -43.87
N LYS B 342 12.14 -3.19 -44.76
CA LYS B 342 10.89 -2.82 -45.38
C LYS B 342 9.78 -2.78 -44.35
N GLU B 343 9.70 -3.84 -43.55
CA GLU B 343 8.70 -3.95 -42.51
C GLU B 343 8.77 -2.78 -41.55
N MET B 344 9.98 -2.36 -41.20
CA MET B 344 10.18 -1.27 -40.27
C MET B 344 9.92 0.04 -40.95
N PHE B 345 9.91 0.03 -42.28
CA PHE B 345 9.62 1.23 -43.02
C PHE B 345 8.12 1.45 -43.03
N SER B 346 7.36 0.38 -43.19
CA SER B 346 5.93 0.45 -43.07
C SER B 346 5.58 0.93 -41.67
N TYR B 347 6.14 0.27 -40.68
CA TYR B 347 5.82 0.57 -39.31
C TYR B 347 6.17 2.01 -38.98
N LEU B 348 7.31 2.48 -39.44
CA LEU B 348 7.78 3.82 -39.09
C LEU B 348 6.86 4.90 -39.66
N SER B 349 6.31 4.67 -40.85
CA SER B 349 5.46 5.70 -41.42
C SER B 349 4.11 5.68 -40.73
N ASN B 350 3.53 4.49 -40.59
CA ASN B 350 2.25 4.34 -39.91
C ASN B 350 2.28 5.00 -38.56
N GLN B 351 3.39 4.84 -37.86
CA GLN B 351 3.58 5.53 -36.60
C GLN B 351 3.75 7.02 -36.79
N ILE B 352 4.29 7.44 -37.92
CA ILE B 352 4.50 8.87 -38.12
C ILE B 352 3.20 9.47 -38.62
N LYS B 353 2.41 8.69 -39.34
CA LYS B 353 1.10 9.17 -39.71
C LYS B 353 0.33 9.46 -38.44
N LYS B 354 0.24 8.47 -37.57
CA LYS B 354 -0.42 8.66 -36.30
C LYS B 354 0.04 9.90 -35.61
N LEU B 355 1.28 9.89 -35.13
CA LEU B 355 1.81 10.99 -34.34
C LEU B 355 1.55 12.36 -34.95
N SER B 356 1.71 12.45 -36.27
CA SER B 356 1.55 13.70 -36.98
C SER B 356 0.13 14.22 -36.91
N GLU B 357 -0.83 13.32 -37.08
CA GLU B 357 -2.24 13.68 -37.02
C GLU B 357 -2.55 14.41 -35.73
N ALA B 358 -2.03 13.88 -34.63
CA ALA B 358 -2.29 14.44 -33.33
C ALA B 358 -1.70 15.82 -33.14
N TYR B 359 -0.87 16.27 -34.08
CA TYR B 359 -0.24 17.57 -33.94
C TYR B 359 -0.56 18.51 -35.07
N ASN B 360 -1.59 18.16 -35.84
CA ASN B 360 -1.99 18.93 -37.00
C ASN B 360 -0.87 19.00 -38.01
N GLU B 361 -0.14 17.89 -38.15
CA GLU B 361 0.90 17.77 -39.14
C GLU B 361 0.59 16.57 -40.01
N ARG B 362 1.34 16.38 -41.08
CA ARG B 362 1.09 15.25 -41.96
C ARG B 362 2.38 14.64 -42.49
N LEU B 363 2.29 13.38 -42.85
CA LEU B 363 3.36 12.67 -43.52
C LEU B 363 3.39 13.07 -44.98
N LEU B 364 4.40 13.80 -45.40
CA LEU B 364 4.54 14.21 -46.80
C LEU B 364 4.46 13.00 -47.69
N HIS B 365 3.69 13.10 -48.76
CA HIS B 365 3.49 11.97 -49.64
C HIS B 365 4.67 11.82 -50.59
N THR B 366 5.55 10.87 -50.28
CA THR B 366 6.76 10.63 -51.07
C THR B 366 6.96 9.16 -51.33
N PRO B 367 6.07 8.55 -52.10
CA PRO B 367 6.10 7.11 -52.32
C PRO B 367 7.32 6.61 -53.05
N HIS B 368 8.02 7.48 -53.75
CA HIS B 368 9.11 7.03 -54.60
C HIS B 368 10.39 6.87 -53.82
N ASN B 369 10.35 7.27 -52.55
CA ASN B 369 11.48 7.13 -51.66
C ASN B 369 11.28 5.98 -50.69
N PRO B 370 12.10 4.93 -50.81
CA PRO B 370 11.88 3.70 -50.05
C PRO B 370 12.65 3.63 -48.75
N ILE B 371 13.30 4.70 -48.34
CA ILE B 371 14.16 4.64 -47.16
C ILE B 371 13.89 5.81 -46.25
N SER B 372 13.60 6.98 -46.82
CA SER B 372 13.48 8.17 -46.01
C SER B 372 12.05 8.73 -45.99
N LEU B 373 11.62 9.21 -44.82
CA LEU B 373 10.31 9.78 -44.65
C LEU B 373 10.42 11.19 -44.15
N ALA B 374 9.37 11.98 -44.33
CA ALA B 374 9.38 13.31 -43.76
C ALA B 374 8.02 13.66 -43.21
N MET B 375 8.03 14.40 -42.11
CA MET B 375 6.81 14.87 -41.48
C MET B 375 6.85 16.38 -41.43
N THR B 376 5.75 17.02 -41.75
CA THR B 376 5.70 18.47 -41.76
C THR B 376 5.91 19.04 -40.37
N LEU B 377 6.46 20.24 -40.30
CA LEU B 377 6.51 21.00 -39.07
C LEU B 377 5.94 22.38 -39.30
N LYS B 378 4.78 22.42 -39.96
CA LYS B 378 4.17 23.68 -40.34
C LYS B 378 3.63 24.39 -39.11
N THR B 379 3.30 23.62 -38.09
CA THR B 379 2.85 24.15 -36.81
C THR B 379 3.83 25.12 -36.20
N LEU B 380 5.09 24.75 -36.21
CA LEU B 380 6.10 25.48 -35.47
C LEU B 380 6.58 26.72 -36.20
N ASP B 381 6.61 27.84 -35.50
CA ASP B 381 7.08 29.10 -36.07
C ASP B 381 8.55 29.31 -35.73
N GLU B 382 9.37 29.56 -36.75
CA GLU B 382 10.79 29.77 -36.56
C GLU B 382 11.17 31.25 -36.69
N HIS B 383 10.47 31.96 -37.57
CA HIS B 383 10.66 33.39 -37.69
C HIS B 383 10.30 34.07 -36.37
N ARG B 384 9.34 33.49 -35.67
CA ARG B 384 8.97 33.95 -34.34
C ARG B 384 9.10 32.80 -33.34
N ASP B 385 9.88 33.02 -32.29
CA ASP B 385 10.15 32.06 -31.22
C ASP B 385 11.11 30.93 -31.61
N LYS B 386 11.60 30.96 -32.85
CA LYS B 386 12.64 30.03 -33.33
C LYS B 386 12.40 28.58 -32.93
N ALA B 387 11.18 28.11 -33.11
CA ALA B 387 10.77 26.83 -32.56
C ALA B 387 11.31 25.63 -33.32
N VAL B 388 11.67 25.81 -34.58
CA VAL B 388 12.06 24.68 -35.40
C VAL B 388 13.53 24.34 -35.21
N THR B 389 14.36 25.37 -35.18
CA THR B 389 15.79 25.16 -35.02
C THR B 389 16.11 24.66 -33.63
N GLN B 390 15.15 24.76 -32.72
CA GLN B 390 15.36 24.33 -31.35
C GLN B 390 14.66 23.00 -31.07
N LEU B 391 14.13 22.37 -32.11
CA LEU B 391 13.60 21.02 -31.96
C LEU B 391 14.69 20.04 -32.38
N GLY B 392 15.60 20.53 -33.20
CA GLY B 392 16.73 19.74 -33.64
C GLY B 392 17.57 19.36 -32.44
N SER B 393 17.93 20.35 -31.64
CA SER B 393 18.77 20.11 -30.49
C SER B 393 18.00 19.41 -29.39
N MET B 394 16.70 19.62 -29.36
CA MET B 394 15.88 18.95 -28.36
C MET B 394 15.88 17.45 -28.61
N LEU B 395 15.72 17.05 -29.86
CA LEU B 395 15.74 15.63 -30.18
C LEU B 395 17.10 15.02 -29.93
N PHE B 396 18.14 15.83 -30.05
CA PHE B 396 19.49 15.34 -29.89
C PHE B 396 19.78 15.07 -28.44
N THR B 397 19.48 16.05 -27.60
CA THR B 397 19.63 15.93 -26.17
C THR B 397 18.95 14.68 -25.64
N ARG B 398 17.76 14.37 -26.14
CA ARG B 398 17.07 13.18 -25.68
C ARG B 398 17.51 11.96 -26.45
N GLN B 399 18.66 12.10 -27.11
CA GLN B 399 19.32 11.00 -27.81
C GLN B 399 18.47 10.36 -28.88
N VAL B 400 18.03 11.19 -29.82
CA VAL B 400 17.43 10.73 -31.05
C VAL B 400 18.43 10.99 -32.16
N SER B 401 19.17 9.97 -32.52
CA SER B 401 20.23 10.12 -33.50
C SER B 401 19.70 10.04 -34.91
N GLY B 402 20.24 10.87 -35.79
CA GLY B 402 19.89 10.80 -37.20
C GLY B 402 18.47 11.27 -37.49
N ALA B 403 17.90 12.06 -36.59
CA ALA B 403 16.63 12.71 -36.90
C ALA B 403 16.94 14.10 -37.40
N ARG B 404 16.66 14.35 -38.66
CA ARG B 404 17.09 15.57 -39.30
C ARG B 404 15.98 16.59 -39.33
N VAL B 405 16.27 17.79 -38.86
CA VAL B 405 15.29 18.86 -38.88
C VAL B 405 15.66 19.89 -39.92
N VAL B 406 14.76 20.13 -40.86
CA VAL B 406 15.02 20.96 -42.03
C VAL B 406 14.18 22.22 -42.01
N PRO B 407 14.77 23.35 -41.66
CA PRO B 407 14.05 24.62 -41.63
C PRO B 407 13.91 25.25 -43.00
N LEU B 408 13.22 26.37 -43.06
CA LEU B 408 13.07 27.07 -44.31
C LEU B 408 14.19 28.08 -44.45
N GLY B 409 14.61 28.32 -45.68
CA GLY B 409 15.51 29.43 -45.97
C GLY B 409 16.89 29.38 -45.37
N SER B 410 17.40 28.19 -45.12
CA SER B 410 18.75 28.09 -44.60
C SER B 410 19.74 28.29 -45.71
N MET B 411 20.66 29.22 -45.51
CA MET B 411 21.69 29.46 -46.49
C MET B 411 23.00 28.86 -46.04
N GLN B 412 23.81 28.43 -47.00
CA GLN B 412 24.97 27.62 -46.71
C GLN B 412 25.97 27.67 -47.85
N THR B 413 27.23 27.91 -47.52
CA THR B 413 28.28 27.91 -48.53
C THR B 413 29.18 26.69 -48.42
N VAL B 414 29.25 25.91 -49.48
CA VAL B 414 30.06 24.72 -49.52
C VAL B 414 31.06 24.81 -50.65
N SER B 415 32.34 24.96 -50.33
CA SER B 415 33.39 25.08 -51.33
C SER B 415 33.20 26.26 -52.26
N GLY B 416 32.63 27.35 -51.75
CA GLY B 416 32.44 28.54 -52.55
C GLY B 416 31.09 28.69 -53.22
N TYR B 417 30.41 27.59 -53.37
CA TYR B 417 29.09 27.65 -53.98
C TYR B 417 28.07 27.84 -52.88
N THR B 418 27.11 28.71 -53.14
CA THR B 418 26.15 29.07 -52.10
C THR B 418 24.78 28.48 -52.33
N PHE B 419 24.34 27.63 -51.40
CA PHE B 419 23.03 27.01 -51.52
C PHE B 419 21.98 27.83 -50.83
N ARG B 420 20.79 27.89 -51.41
CA ARG B 420 19.66 28.45 -50.72
C ARG B 420 18.76 27.33 -50.30
N GLY B 421 18.12 27.49 -49.15
CA GLY B 421 17.23 26.47 -48.63
C GLY B 421 17.97 25.18 -48.39
N PHE B 422 19.19 25.30 -47.88
CA PHE B 422 20.05 24.15 -47.74
C PHE B 422 19.44 23.17 -46.76
N MET B 423 19.71 21.90 -47.02
CA MET B 423 19.15 20.72 -46.36
C MET B 423 17.80 20.34 -46.89
N SER B 424 17.24 21.14 -47.81
CA SER B 424 15.90 20.90 -48.32
C SER B 424 15.92 20.56 -49.81
N HIS B 425 17.06 20.70 -50.46
CA HIS B 425 17.28 20.30 -51.86
C HIS B 425 16.55 21.17 -52.87
N THR B 426 16.14 22.35 -52.43
CA THR B 426 15.46 23.29 -53.30
C THR B 426 15.52 24.60 -52.55
N ASN B 427 15.20 25.71 -53.19
CA ASN B 427 15.44 27.00 -52.58
C ASN B 427 14.28 27.47 -51.72
N ASN B 428 13.09 27.00 -52.06
CA ASN B 428 11.91 27.25 -51.26
C ASN B 428 11.00 26.05 -51.26
N TYR B 429 11.25 25.11 -50.36
CA TYR B 429 10.28 24.05 -50.18
C TYR B 429 9.15 24.70 -49.42
N PRO B 430 7.91 24.25 -49.66
CA PRO B 430 6.74 24.83 -49.02
C PRO B 430 6.80 24.95 -47.49
N CYS B 431 7.36 23.95 -46.81
CA CYS B 431 7.27 23.93 -45.35
C CYS B 431 8.52 23.40 -44.69
N ALA B 432 8.65 23.62 -43.39
CA ALA B 432 9.68 22.98 -42.61
C ALA B 432 9.28 21.56 -42.31
N TYR B 433 10.23 20.64 -42.24
CA TYR B 433 9.86 19.27 -42.01
C TYR B 433 10.91 18.50 -41.23
N LEU B 434 10.60 17.26 -40.90
CA LEU B 434 11.48 16.45 -40.09
C LEU B 434 11.72 15.11 -40.77
N ASN B 435 12.98 14.69 -40.82
CA ASN B 435 13.35 13.45 -41.48
C ASN B 435 13.44 12.31 -40.52
N ALA B 436 13.18 11.10 -40.99
CA ALA B 436 13.46 9.90 -40.25
C ALA B 436 13.51 8.79 -41.25
N ALA B 437 14.29 7.76 -41.01
CA ALA B 437 14.46 6.75 -42.04
C ALA B 437 14.54 5.36 -41.48
N SER B 438 14.17 4.39 -42.31
CA SER B 438 14.33 3.00 -41.98
C SER B 438 15.53 2.40 -42.69
N ALA B 439 16.68 2.49 -42.06
CA ALA B 439 17.89 1.93 -42.63
C ALA B 439 18.18 0.56 -42.05
N ILE B 440 18.92 -0.25 -42.78
CA ILE B 440 19.18 -1.63 -42.43
C ILE B 440 19.66 -1.75 -41.00
N GLY B 441 19.12 -2.71 -40.27
CA GLY B 441 19.48 -2.92 -38.89
C GLY B 441 18.61 -2.18 -37.88
N MET B 442 17.55 -1.55 -38.36
CA MET B 442 16.65 -0.85 -37.45
C MET B 442 15.78 -1.86 -36.76
N LYS B 443 15.60 -1.68 -35.46
CA LYS B 443 14.77 -2.59 -34.68
C LYS B 443 13.55 -1.84 -34.19
N MET B 444 12.47 -2.56 -33.91
CA MET B 444 11.20 -1.94 -33.53
C MET B 444 11.36 -0.99 -32.37
N GLN B 445 12.26 -1.33 -31.46
CA GLN B 445 12.58 -0.46 -30.35
C GLN B 445 13.02 0.92 -30.82
N ASP B 446 13.69 0.97 -31.98
CA ASP B 446 14.20 2.23 -32.51
C ASP B 446 13.05 3.18 -32.85
N VAL B 447 12.02 2.65 -33.47
CA VAL B 447 10.89 3.47 -33.90
C VAL B 447 10.05 3.89 -32.71
N ASP B 448 9.71 2.92 -31.88
CA ASP B 448 8.89 3.17 -30.69
C ASP B 448 9.54 4.21 -29.80
N LEU B 449 10.85 4.14 -29.67
CA LEU B 449 11.56 5.13 -28.88
C LEU B 449 11.50 6.48 -29.54
N PHE B 450 11.60 6.51 -30.87
CA PHE B 450 11.60 7.77 -31.60
C PHE B 450 10.26 8.48 -31.51
N ILE B 451 9.19 7.76 -31.78
CA ILE B 451 7.86 8.34 -31.69
C ILE B 451 7.66 8.92 -30.31
N LYS B 452 8.04 8.14 -29.31
CA LYS B 452 7.85 8.54 -27.93
C LYS B 452 8.56 9.83 -27.58
N ARG B 453 9.76 10.02 -28.09
CA ARG B 453 10.51 11.21 -27.72
C ARG B 453 10.16 12.40 -28.58
N LEU B 454 9.62 12.14 -29.76
CA LEU B 454 9.17 13.22 -30.61
C LEU B 454 7.93 13.82 -29.98
N ASP B 455 7.05 12.94 -29.52
CA ASP B 455 5.86 13.32 -28.80
C ASP B 455 6.20 14.23 -27.63
N ARG B 456 7.14 13.81 -26.79
CA ARG B 456 7.53 14.63 -25.65
C ARG B 456 8.15 15.92 -26.13
N CYS B 457 8.80 15.87 -27.27
CA CYS B 457 9.50 17.04 -27.78
C CYS B 457 8.53 18.06 -28.33
N LEU B 458 7.53 17.59 -29.07
CA LEU B 458 6.52 18.49 -29.61
C LEU B 458 5.70 19.09 -28.49
N LYS B 459 5.21 18.25 -27.57
CA LYS B 459 4.48 18.71 -26.40
C LYS B 459 5.24 19.82 -25.70
N ALA B 460 6.54 19.64 -25.57
CA ALA B 460 7.40 20.63 -24.91
C ALA B 460 7.38 21.94 -25.66
N VAL B 461 7.74 21.89 -26.94
CA VAL B 461 7.78 23.09 -27.77
C VAL B 461 6.53 23.94 -27.59
N ARG B 462 5.46 23.30 -27.14
CA ARG B 462 4.19 24.00 -26.91
C ARG B 462 4.25 24.83 -25.64
N LYS B 463 5.03 25.92 -25.69
CA LYS B 463 5.17 26.80 -24.53
C LYS B 463 4.98 28.26 -24.94
N GLU C 23 -36.27 -3.68 11.36
CA GLU C 23 -35.29 -3.96 10.32
C GLU C 23 -34.27 -2.85 10.26
N ALA C 24 -34.44 -1.86 11.13
CA ALA C 24 -33.38 -0.90 11.38
C ALA C 24 -32.69 -1.39 12.64
N ARG C 25 -33.29 -2.42 13.22
CA ARG C 25 -32.65 -3.22 14.25
C ARG C 25 -31.34 -3.78 13.71
N ARG C 26 -31.29 -3.99 12.40
CA ARG C 26 -30.10 -4.49 11.73
C ARG C 26 -28.95 -3.51 11.91
N SER C 27 -29.25 -2.26 12.22
CA SER C 27 -28.19 -1.30 12.47
C SER C 27 -27.62 -1.51 13.86
N HIS C 28 -28.43 -2.04 14.77
CA HIS C 28 -27.96 -2.33 16.12
C HIS C 28 -27.18 -3.63 16.12
N GLU C 29 -27.68 -4.63 15.42
CA GLU C 29 -27.00 -5.91 15.29
C GLU C 29 -25.60 -5.72 14.79
N HIS C 30 -25.44 -4.79 13.87
CA HIS C 30 -24.16 -4.56 13.24
C HIS C 30 -23.13 -3.99 14.18
N LEU C 31 -23.55 -3.10 15.07
CA LEU C 31 -22.63 -2.55 16.04
C LEU C 31 -22.17 -3.66 16.95
N ILE C 32 -23.10 -4.50 17.37
CA ILE C 32 -22.84 -5.61 18.25
C ILE C 32 -22.02 -6.69 17.59
N ARG C 33 -22.32 -7.03 16.35
CA ARG C 33 -21.51 -8.01 15.63
C ARG C 33 -20.08 -7.55 15.54
N LEU C 34 -19.88 -6.25 15.41
CA LEU C 34 -18.56 -5.68 15.22
C LEU C 34 -17.76 -5.73 16.51
N LEU C 35 -18.46 -5.64 17.62
CA LEU C 35 -17.82 -5.70 18.93
C LEU C 35 -17.32 -7.10 19.19
N LEU C 36 -18.15 -8.10 18.93
CA LEU C 36 -17.81 -9.48 19.25
C LEU C 36 -16.83 -10.06 18.27
N GLU C 37 -16.73 -9.46 17.10
CA GLU C 37 -15.86 -9.99 16.06
C GLU C 37 -14.43 -9.53 16.22
N LYS C 38 -14.24 -8.26 16.51
CA LYS C 38 -12.90 -7.70 16.54
C LYS C 38 -12.46 -7.35 17.95
N GLY C 39 -13.40 -7.28 18.88
CA GLY C 39 -13.07 -7.08 20.27
C GLY C 39 -12.47 -5.74 20.63
N LYS C 40 -12.61 -4.74 19.78
CA LYS C 40 -12.09 -3.41 20.08
C LYS C 40 -13.19 -2.48 20.54
N CYS C 41 -12.85 -1.39 21.22
CA CYS C 41 -13.85 -0.39 21.56
C CYS C 41 -14.48 0.15 20.32
N PRO C 42 -15.75 0.50 20.37
CA PRO C 42 -16.25 1.29 19.26
C PRO C 42 -15.53 2.62 19.29
N GLU C 43 -15.34 3.26 18.15
CA GLU C 43 -14.66 4.54 18.16
C GLU C 43 -15.55 5.61 18.75
N ASN C 44 -16.78 5.68 18.27
CA ASN C 44 -17.75 6.55 18.89
C ASN C 44 -18.65 5.72 19.77
N GLY C 45 -19.04 6.29 20.90
CA GLY C 45 -19.89 5.59 21.84
C GLY C 45 -21.17 5.09 21.23
N TRP C 46 -21.60 3.91 21.68
CA TRP C 46 -22.90 3.39 21.40
C TRP C 46 -23.94 4.28 22.04
N ASP C 47 -25.13 4.36 21.43
CA ASP C 47 -26.28 4.93 22.11
C ASP C 47 -26.68 4.02 23.24
N GLU C 48 -27.31 4.55 24.28
CA GLU C 48 -27.79 3.71 25.37
C GLU C 48 -28.70 2.60 24.89
N SER C 49 -29.48 2.85 23.84
CA SER C 49 -30.40 1.85 23.36
C SER C 49 -29.67 0.62 22.85
N THR C 50 -28.51 0.83 22.25
CA THR C 50 -27.74 -0.29 21.75
C THR C 50 -27.06 -0.98 22.91
N LEU C 51 -26.61 -0.20 23.87
CA LEU C 51 -25.94 -0.77 25.01
C LEU C 51 -26.86 -1.71 25.74
N GLU C 52 -28.04 -1.26 26.10
CA GLU C 52 -28.98 -2.07 26.88
C GLU C 52 -29.62 -3.18 26.08
N LEU C 53 -29.77 -3.02 24.78
CA LEU C 53 -30.19 -4.12 23.94
C LEU C 53 -29.15 -5.23 24.04
N PHE C 54 -27.88 -4.87 23.96
CA PHE C 54 -26.79 -5.82 24.06
C PHE C 54 -26.72 -6.47 25.44
N LEU C 55 -26.86 -5.68 26.49
CA LEU C 55 -26.82 -6.23 27.83
C LEU C 55 -27.96 -7.22 28.07
N HIS C 56 -29.13 -6.91 27.56
CA HIS C 56 -30.26 -7.78 27.75
C HIS C 56 -30.08 -9.06 27.01
N GLU C 57 -29.32 -9.05 25.95
CA GLU C 57 -29.16 -10.24 25.16
C GLU C 57 -28.07 -11.12 25.70
N LEU C 58 -27.15 -10.55 26.47
CA LEU C 58 -26.17 -11.37 27.16
C LEU C 58 -26.83 -12.00 28.37
N ALA C 59 -27.63 -11.22 29.07
CA ALA C 59 -28.21 -11.68 30.31
C ALA C 59 -29.16 -12.84 30.13
N ILE C 60 -29.87 -12.89 29.03
CA ILE C 60 -30.80 -13.99 28.86
C ILE C 60 -30.08 -15.22 28.34
N MET C 61 -28.77 -15.13 28.21
CA MET C 61 -27.98 -16.28 27.83
C MET C 61 -27.56 -17.06 29.06
N ASP C 62 -27.62 -16.42 30.21
CA ASP C 62 -27.31 -17.08 31.47
C ASP C 62 -28.44 -17.99 31.89
N SER C 63 -28.10 -19.17 32.36
CA SER C 63 -29.09 -20.19 32.67
C SER C 63 -30.10 -19.71 33.69
N ASN C 64 -29.71 -18.82 34.59
CA ASN C 64 -30.65 -18.39 35.60
C ASN C 64 -31.76 -17.55 35.01
N ASN C 65 -31.62 -17.15 33.76
CA ASN C 65 -32.64 -16.34 33.14
C ASN C 65 -33.39 -17.11 32.07
N PHE C 66 -33.05 -18.37 31.88
CA PHE C 66 -33.79 -19.23 31.00
C PHE C 66 -35.21 -19.32 31.45
N LEU C 67 -36.14 -19.48 30.52
CA LEU C 67 -37.52 -19.54 30.93
C LEU C 67 -37.91 -20.91 31.44
N GLY C 68 -37.41 -21.95 30.81
CA GLY C 68 -37.78 -23.30 31.21
C GLY C 68 -36.83 -23.91 32.21
N ASN C 69 -36.06 -23.07 32.88
CA ASN C 69 -35.02 -23.52 33.78
C ASN C 69 -35.56 -24.05 35.09
N CYS C 70 -34.90 -25.07 35.62
CA CYS C 70 -35.09 -25.48 36.99
C CYS C 70 -33.72 -25.60 37.60
N GLY C 71 -33.61 -25.26 38.86
CA GLY C 71 -32.33 -25.34 39.54
C GLY C 71 -32.39 -26.19 40.77
N VAL C 72 -31.57 -27.22 40.83
CA VAL C 72 -31.48 -28.04 42.01
C VAL C 72 -30.07 -28.06 42.57
N GLY C 73 -29.36 -26.96 42.43
CA GLY C 73 -28.02 -26.85 42.96
C GLY C 73 -27.98 -25.83 44.07
N GLU C 74 -26.79 -25.50 44.54
CA GLU C 74 -26.67 -24.62 45.69
C GLU C 74 -26.30 -23.23 45.28
N ARG C 75 -25.80 -23.08 44.07
CA ARG C 75 -25.48 -21.80 43.47
C ARG C 75 -26.20 -21.68 42.15
N GLU C 76 -27.38 -21.10 42.18
CA GLU C 76 -28.24 -21.08 41.01
C GLU C 76 -28.52 -19.67 40.53
N GLY C 77 -27.94 -18.69 41.21
CA GLY C 77 -28.16 -17.31 40.84
C GLY C 77 -29.55 -16.84 41.15
N ARG C 78 -30.13 -17.35 42.21
CA ARG C 78 -31.45 -16.95 42.62
C ARG C 78 -31.33 -15.57 43.24
N VAL C 79 -32.34 -14.73 43.06
CA VAL C 79 -32.28 -13.35 43.54
C VAL C 79 -33.52 -12.99 44.30
N ALA C 80 -33.35 -12.61 45.55
CA ALA C 80 -34.48 -12.37 46.42
C ALA C 80 -35.13 -11.04 46.17
N SER C 81 -34.34 -10.06 45.78
CA SER C 81 -34.86 -8.71 45.59
C SER C 81 -34.80 -8.29 44.14
N ALA C 82 -35.88 -7.73 43.62
CA ALA C 82 -35.92 -7.33 42.22
C ALA C 82 -35.12 -6.08 41.99
N LEU C 83 -34.94 -5.26 43.00
CA LEU C 83 -34.02 -4.14 42.90
C LEU C 83 -32.58 -4.58 42.63
N VAL C 84 -32.19 -5.69 43.24
CA VAL C 84 -30.86 -6.22 43.02
C VAL C 84 -30.73 -6.84 41.65
N ALA C 85 -31.72 -7.57 41.18
CA ALA C 85 -31.59 -8.20 39.88
C ALA C 85 -31.53 -7.18 38.74
N ARG C 86 -32.32 -6.12 38.87
CA ARG C 86 -32.43 -5.12 37.84
C ARG C 86 -31.20 -4.25 37.74
N ARG C 87 -30.59 -3.93 38.88
CA ARG C 87 -29.49 -3.00 38.88
C ARG C 87 -28.23 -3.67 38.40
N HIS C 88 -28.29 -4.97 38.21
CA HIS C 88 -27.20 -5.73 37.65
C HIS C 88 -27.55 -6.31 36.30
N TYR C 89 -28.63 -5.84 35.70
CA TYR C 89 -29.02 -6.26 34.38
C TYR C 89 -29.17 -7.77 34.32
N ARG C 90 -29.52 -8.35 35.47
CA ARG C 90 -29.85 -9.76 35.64
C ARG C 90 -28.64 -10.67 35.49
N PHE C 91 -27.46 -10.12 35.76
CA PHE C 91 -26.24 -10.89 35.79
C PHE C 91 -25.92 -11.29 37.22
N ILE C 92 -26.09 -12.56 37.52
CA ILE C 92 -26.02 -13.02 38.90
C ILE C 92 -24.86 -13.97 39.17
N HIS C 93 -24.46 -14.72 38.16
CA HIS C 93 -23.51 -15.79 38.29
C HIS C 93 -22.05 -15.42 38.37
N GLY C 94 -21.73 -14.14 38.35
CA GLY C 94 -20.33 -13.73 38.41
C GLY C 94 -19.47 -14.16 37.25
N ILE C 95 -18.17 -14.05 37.39
CA ILE C 95 -17.27 -14.45 36.32
C ILE C 95 -16.45 -15.67 36.72
N GLY C 96 -16.19 -16.55 35.75
CA GLY C 96 -15.33 -17.69 35.95
C GLY C 96 -15.98 -18.91 36.57
N ARG C 97 -15.16 -19.94 36.81
CA ARG C 97 -15.59 -21.11 37.55
C ARG C 97 -14.80 -21.16 38.85
N SER C 98 -15.02 -22.19 39.65
CA SER C 98 -14.30 -22.34 40.92
C SER C 98 -12.84 -22.70 40.75
N GLY C 99 -12.54 -23.42 39.68
CA GLY C 99 -11.17 -23.83 39.46
C GLY C 99 -10.38 -22.81 38.69
N ASP C 100 -11.07 -21.92 38.01
CA ASP C 100 -10.44 -21.04 37.03
C ASP C 100 -11.30 -19.79 36.79
N ILE C 101 -10.81 -18.64 37.23
CA ILE C 101 -11.56 -17.39 37.12
C ILE C 101 -11.69 -16.92 35.67
N SER C 102 -11.01 -17.60 34.77
CA SER C 102 -10.96 -17.17 33.38
C SER C 102 -11.71 -18.11 32.45
N ALA C 103 -12.13 -19.26 32.96
CA ALA C 103 -12.79 -20.25 32.13
C ALA C 103 -14.26 -19.90 31.96
N VAL C 104 -14.83 -20.29 30.84
CA VAL C 104 -16.24 -19.98 30.60
C VAL C 104 -17.08 -20.78 31.55
N GLN C 105 -18.22 -20.22 31.94
CA GLN C 105 -19.12 -20.86 32.86
C GLN C 105 -20.34 -21.35 32.13
N PRO C 106 -20.43 -22.66 31.86
CA PRO C 106 -21.54 -23.17 31.06
C PRO C 106 -22.90 -22.89 31.67
N LYS C 107 -22.91 -22.59 32.96
CA LYS C 107 -24.12 -22.20 33.64
C LYS C 107 -24.41 -20.73 33.38
N ALA C 108 -23.43 -20.01 32.87
CA ALA C 108 -23.57 -18.59 32.62
C ALA C 108 -22.86 -18.16 31.34
N ALA C 109 -23.39 -18.57 30.20
CA ALA C 109 -22.71 -18.32 28.94
C ALA C 109 -22.65 -16.85 28.62
N GLY C 110 -23.65 -16.11 29.08
CA GLY C 110 -23.72 -14.70 28.76
C GLY C 110 -22.77 -13.92 29.60
N SER C 111 -22.66 -14.28 30.87
CA SER C 111 -21.72 -13.64 31.76
C SER C 111 -20.29 -13.89 31.34
N SER C 112 -20.03 -15.05 30.77
CA SER C 112 -18.68 -15.38 30.31
C SER C 112 -18.29 -14.56 29.13
N LEU C 113 -19.19 -14.43 28.19
CA LEU C 113 -19.00 -13.57 27.04
C LEU C 113 -18.77 -12.12 27.47
N LEU C 114 -19.49 -11.66 28.47
CA LEU C 114 -19.31 -10.33 29.00
C LEU C 114 -17.90 -10.12 29.49
N ASN C 115 -17.38 -11.11 30.21
CA ASN C 115 -16.03 -11.06 30.75
C ASN C 115 -14.96 -11.10 29.68
N LYS C 116 -15.16 -11.88 28.63
CA LYS C 116 -14.20 -11.94 27.53
C LYS C 116 -14.18 -10.63 26.76
N ILE C 117 -15.34 -10.04 26.55
CA ILE C 117 -15.46 -8.76 25.89
C ILE C 117 -14.85 -7.62 26.71
N THR C 118 -15.06 -7.61 28.03
CA THR C 118 -14.49 -6.54 28.84
C THR C 118 -12.98 -6.58 28.83
N ASN C 119 -12.41 -7.77 28.91
CA ASN C 119 -10.98 -7.91 28.93
C ASN C 119 -10.41 -7.45 27.62
N SER C 120 -11.11 -7.77 26.56
CA SER C 120 -10.70 -7.36 25.22
C SER C 120 -10.80 -5.86 25.01
N LEU C 121 -11.76 -5.19 25.62
CA LEU C 121 -11.84 -3.75 25.46
C LEU C 121 -10.77 -3.09 26.27
N VAL C 122 -10.54 -3.62 27.46
CA VAL C 122 -9.56 -3.04 28.35
C VAL C 122 -8.15 -3.23 27.78
N LEU C 123 -7.89 -4.34 27.12
CA LEU C 123 -6.62 -4.53 26.43
C LEU C 123 -6.43 -3.45 25.38
N ASP C 124 -7.49 -3.17 24.64
CA ASP C 124 -7.47 -2.16 23.61
C ASP C 124 -7.15 -0.79 24.17
N ILE C 125 -7.79 -0.43 25.26
CA ILE C 125 -7.57 0.85 25.87
C ILE C 125 -6.15 0.95 26.43
N ILE C 126 -5.57 -0.16 26.84
CA ILE C 126 -4.21 -0.12 27.36
C ILE C 126 -3.24 0.11 26.21
N LYS C 127 -3.54 -0.42 25.03
CA LYS C 127 -2.79 -0.11 23.84
C LYS C 127 -2.93 1.35 23.45
N LEU C 128 -4.16 1.83 23.33
CA LEU C 128 -4.43 3.21 22.97
C LEU C 128 -3.79 4.21 23.93
N ALA C 129 -3.51 3.78 25.16
CA ALA C 129 -3.03 4.68 26.18
C ALA C 129 -1.54 4.70 26.25
N GLY C 130 -0.86 3.83 25.54
CA GLY C 130 0.58 3.86 25.58
C GLY C 130 1.35 2.55 25.50
N VAL C 131 0.87 1.51 26.16
CA VAL C 131 1.58 0.24 26.15
C VAL C 131 1.08 -0.63 25.02
N HIS C 132 1.52 -0.34 23.82
CA HIS C 132 1.05 -1.06 22.65
C HIS C 132 1.51 -2.50 22.66
N THR C 133 2.53 -2.80 23.46
CA THR C 133 3.14 -4.12 23.48
C THR C 133 2.57 -5.06 24.55
N VAL C 134 1.45 -4.67 25.14
CA VAL C 134 0.81 -5.50 26.15
C VAL C 134 0.29 -6.76 25.48
N ALA C 135 0.47 -7.90 26.14
CA ALA C 135 0.18 -9.17 25.51
C ALA C 135 -1.13 -9.73 25.97
N ASN C 136 -1.43 -9.50 27.23
CA ASN C 136 -2.59 -10.08 27.85
C ASN C 136 -2.93 -9.34 29.12
N CYS C 137 -4.21 -9.29 29.45
CA CYS C 137 -4.64 -8.68 30.68
C CYS C 137 -5.95 -9.29 31.11
N PHE C 138 -6.37 -9.02 32.34
CA PHE C 138 -7.70 -9.39 32.76
C PHE C 138 -8.18 -8.49 33.86
N VAL C 139 -9.49 -8.28 33.93
CA VAL C 139 -10.10 -7.53 35.01
C VAL C 139 -10.31 -8.45 36.19
N VAL C 140 -10.01 -7.95 37.39
CA VAL C 140 -10.14 -8.72 38.59
C VAL C 140 -10.89 -7.89 39.63
N PRO C 141 -11.94 -8.45 40.22
CA PRO C 141 -12.79 -7.70 41.13
C PRO C 141 -12.19 -7.40 42.49
N MET C 142 -10.94 -6.98 42.51
CA MET C 142 -10.28 -6.59 43.75
C MET C 142 -9.65 -5.26 43.50
N ALA C 143 -9.40 -4.48 44.55
CA ALA C 143 -8.74 -3.22 44.34
C ALA C 143 -7.30 -3.45 43.92
N THR C 144 -6.53 -2.39 43.83
CA THR C 144 -5.20 -2.50 43.29
C THR C 144 -4.25 -3.13 44.27
N GLY C 145 -4.39 -2.79 45.54
CA GLY C 145 -3.64 -3.43 46.59
C GLY C 145 -3.76 -4.95 46.55
N MET C 146 -4.97 -5.48 46.63
CA MET C 146 -5.14 -6.93 46.64
C MET C 146 -4.68 -7.54 45.35
N SER C 147 -4.75 -6.79 44.27
CA SER C 147 -4.38 -7.33 42.98
C SER C 147 -2.89 -7.46 42.93
N LEU C 148 -2.18 -6.50 43.49
CA LEU C 148 -0.75 -6.63 43.67
C LEU C 148 -0.47 -7.85 44.54
N THR C 149 -1.19 -8.02 45.63
CA THR C 149 -1.04 -9.20 46.47
C THR C 149 -1.19 -10.50 45.69
N LEU C 150 -2.21 -10.60 44.85
CA LEU C 150 -2.39 -11.78 44.02
C LEU C 150 -1.18 -12.05 43.14
N CYS C 151 -0.51 -10.99 42.72
CA CYS C 151 0.69 -11.12 41.92
C CYS C 151 1.78 -11.75 42.74
N PHE C 152 1.96 -11.24 43.93
CA PHE C 152 2.99 -11.72 44.82
C PHE C 152 2.73 -13.16 45.22
N LEU C 153 1.48 -13.54 45.37
CA LEU C 153 1.14 -14.88 45.76
C LEU C 153 1.42 -15.84 44.63
N THR C 154 1.40 -15.36 43.40
CA THR C 154 1.65 -16.22 42.26
C THR C 154 3.15 -16.48 42.13
N LEU C 155 3.94 -15.51 42.54
CA LEU C 155 5.37 -15.55 42.34
C LEU C 155 6.01 -16.49 43.34
N ARG C 156 5.39 -16.61 44.51
CA ARG C 156 5.90 -17.46 45.56
C ARG C 156 6.15 -18.85 45.05
N HIS C 157 5.21 -19.36 44.28
CA HIS C 157 5.31 -20.70 43.76
C HIS C 157 6.39 -20.82 42.71
N LYS C 158 6.73 -19.71 42.07
CA LYS C 158 7.77 -19.75 41.06
C LYS C 158 9.14 -19.51 41.69
N ARG C 159 9.16 -18.88 42.86
CA ARG C 159 10.40 -18.57 43.57
C ARG C 159 10.31 -18.93 45.05
N PRO C 160 10.36 -20.23 45.35
CA PRO C 160 10.11 -20.75 46.70
C PRO C 160 11.12 -20.29 47.74
N LYS C 161 12.25 -19.77 47.32
CA LYS C 161 13.28 -19.38 48.26
C LYS C 161 13.17 -17.92 48.60
N ALA C 162 12.27 -17.23 47.92
CA ALA C 162 12.18 -15.78 47.99
C ALA C 162 11.49 -15.32 49.24
N LYS C 163 12.00 -14.24 49.82
CA LYS C 163 11.50 -13.78 51.09
C LYS C 163 11.26 -12.28 51.07
N TYR C 164 11.96 -11.57 50.19
CA TYR C 164 11.92 -10.12 50.19
C TYR C 164 11.38 -9.56 48.91
N ILE C 165 10.71 -8.42 49.04
CA ILE C 165 10.30 -7.64 47.89
C ILE C 165 10.98 -6.29 48.00
N ILE C 166 11.72 -5.91 46.97
CA ILE C 166 12.46 -4.66 46.99
C ILE C 166 11.60 -3.56 46.42
N TRP C 167 11.46 -2.47 47.16
CA TRP C 167 10.38 -1.54 46.96
C TRP C 167 10.80 -0.11 47.13
N PRO C 168 10.98 0.63 46.04
CA PRO C 168 11.31 2.04 46.18
C PRO C 168 10.18 2.80 46.86
N ARG C 169 10.48 3.50 47.95
CA ARG C 169 9.46 3.99 48.85
C ARG C 169 8.39 4.87 48.21
N ILE C 170 7.14 4.59 48.54
CA ILE C 170 6.01 5.49 48.31
C ILE C 170 5.03 5.40 49.46
N ASP C 171 4.75 6.52 50.09
CA ASP C 171 3.93 6.52 51.27
C ASP C 171 2.45 6.38 50.98
N GLN C 172 2.05 5.17 50.64
CA GLN C 172 0.67 4.83 50.37
C GLN C 172 0.40 3.50 51.04
N LYS C 173 -0.57 3.44 51.94
CA LYS C 173 -0.70 2.29 52.81
C LYS C 173 -1.16 1.04 52.12
N SER C 174 -1.73 1.14 50.93
CA SER C 174 -2.30 -0.03 50.30
C SER C 174 -1.29 -0.85 49.56
N CYS C 175 -0.40 -0.22 48.83
CA CYS C 175 0.58 -0.97 48.07
C CYS C 175 1.66 -1.50 49.00
N PHE C 176 1.93 -0.78 50.07
CA PHE C 176 2.83 -1.27 51.09
C PHE C 176 2.26 -2.53 51.72
N LYS C 177 1.03 -2.45 52.20
CA LYS C 177 0.44 -3.58 52.88
C LYS C 177 0.26 -4.77 51.97
N SER C 178 0.16 -4.54 50.69
CA SER C 178 -0.04 -5.64 49.77
C SER C 178 1.07 -6.64 49.84
N MET C 179 2.25 -6.18 50.20
CA MET C 179 3.43 -7.04 50.22
C MET C 179 3.43 -7.84 51.50
N ILE C 180 2.98 -7.23 52.58
CA ILE C 180 2.91 -7.88 53.87
C ILE C 180 1.76 -8.88 53.90
N THR C 181 0.65 -8.50 53.30
CA THR C 181 -0.50 -9.38 53.19
C THR C 181 -0.17 -10.63 52.38
N ALA C 182 0.74 -10.53 51.43
CA ALA C 182 1.11 -11.69 50.65
C ALA C 182 2.10 -12.54 51.39
N GLY C 183 2.61 -12.01 52.50
CA GLY C 183 3.48 -12.76 53.38
C GLY C 183 4.96 -12.60 53.08
N PHE C 184 5.36 -11.43 52.62
CA PHE C 184 6.74 -11.18 52.31
C PHE C 184 7.22 -9.98 53.09
N GLU C 185 8.53 -9.76 53.11
CA GLU C 185 9.07 -8.62 53.82
C GLU C 185 9.44 -7.54 52.84
N PRO C 186 8.88 -6.36 53.02
CA PRO C 186 9.24 -5.29 52.12
C PRO C 186 10.59 -4.75 52.49
N VAL C 187 11.46 -4.62 51.50
CA VAL C 187 12.71 -3.93 51.70
C VAL C 187 12.52 -2.52 51.20
N VAL C 188 12.40 -1.58 52.12
CA VAL C 188 12.15 -0.20 51.76
C VAL C 188 13.41 0.52 51.33
N ILE C 189 13.50 0.80 50.03
CA ILE C 189 14.61 1.55 49.46
C ILE C 189 14.27 3.02 49.42
N GLU C 190 14.81 3.83 50.32
CA GLU C 190 14.56 5.26 50.33
C GLU C 190 14.89 5.90 48.99
N ASN C 191 14.33 7.08 48.73
CA ASN C 191 14.54 7.73 47.45
C ASN C 191 15.64 8.76 47.49
N VAL C 192 16.12 9.17 46.32
CA VAL C 192 17.12 10.21 46.28
C VAL C 192 16.48 11.52 45.91
N LEU C 193 16.85 12.58 46.61
CA LEU C 193 16.30 13.90 46.36
C LEU C 193 17.09 14.64 45.29
N GLU C 194 16.52 14.76 44.11
CA GLU C 194 17.14 15.50 43.02
C GLU C 194 16.36 16.75 42.69
N GLY C 195 16.78 17.89 43.21
CA GLY C 195 16.02 19.09 42.99
C GLY C 195 14.92 19.09 44.01
N ASP C 196 13.68 19.24 43.56
CA ASP C 196 12.54 19.15 44.45
C ASP C 196 11.94 17.76 44.40
N GLU C 197 12.33 17.01 43.38
CA GLU C 197 11.82 15.69 43.13
C GLU C 197 12.47 14.59 43.94
N LEU C 198 11.72 13.54 44.26
CA LEU C 198 12.27 12.35 44.88
C LEU C 198 12.25 11.25 43.85
N ARG C 199 13.38 10.58 43.65
CA ARG C 199 13.45 9.64 42.55
C ARG C 199 14.06 8.33 42.97
N THR C 200 14.06 7.37 42.08
CA THR C 200 14.60 6.06 42.36
C THR C 200 16.07 6.10 42.67
N ASP C 201 16.48 5.45 43.75
CA ASP C 201 17.87 5.30 44.07
C ASP C 201 18.37 4.02 43.46
N LEU C 202 18.66 4.07 42.17
CA LEU C 202 19.08 2.91 41.42
C LEU C 202 20.34 2.25 41.98
N LYS C 203 21.13 3.01 42.69
CA LYS C 203 22.37 2.50 43.22
C LYS C 203 22.00 1.56 44.33
N ALA C 204 21.12 2.03 45.21
CA ALA C 204 20.72 1.28 46.39
C ALA C 204 19.94 0.03 46.05
N VAL C 205 19.16 0.09 44.99
CA VAL C 205 18.38 -1.06 44.57
C VAL C 205 19.31 -2.21 44.21
N GLU C 206 20.33 -1.93 43.41
CA GLU C 206 21.26 -2.97 43.00
C GLU C 206 22.18 -3.37 44.14
N ALA C 207 22.47 -2.45 45.03
CA ALA C 207 23.30 -2.77 46.18
C ALA C 207 22.58 -3.74 47.10
N LYS C 208 21.26 -3.59 47.17
CA LYS C 208 20.44 -4.42 48.04
C LYS C 208 20.19 -5.76 47.39
N VAL C 209 20.07 -5.78 46.06
CA VAL C 209 19.93 -7.02 45.35
C VAL C 209 21.12 -7.91 45.63
N GLN C 210 22.29 -7.30 45.57
CA GLN C 210 23.51 -8.04 45.75
C GLN C 210 23.72 -8.40 47.19
N GLU C 211 23.27 -7.56 48.11
CA GLU C 211 23.44 -7.84 49.52
C GLU C 211 22.63 -9.04 49.95
N LEU C 212 21.44 -9.19 49.39
CA LEU C 212 20.52 -10.24 49.81
C LEU C 212 20.60 -11.42 48.89
N GLY C 213 20.84 -11.16 47.61
CA GLY C 213 21.00 -12.21 46.65
C GLY C 213 19.73 -12.44 45.88
N PRO C 214 19.81 -12.45 44.55
CA PRO C 214 18.70 -12.69 43.64
C PRO C 214 17.74 -13.77 44.10
N ASP C 215 18.25 -14.95 44.42
CA ASP C 215 17.42 -16.05 44.86
C ASP C 215 16.48 -15.69 46.00
N CYS C 216 16.84 -14.71 46.82
CA CYS C 216 16.06 -14.36 47.99
C CYS C 216 15.13 -13.20 47.74
N ILE C 217 15.10 -12.73 46.50
CA ILE C 217 14.26 -11.60 46.14
C ILE C 217 13.05 -12.09 45.37
N LEU C 218 11.86 -11.79 45.85
CA LEU C 218 10.67 -12.25 45.16
C LEU C 218 10.46 -11.47 43.89
N CYS C 219 10.66 -10.16 43.98
CA CYS C 219 10.48 -9.30 42.85
C CYS C 219 10.91 -7.91 43.22
N ILE C 220 11.05 -7.05 42.22
CA ILE C 220 11.15 -5.63 42.48
C ILE C 220 9.77 -5.04 42.25
N HIS C 221 9.37 -4.13 43.12
CA HIS C 221 8.03 -3.59 43.14
C HIS C 221 8.09 -2.10 42.96
N SER C 222 7.89 -1.63 41.75
CA SER C 222 8.02 -0.21 41.46
C SER C 222 6.68 0.46 41.28
N THR C 223 6.67 1.78 41.33
CA THR C 223 5.46 2.58 41.24
C THR C 223 5.56 3.69 40.20
N THR C 224 4.63 3.77 39.26
CA THR C 224 4.58 4.93 38.39
C THR C 224 3.72 6.12 38.82
N SER C 225 2.47 5.90 39.13
CA SER C 225 1.59 7.00 39.48
C SER C 225 1.77 7.22 40.95
N CYS C 226 1.89 8.45 41.39
CA CYS C 226 2.17 8.76 42.78
C CYS C 226 2.05 10.23 43.04
N PHE C 227 2.07 10.62 44.31
CA PHE C 227 1.94 12.01 44.69
C PHE C 227 3.24 12.78 44.53
N ALA C 228 3.19 13.96 43.92
CA ALA C 228 4.34 14.84 43.94
C ALA C 228 4.69 15.12 45.38
N PRO C 229 5.97 15.32 45.68
CA PRO C 229 7.15 15.44 44.83
C PRO C 229 7.86 14.15 44.46
N ARG C 230 7.26 13.00 44.68
CA ARG C 230 7.80 11.77 44.12
C ARG C 230 7.42 11.79 42.66
N VAL C 231 8.15 11.06 41.83
CA VAL C 231 7.82 10.98 40.42
C VAL C 231 7.82 9.51 40.07
N PRO C 232 7.31 9.13 38.90
CA PRO C 232 7.42 7.73 38.50
C PRO C 232 8.83 7.14 38.58
N ASP C 233 8.92 5.90 39.01
CA ASP C 233 10.18 5.22 39.16
C ASP C 233 10.86 5.10 37.83
N ARG C 234 12.17 4.93 37.86
CA ARG C 234 12.93 4.77 36.64
C ARG C 234 12.76 3.36 36.16
N LEU C 235 11.71 3.12 35.41
CA LEU C 235 11.29 1.76 35.08
C LEU C 235 12.23 1.10 34.12
N GLU C 236 12.90 1.89 33.28
CA GLU C 236 13.79 1.32 32.28
C GLU C 236 15.02 0.73 32.93
N GLU C 237 15.58 1.47 33.86
CA GLU C 237 16.77 1.04 34.56
C GLU C 237 16.49 -0.15 35.45
N LEU C 238 15.39 -0.09 36.17
CA LEU C 238 14.96 -1.18 37.03
C LEU C 238 14.60 -2.41 36.23
N ALA C 239 14.07 -2.22 35.04
CA ALA C 239 13.73 -3.36 34.22
C ALA C 239 15.00 -4.01 33.69
N VAL C 240 16.04 -3.20 33.55
CA VAL C 240 17.33 -3.71 33.13
C VAL C 240 17.94 -4.45 34.30
N ILE C 241 17.86 -3.85 35.48
CA ILE C 241 18.34 -4.53 36.68
C ILE C 241 17.65 -5.86 36.85
N CYS C 242 16.36 -5.91 36.59
CA CYS C 242 15.60 -7.13 36.79
C CYS C 242 15.91 -8.19 35.75
N ALA C 243 16.16 -7.78 34.51
CA ALA C 243 16.48 -8.74 33.48
C ALA C 243 17.85 -9.35 33.72
N ASN C 244 18.77 -8.57 34.28
CA ASN C 244 20.12 -9.03 34.51
C ASN C 244 20.20 -10.07 35.61
N TYR C 245 19.53 -9.81 36.73
CA TYR C 245 19.62 -10.69 37.87
C TYR C 245 18.55 -11.76 37.91
N ASP C 246 17.73 -11.85 36.86
CA ASP C 246 16.62 -12.79 36.79
C ASP C 246 15.65 -12.62 37.96
N ILE C 247 15.22 -11.38 38.18
CA ILE C 247 14.27 -11.07 39.24
C ILE C 247 12.98 -10.53 38.62
N PRO C 248 11.82 -11.01 39.09
CA PRO C 248 10.56 -10.48 38.58
C PRO C 248 10.33 -9.01 38.89
N HIS C 249 9.72 -8.33 37.94
CA HIS C 249 9.45 -6.91 38.04
C HIS C 249 7.94 -6.69 38.02
N ILE C 250 7.42 -6.14 39.11
CA ILE C 250 5.98 -5.89 39.25
C ILE C 250 5.74 -4.40 39.37
N VAL C 251 4.98 -3.83 38.45
CA VAL C 251 4.76 -2.39 38.47
C VAL C 251 3.38 -2.01 39.00
N ASN C 252 3.36 -1.19 40.04
CA ASN C 252 2.13 -0.59 40.52
C ASN C 252 1.82 0.64 39.70
N ASN C 253 0.87 0.53 38.79
CA ASN C 253 0.50 1.60 37.88
C ASN C 253 -0.88 2.11 38.23
N ALA C 254 -1.13 2.29 39.53
CA ALA C 254 -2.46 2.47 40.07
C ALA C 254 -3.33 3.38 39.26
N TYR C 255 -2.89 4.60 39.05
CA TYR C 255 -3.64 5.48 38.19
C TYR C 255 -2.82 6.06 37.08
N GLY C 256 -2.12 5.20 36.36
CA GLY C 256 -1.27 5.66 35.29
C GLY C 256 -1.78 5.38 33.90
N VAL C 257 -2.89 4.66 33.77
CA VAL C 257 -3.40 4.43 32.43
C VAL C 257 -3.75 5.77 31.81
N GLN C 258 -4.13 6.73 32.63
CA GLN C 258 -4.59 8.02 32.14
C GLN C 258 -3.45 8.94 31.75
N SER C 259 -2.23 8.46 31.88
CA SER C 259 -1.05 9.29 31.70
C SER C 259 -0.12 8.71 30.66
N SER C 260 0.05 9.42 29.55
CA SER C 260 0.85 8.89 28.45
C SER C 260 2.32 8.76 28.85
N LYS C 261 2.76 9.58 29.77
CA LYS C 261 4.13 9.50 30.24
C LYS C 261 4.31 8.22 31.03
N CYS C 262 3.41 7.95 31.98
CA CYS C 262 3.48 6.74 32.77
C CYS C 262 3.42 5.52 31.88
N MET C 263 2.47 5.49 30.95
CA MET C 263 2.32 4.33 30.09
C MET C 263 3.50 4.20 29.15
N HIS C 264 4.25 5.26 28.96
CA HIS C 264 5.42 5.22 28.10
C HIS C 264 6.57 4.49 28.79
N LEU C 265 6.79 4.79 30.05
CA LEU C 265 7.74 4.08 30.88
C LEU C 265 7.54 2.59 30.85
N ILE C 266 6.30 2.16 31.00
CA ILE C 266 6.00 0.77 31.12
C ILE C 266 6.38 0.07 29.84
N GLN C 267 6.08 0.69 28.72
CA GLN C 267 6.42 0.09 27.45
C GLN C 267 7.91 0.10 27.16
N GLN C 268 8.58 1.18 27.54
CA GLN C 268 10.01 1.27 27.35
C GLN C 268 10.72 0.32 28.26
N GLY C 269 10.26 0.23 29.49
CA GLY C 269 10.82 -0.70 30.44
C GLY C 269 10.72 -2.11 29.94
N ALA C 270 9.69 -2.40 29.17
CA ALA C 270 9.51 -3.75 28.65
C ALA C 270 10.33 -3.96 27.40
N ARG C 271 10.69 -2.86 26.75
CA ARG C 271 11.46 -2.93 25.53
C ARG C 271 12.92 -3.19 25.87
N VAL C 272 13.47 -2.46 26.83
CA VAL C 272 14.87 -2.60 27.16
C VAL C 272 15.11 -3.58 28.28
N GLY C 273 14.04 -3.98 28.96
CA GLY C 273 14.21 -4.79 30.15
C GLY C 273 13.11 -5.79 30.40
N ARG C 274 12.80 -5.98 31.67
CA ARG C 274 11.83 -6.97 32.08
C ARG C 274 10.71 -6.38 32.91
N ILE C 275 9.49 -6.59 32.47
CA ILE C 275 8.33 -6.24 33.28
C ILE C 275 7.40 -7.43 33.29
N ASP C 276 7.12 -7.98 34.46
CA ASP C 276 6.36 -9.21 34.50
C ASP C 276 4.87 -8.95 34.53
N ALA C 277 4.48 -7.91 35.24
CA ALA C 277 3.09 -7.52 35.30
C ALA C 277 2.97 -6.07 35.70
N PHE C 278 1.91 -5.39 35.28
CA PHE C 278 1.60 -4.07 35.81
C PHE C 278 0.11 -4.00 36.12
N VAL C 279 -0.23 -3.34 37.23
CA VAL C 279 -1.53 -3.42 37.84
C VAL C 279 -2.17 -2.08 37.94
N GLN C 280 -3.40 -1.92 37.53
CA GLN C 280 -3.92 -0.53 37.55
C GLN C 280 -5.40 -0.55 38.07
N SER C 281 -5.83 0.48 38.79
CA SER C 281 -7.20 0.57 39.31
C SER C 281 -8.25 0.89 38.27
N LEU C 282 -9.43 0.32 38.40
CA LEU C 282 -10.48 0.62 37.45
C LEU C 282 -11.07 1.96 37.75
N ASP C 283 -11.24 2.30 39.03
CA ASP C 283 -11.90 3.54 39.36
C ASP C 283 -11.07 4.75 39.04
N LYS C 284 -9.77 4.66 39.21
CA LYS C 284 -8.92 5.81 39.01
C LYS C 284 -8.73 6.11 37.54
N ASN C 285 -8.79 5.09 36.69
CA ASN C 285 -8.53 5.28 35.28
C ASN C 285 -9.74 5.26 34.39
N PHE C 286 -10.88 4.77 34.87
CA PHE C 286 -12.04 4.59 34.02
C PHE C 286 -13.29 5.19 34.60
N MET C 287 -13.17 5.83 35.75
CA MET C 287 -14.30 6.46 36.40
C MET C 287 -15.48 5.53 36.61
N VAL C 288 -15.29 4.53 37.45
CA VAL C 288 -16.34 3.63 37.84
C VAL C 288 -16.22 3.51 39.34
N PRO C 289 -17.13 2.79 39.99
CA PRO C 289 -16.93 2.71 41.43
C PRO C 289 -15.70 1.93 41.83
N VAL C 290 -15.17 2.22 43.02
CA VAL C 290 -13.99 1.53 43.52
C VAL C 290 -14.26 0.06 43.79
N GLY C 291 -13.27 -0.78 43.56
CA GLY C 291 -13.41 -2.21 43.76
C GLY C 291 -12.97 -3.02 42.56
N GLY C 292 -12.33 -2.36 41.61
CA GLY C 292 -11.86 -3.02 40.40
C GLY C 292 -10.40 -2.72 40.12
N ALA C 293 -9.82 -3.49 39.19
CA ALA C 293 -8.42 -3.31 38.82
C ALA C 293 -8.04 -4.24 37.67
N ILE C 294 -6.95 -3.91 36.99
CA ILE C 294 -6.48 -4.71 35.87
C ILE C 294 -5.08 -5.23 36.15
N ILE C 295 -4.83 -6.46 35.77
CA ILE C 295 -3.51 -7.02 35.82
C ILE C 295 -3.09 -7.29 34.40
N ALA C 296 -2.00 -6.69 33.96
CA ALA C 296 -1.59 -6.78 32.57
C ALA C 296 -0.11 -7.08 32.46
N GLY C 297 0.30 -7.68 31.35
CA GLY C 297 1.69 -8.01 31.17
C GLY C 297 2.12 -8.32 29.76
N PHE C 298 3.34 -8.80 29.59
CA PHE C 298 3.89 -9.00 28.27
C PHE C 298 4.12 -10.47 28.00
N ASN C 299 4.31 -11.23 29.07
CA ASN C 299 4.35 -12.67 28.93
C ASN C 299 2.95 -13.24 29.10
N ASP C 300 2.40 -13.76 28.02
CA ASP C 300 1.03 -14.25 28.01
C ASP C 300 0.80 -15.36 29.03
N SER C 301 1.66 -16.37 29.01
CA SER C 301 1.50 -17.50 29.92
C SER C 301 1.54 -17.10 31.38
N PHE C 302 2.32 -16.07 31.71
CA PHE C 302 2.44 -15.69 33.10
C PHE C 302 1.20 -14.97 33.59
N ILE C 303 0.62 -14.13 32.74
CA ILE C 303 -0.57 -13.41 33.12
C ILE C 303 -1.70 -14.41 33.32
N GLN C 304 -1.76 -15.42 32.47
CA GLN C 304 -2.70 -16.50 32.66
C GLN C 304 -2.45 -17.22 33.98
N GLU C 305 -1.21 -17.29 34.43
CA GLU C 305 -0.88 -17.97 35.68
C GLU C 305 -1.41 -17.24 36.90
N ILE C 306 -1.30 -15.92 36.89
CA ILE C 306 -1.84 -15.10 37.98
C ILE C 306 -3.33 -15.30 38.05
N SER C 307 -3.94 -15.35 36.88
CA SER C 307 -5.34 -15.61 36.74
C SER C 307 -5.72 -16.92 37.37
N LYS C 308 -4.97 -17.98 37.08
CA LYS C 308 -5.38 -19.29 37.52
C LYS C 308 -5.08 -19.49 38.99
N MET C 309 -4.52 -18.48 39.63
CA MET C 309 -4.17 -18.54 41.03
C MET C 309 -5.31 -18.01 41.89
N TYR C 310 -6.28 -17.40 41.24
CA TYR C 310 -7.45 -16.89 41.92
C TYR C 310 -8.43 -18.02 42.16
N PRO C 311 -8.79 -18.27 43.42
CA PRO C 311 -9.68 -19.34 43.81
C PRO C 311 -11.15 -18.99 43.79
N GLY C 312 -11.92 -19.62 42.93
CA GLY C 312 -13.35 -19.44 42.95
C GLY C 312 -13.84 -18.41 41.97
N ARG C 313 -15.14 -18.21 41.92
CA ARG C 313 -15.73 -17.23 41.03
C ARG C 313 -15.57 -15.88 41.65
N ALA C 314 -15.79 -14.83 40.87
CA ALA C 314 -15.76 -13.49 41.43
C ALA C 314 -16.86 -12.60 40.86
N SER C 315 -16.99 -11.41 41.42
CA SER C 315 -17.98 -10.44 41.02
C SER C 315 -17.87 -10.02 39.55
N ALA C 316 -19.00 -9.83 38.89
CA ALA C 316 -18.99 -9.33 37.52
C ALA C 316 -19.26 -7.86 37.51
N SER C 317 -19.40 -7.29 38.70
CA SER C 317 -19.80 -5.92 38.83
C SER C 317 -18.75 -4.95 38.33
N PRO C 318 -17.47 -5.11 38.73
CA PRO C 318 -16.53 -4.17 38.12
C PRO C 318 -16.38 -4.37 36.63
N SER C 319 -16.48 -5.59 36.14
CA SER C 319 -16.43 -5.77 34.70
C SER C 319 -17.61 -5.12 34.00
N LEU C 320 -18.80 -5.19 34.57
CA LEU C 320 -19.96 -4.63 33.92
C LEU C 320 -19.86 -3.11 33.85
N ASP C 321 -19.37 -2.48 34.92
CA ASP C 321 -19.14 -1.06 34.94
C ASP C 321 -18.18 -0.60 33.84
N VAL C 322 -17.13 -1.35 33.62
CA VAL C 322 -16.15 -0.99 32.61
C VAL C 322 -16.70 -1.21 31.22
N LEU C 323 -17.39 -2.32 31.03
CA LEU C 323 -18.03 -2.57 29.74
C LEU C 323 -18.96 -1.42 29.40
N ILE C 324 -19.82 -1.05 30.33
CA ILE C 324 -20.75 0.05 30.11
C ILE C 324 -20.01 1.35 29.86
N SER C 325 -18.95 1.64 30.59
CA SER C 325 -18.26 2.90 30.41
C SER C 325 -17.52 3.02 29.09
N LEU C 326 -16.90 1.96 28.63
CA LEU C 326 -16.13 2.04 27.41
C LEU C 326 -17.03 2.00 26.18
N LEU C 327 -18.14 1.30 26.25
CA LEU C 327 -19.04 1.25 25.11
C LEU C 327 -19.80 2.55 24.99
N SER C 328 -19.95 3.26 26.08
CA SER C 328 -20.61 4.55 26.07
C SER C 328 -19.69 5.67 25.61
N LEU C 329 -18.43 5.63 26.06
CA LEU C 329 -17.46 6.64 25.71
C LEU C 329 -16.86 6.41 24.34
N GLY C 330 -16.57 5.17 24.02
CA GLY C 330 -15.80 4.82 22.85
C GLY C 330 -14.36 5.18 23.09
N SER C 331 -13.48 4.72 22.22
CA SER C 331 -12.09 5.12 22.32
C SER C 331 -11.94 6.61 22.07
N ASN C 332 -12.84 7.19 21.28
CA ASN C 332 -12.81 8.64 21.06
C ASN C 332 -13.12 9.39 22.34
N GLY C 333 -14.16 8.94 23.02
CA GLY C 333 -14.54 9.58 24.24
C GLY C 333 -13.51 9.38 25.32
N TYR C 334 -12.79 8.27 25.27
CA TYR C 334 -11.76 8.06 26.26
C TYR C 334 -10.58 8.93 25.92
N LYS C 335 -10.15 8.92 24.66
CA LYS C 335 -9.10 9.83 24.18
C LYS C 335 -9.35 11.26 24.56
N LYS C 336 -10.60 11.69 24.52
CA LYS C 336 -10.95 13.07 24.84
C LYS C 336 -10.75 13.35 26.31
N LEU C 337 -11.08 12.39 27.15
CA LEU C 337 -10.88 12.53 28.58
C LEU C 337 -9.42 12.68 28.92
N LEU C 338 -8.58 12.02 28.15
CA LEU C 338 -7.13 12.07 28.36
C LEU C 338 -6.58 13.40 27.94
N LYS C 339 -7.15 13.95 26.87
CA LYS C 339 -6.75 15.25 26.38
C LYS C 339 -7.11 16.30 27.40
N GLU C 340 -8.34 16.24 27.87
CA GLU C 340 -8.81 17.19 28.83
C GLU C 340 -8.03 17.12 30.13
N ARG C 341 -7.51 15.96 30.44
CA ARG C 341 -6.71 15.82 31.65
C ARG C 341 -5.39 16.59 31.52
N LYS C 342 -4.76 16.52 30.36
CA LYS C 342 -3.51 17.23 30.17
C LYS C 342 -3.74 18.72 30.23
N GLU C 343 -4.84 19.18 29.65
CA GLU C 343 -5.14 20.59 29.60
C GLU C 343 -5.40 21.12 30.98
N MET C 344 -6.04 20.32 31.81
CA MET C 344 -6.36 20.73 33.16
C MET C 344 -5.16 20.68 34.04
N PHE C 345 -4.18 19.89 33.67
CA PHE C 345 -2.96 19.86 34.46
C PHE C 345 -2.21 21.16 34.30
N SER C 346 -2.10 21.64 33.07
CA SER C 346 -1.48 22.93 32.82
C SER C 346 -2.22 24.03 33.53
N TYR C 347 -3.53 24.03 33.37
CA TYR C 347 -4.35 25.06 33.97
C TYR C 347 -4.22 25.06 35.46
N LEU C 348 -4.29 23.88 36.07
CA LEU C 348 -4.12 23.75 37.51
C LEU C 348 -2.74 24.21 37.90
N SER C 349 -1.75 23.84 37.10
CA SER C 349 -0.38 24.20 37.40
C SER C 349 -0.22 25.70 37.40
N ASN C 350 -0.79 26.37 36.41
CA ASN C 350 -0.66 27.81 36.30
C ASN C 350 -1.40 28.58 37.39
N GLN C 351 -2.49 28.02 37.89
CA GLN C 351 -3.27 28.70 38.91
C GLN C 351 -2.60 28.62 40.27
N ILE C 352 -1.94 27.51 40.54
CA ILE C 352 -1.21 27.36 41.77
C ILE C 352 0.01 28.25 41.74
N LYS C 353 0.61 28.40 40.57
CA LYS C 353 1.72 29.32 40.40
C LYS C 353 1.32 30.72 40.76
N LYS C 354 0.17 31.15 40.27
CA LYS C 354 -0.35 32.48 40.56
C LYS C 354 -0.76 32.65 42.00
N LEU C 355 -1.50 31.67 42.52
CA LEU C 355 -1.94 31.72 43.92
C LEU C 355 -0.76 31.74 44.88
N SER C 356 0.17 30.82 44.71
CA SER C 356 1.29 30.71 45.63
C SER C 356 2.14 31.95 45.70
N GLU C 357 2.37 32.55 44.54
CA GLU C 357 3.17 33.76 44.41
C GLU C 357 2.64 34.87 45.29
N ALA C 358 1.35 34.80 45.60
CA ALA C 358 0.72 35.84 46.36
C ALA C 358 0.85 35.59 47.84
N TYR C 359 1.15 34.36 48.22
CA TYR C 359 1.32 34.04 49.64
C TYR C 359 2.74 33.70 49.95
N ASN C 360 3.65 34.03 49.04
CA ASN C 360 5.08 33.76 49.15
C ASN C 360 5.41 32.29 49.26
N GLU C 361 4.72 31.48 48.48
CA GLU C 361 4.99 30.06 48.41
C GLU C 361 5.33 29.78 46.98
N ARG C 362 5.52 28.52 46.62
CA ARG C 362 5.79 28.25 45.23
C ARG C 362 5.28 26.89 44.84
N LEU C 363 5.13 26.69 43.55
CA LEU C 363 4.85 25.40 42.99
C LEU C 363 6.14 24.60 42.93
N LEU C 364 6.24 23.54 43.70
CA LEU C 364 7.43 22.70 43.72
C LEU C 364 7.76 22.25 42.32
N HIS C 365 9.04 22.15 42.01
CA HIS C 365 9.45 21.89 40.64
C HIS C 365 9.54 20.40 40.41
N THR C 366 8.48 19.83 39.86
CA THR C 366 8.41 18.39 39.71
C THR C 366 7.97 17.94 38.34
N PRO C 367 8.69 18.35 37.29
CA PRO C 367 8.29 18.12 35.90
C PRO C 367 8.07 16.68 35.52
N HIS C 368 8.65 15.75 36.26
CA HIS C 368 8.58 14.36 35.88
C HIS C 368 7.34 13.66 36.41
N ASN C 369 6.56 14.40 37.19
CA ASN C 369 5.28 13.91 37.63
C ASN C 369 4.19 14.52 36.80
N PRO C 370 3.51 13.71 35.99
CA PRO C 370 2.57 14.21 35.02
C PRO C 370 1.13 14.34 35.53
N ILE C 371 0.87 13.92 36.77
CA ILE C 371 -0.48 13.95 37.30
C ILE C 371 -0.61 14.80 38.55
N SER C 372 0.40 14.76 39.41
CA SER C 372 0.29 15.39 40.71
C SER C 372 1.18 16.60 40.86
N LEU C 373 0.72 17.56 41.65
CA LEU C 373 1.40 18.83 41.86
C LEU C 373 1.54 19.10 43.34
N ALA C 374 2.38 20.04 43.71
CA ALA C 374 2.51 20.35 45.12
C ALA C 374 2.84 21.80 45.31
N MET C 375 2.16 22.43 46.26
CA MET C 375 2.42 23.81 46.62
C MET C 375 3.06 23.84 47.97
N THR C 376 4.10 24.63 48.14
CA THR C 376 4.79 24.65 49.40
C THR C 376 3.94 25.30 50.46
N LEU C 377 4.21 25.01 51.72
CA LEU C 377 3.55 25.68 52.80
C LEU C 377 4.59 26.13 53.81
N LYS C 378 5.62 26.80 53.33
CA LYS C 378 6.75 27.15 54.18
C LYS C 378 6.40 28.28 55.12
N THR C 379 5.30 28.97 54.85
CA THR C 379 4.94 30.12 55.64
C THR C 379 3.94 29.82 56.73
N LEU C 380 3.75 28.54 57.03
CA LEU C 380 2.82 28.12 58.07
C LEU C 380 3.59 27.43 59.18
N ASP C 381 3.36 27.83 60.42
CA ASP C 381 4.08 27.26 61.55
C ASP C 381 3.30 26.15 62.21
N GLU C 382 3.76 24.92 62.04
CA GLU C 382 3.07 23.76 62.57
C GLU C 382 3.40 23.47 64.02
N HIS C 383 4.61 23.81 64.45
CA HIS C 383 5.00 23.51 65.82
C HIS C 383 4.49 24.58 66.77
N ARG C 384 4.11 25.73 66.23
CA ARG C 384 3.73 26.85 67.08
C ARG C 384 2.27 27.26 66.97
N ASP C 385 1.65 26.97 65.82
CA ASP C 385 0.24 27.32 65.65
C ASP C 385 -0.54 26.20 64.97
N LYS C 386 0.13 25.06 64.75
CA LYS C 386 -0.49 23.91 64.11
C LYS C 386 -1.15 24.26 62.78
N ALA C 387 -0.66 25.32 62.15
CA ALA C 387 -1.32 25.90 60.99
C ALA C 387 -1.38 24.98 59.78
N VAL C 388 -0.45 24.04 59.66
CA VAL C 388 -0.44 23.20 58.49
C VAL C 388 -1.58 22.21 58.53
N THR C 389 -1.78 21.55 59.66
CA THR C 389 -2.88 20.60 59.77
C THR C 389 -4.21 21.33 59.80
N GLN C 390 -4.21 22.50 60.43
CA GLN C 390 -5.39 23.35 60.46
C GLN C 390 -5.82 23.70 59.05
N LEU C 391 -4.86 23.83 58.15
CA LEU C 391 -5.17 24.14 56.78
C LEU C 391 -5.96 23.01 56.15
N GLY C 392 -5.49 21.79 56.33
CA GLY C 392 -6.09 20.65 55.65
C GLY C 392 -7.48 20.39 56.15
N SER C 393 -7.75 20.83 57.38
CA SER C 393 -9.07 20.68 57.97
C SER C 393 -10.02 21.74 57.42
N MET C 394 -9.52 22.96 57.27
CA MET C 394 -10.33 24.03 56.73
C MET C 394 -10.73 23.69 55.32
N LEU C 395 -9.80 23.14 54.56
CA LEU C 395 -10.08 22.75 53.19
C LEU C 395 -11.14 21.66 53.15
N PHE C 396 -11.18 20.83 54.19
CA PHE C 396 -12.11 19.72 54.23
C PHE C 396 -13.51 20.17 54.56
N THR C 397 -13.64 21.14 55.44
CA THR C 397 -14.94 21.62 55.81
C THR C 397 -15.51 22.55 54.75
N ARG C 398 -14.68 23.04 53.84
CA ARG C 398 -15.18 23.84 52.73
C ARG C 398 -15.42 22.93 51.55
N GLN C 399 -15.41 21.63 51.80
CA GLN C 399 -15.76 20.62 50.80
C GLN C 399 -14.81 20.57 49.61
N VAL C 400 -13.51 20.68 49.89
CA VAL C 400 -12.47 20.40 48.92
C VAL C 400 -11.98 19.00 49.22
N SER C 401 -12.07 18.08 48.28
CA SER C 401 -11.55 16.76 48.56
C SER C 401 -10.32 16.50 47.71
N GLY C 402 -9.44 15.64 48.19
CA GLY C 402 -8.24 15.32 47.46
C GLY C 402 -7.11 16.30 47.69
N ALA C 403 -7.36 17.34 48.48
CA ALA C 403 -6.33 18.30 48.78
C ALA C 403 -5.51 17.81 49.95
N ARG C 404 -4.48 17.03 49.65
CA ARG C 404 -3.65 16.39 50.65
C ARG C 404 -2.60 17.32 51.22
N VAL C 405 -2.72 17.63 52.50
CA VAL C 405 -1.74 18.43 53.20
C VAL C 405 -0.68 17.53 53.83
N VAL C 406 0.58 17.88 53.71
CA VAL C 406 1.65 17.02 54.20
C VAL C 406 2.64 17.74 55.09
N PRO C 407 2.46 17.64 56.41
CA PRO C 407 3.34 18.37 57.33
C PRO C 407 4.69 17.68 57.51
N LEU C 408 5.62 18.36 58.14
CA LEU C 408 6.95 17.82 58.33
C LEU C 408 7.04 16.93 59.56
N GLY C 409 7.90 15.93 59.49
CA GLY C 409 8.26 15.17 60.67
C GLY C 409 7.18 14.32 61.27
N SER C 410 6.37 13.70 60.42
CA SER C 410 5.32 12.85 60.92
C SER C 410 5.73 11.41 60.97
N MET C 411 5.68 10.81 62.16
CA MET C 411 5.97 9.39 62.31
C MET C 411 4.70 8.57 62.21
N GLN C 412 4.84 7.35 61.71
CA GLN C 412 3.67 6.51 61.50
C GLN C 412 4.08 5.07 61.36
N THR C 413 3.39 4.17 62.04
CA THR C 413 3.69 2.77 61.92
C THR C 413 2.64 2.11 61.08
N VAL C 414 3.07 1.29 60.13
CA VAL C 414 2.17 0.63 59.24
C VAL C 414 2.54 -0.84 59.18
N SER C 415 1.69 -1.70 59.70
CA SER C 415 1.96 -3.13 59.80
C SER C 415 3.32 -3.42 60.41
N GLY C 416 3.69 -2.67 61.43
CA GLY C 416 4.92 -2.93 62.15
C GLY C 416 6.12 -2.10 61.74
N TYR C 417 6.10 -1.57 60.52
CA TYR C 417 7.24 -0.81 59.99
C TYR C 417 7.05 0.67 60.24
N THR C 418 8.03 1.32 60.84
CA THR C 418 7.90 2.73 61.14
C THR C 418 8.41 3.61 60.02
N PHE C 419 7.63 4.63 59.66
CA PHE C 419 8.03 5.58 58.65
C PHE C 419 8.35 6.91 59.29
N ARG C 420 9.53 7.45 59.06
CA ARG C 420 9.77 8.81 59.45
C ARG C 420 9.43 9.71 58.28
N GLY C 421 8.91 10.89 58.58
CA GLY C 421 8.42 11.78 57.56
C GLY C 421 7.36 11.15 56.70
N PHE C 422 6.38 10.51 57.32
CA PHE C 422 5.37 9.78 56.57
C PHE C 422 4.57 10.75 55.73
N MET C 423 4.19 10.28 54.54
CA MET C 423 3.45 11.02 53.52
C MET C 423 4.32 11.89 52.65
N SER C 424 5.60 12.02 52.98
CA SER C 424 6.46 12.88 52.19
C SER C 424 7.41 11.99 51.40
N HIS C 425 7.33 10.69 51.64
CA HIS C 425 8.06 9.66 50.89
C HIS C 425 9.55 9.68 51.18
N THR C 426 9.97 10.38 52.22
CA THR C 426 11.38 10.44 52.57
C THR C 426 11.49 10.93 54.02
N ASN C 427 12.60 10.68 54.67
CA ASN C 427 12.71 11.01 56.09
C ASN C 427 12.69 12.49 56.35
N ASN C 428 13.36 13.29 55.53
CA ASN C 428 13.38 14.73 55.75
C ASN C 428 13.22 15.56 54.48
N TYR C 429 11.99 15.82 54.08
CA TYR C 429 11.77 16.70 52.95
C TYR C 429 12.01 18.11 53.43
N PRO C 430 12.51 18.97 52.54
CA PRO C 430 12.74 20.37 52.87
C PRO C 430 11.56 21.07 53.55
N CYS C 431 10.39 21.06 52.94
CA CYS C 431 9.25 21.81 53.47
C CYS C 431 7.97 20.99 53.59
N ALA C 432 6.96 21.59 54.21
CA ALA C 432 5.61 21.07 54.19
C ALA C 432 4.91 21.56 52.94
N TYR C 433 4.05 20.74 52.35
CA TYR C 433 3.38 21.14 51.12
C TYR C 433 1.94 20.68 51.01
N LEU C 434 1.30 21.01 49.89
CA LEU C 434 -0.08 20.64 49.65
C LEU C 434 -0.23 20.06 48.26
N ASN C 435 -0.92 18.93 48.14
CA ASN C 435 -1.06 18.29 46.85
C ASN C 435 -2.34 18.71 46.14
N ALA C 436 -2.35 18.52 44.83
CA ALA C 436 -3.53 18.65 44.02
C ALA C 436 -3.20 17.90 42.77
N ALA C 437 -4.18 17.37 42.07
CA ALA C 437 -3.86 16.56 40.92
C ALA C 437 -4.77 16.90 39.80
N SER C 438 -4.38 16.54 38.60
CA SER C 438 -5.30 16.57 37.49
C SER C 438 -5.51 15.18 37.03
N ALA C 439 -6.62 14.60 37.46
CA ALA C 439 -6.94 13.22 37.18
C ALA C 439 -8.11 13.18 36.24
N ILE C 440 -8.27 12.09 35.54
CA ILE C 440 -9.27 12.00 34.50
C ILE C 440 -10.64 12.43 35.02
N GLY C 441 -11.31 13.29 34.27
CA GLY C 441 -12.64 13.73 34.63
C GLY C 441 -12.71 15.04 35.37
N MET C 442 -11.58 15.66 35.68
CA MET C 442 -11.61 16.92 36.39
C MET C 442 -12.08 18.02 35.46
N LYS C 443 -12.79 18.98 36.02
CA LYS C 443 -13.37 20.06 35.26
C LYS C 443 -12.79 21.37 35.75
N MET C 444 -12.92 22.40 34.95
CA MET C 444 -12.38 23.70 35.30
C MET C 444 -12.97 24.22 36.58
N GLN C 445 -14.20 23.81 36.88
CA GLN C 445 -14.84 24.23 38.10
C GLN C 445 -14.07 23.73 39.29
N ASP C 446 -13.54 22.51 39.18
CA ASP C 446 -12.79 21.92 40.26
C ASP C 446 -11.57 22.76 40.61
N VAL C 447 -10.82 23.17 39.60
CA VAL C 447 -9.63 23.97 39.84
C VAL C 447 -10.00 25.35 40.34
N ASP C 448 -11.05 25.94 39.77
CA ASP C 448 -11.46 27.27 40.16
C ASP C 448 -11.97 27.31 41.60
N LEU C 449 -12.75 26.31 41.99
CA LEU C 449 -13.26 26.28 43.34
C LEU C 449 -12.17 25.91 44.33
N PHE C 450 -11.27 25.01 43.92
CA PHE C 450 -10.12 24.69 44.75
C PHE C 450 -9.27 25.93 44.96
N ILE C 451 -8.97 26.65 43.91
CA ILE C 451 -8.16 27.84 44.02
C ILE C 451 -8.84 28.89 44.88
N LYS C 452 -10.10 29.15 44.61
CA LYS C 452 -10.86 30.13 45.37
C LYS C 452 -10.91 29.78 46.86
N ARG C 453 -11.11 28.51 47.16
CA ARG C 453 -11.27 28.08 48.54
C ARG C 453 -9.95 27.95 49.28
N LEU C 454 -8.89 27.62 48.56
CA LEU C 454 -7.57 27.56 49.16
C LEU C 454 -7.12 28.96 49.51
N ASP C 455 -7.43 29.89 48.64
CA ASP C 455 -7.18 31.31 48.89
C ASP C 455 -7.80 31.73 50.19
N ARG C 456 -9.07 31.39 50.36
CA ARG C 456 -9.82 31.77 51.54
C ARG C 456 -9.20 31.18 52.79
N CYS C 457 -8.69 29.97 52.69
CA CYS C 457 -8.13 29.28 53.83
C CYS C 457 -6.79 29.86 54.24
N LEU C 458 -5.96 30.17 53.26
CA LEU C 458 -4.66 30.76 53.55
C LEU C 458 -4.86 32.10 54.24
N LYS C 459 -5.69 32.94 53.64
CA LYS C 459 -5.99 34.26 54.17
C LYS C 459 -6.43 34.22 55.62
N ALA C 460 -7.08 33.12 56.01
CA ALA C 460 -7.63 33.01 57.34
C ALA C 460 -6.62 32.49 58.33
N VAL C 461 -5.74 31.61 57.89
CA VAL C 461 -4.76 31.03 58.79
C VAL C 461 -3.86 32.13 59.35
N ARG C 462 -3.52 33.09 58.49
CA ARG C 462 -2.77 34.25 58.93
C ARG C 462 -3.61 35.10 59.90
N LYS C 463 -3.30 35.00 61.18
CA LYS C 463 -4.07 35.70 62.20
C LYS C 463 -3.19 36.66 62.99
N MET D 1 -22.02 33.13 51.24
CA MET D 1 -21.71 31.76 50.90
C MET D 1 -22.10 30.82 52.02
N ASN D 2 -23.22 30.12 51.85
CA ASN D 2 -23.68 29.17 52.86
C ASN D 2 -22.69 28.05 53.03
N ARG D 3 -21.97 27.72 51.95
CA ARG D 3 -20.91 26.73 51.99
C ARG D 3 -19.84 27.19 52.97
N GLU D 4 -19.62 28.50 53.01
CA GLU D 4 -18.64 29.08 53.92
C GLU D 4 -19.16 29.13 55.36
N SER D 5 -20.37 29.65 55.53
CA SER D 5 -20.93 29.82 56.86
C SER D 5 -21.12 28.47 57.53
N PHE D 6 -21.47 27.46 56.75
CA PHE D 6 -21.63 26.12 57.28
C PHE D 6 -20.27 25.49 57.52
N ALA D 7 -19.25 26.01 56.83
CA ALA D 7 -17.89 25.57 57.04
C ALA D 7 -17.33 26.23 58.28
N ALA D 8 -17.64 27.51 58.46
CA ALA D 8 -17.24 28.21 59.67
C ALA D 8 -17.93 27.57 60.88
N GLY D 9 -19.06 26.93 60.63
CA GLY D 9 -19.80 26.24 61.67
C GLY D 9 -19.25 24.87 61.97
N GLU D 10 -19.10 24.03 60.95
CA GLU D 10 -18.62 22.66 61.12
C GLU D 10 -17.19 22.62 61.65
N ARG D 11 -16.55 23.77 61.69
CA ARG D 11 -15.15 23.88 62.07
C ARG D 11 -14.97 24.58 63.40
N LEU D 12 -16.05 25.18 63.90
CA LEU D 12 -16.04 25.77 65.24
C LEU D 12 -16.28 24.65 66.25
N VAL D 13 -16.41 23.44 65.74
CA VAL D 13 -16.57 22.25 66.58
C VAL D 13 -15.24 21.52 66.71
N SER D 14 -14.23 22.20 67.24
CA SER D 14 -12.92 21.61 67.44
C SER D 14 -12.13 22.36 68.50
N GLN D 20 -21.06 16.42 58.81
CA GLN D 20 -21.06 17.20 57.57
C GLN D 20 -21.94 16.57 56.52
N GLY D 21 -22.12 15.26 56.60
CA GLY D 21 -23.02 14.57 55.70
C GLY D 21 -24.44 15.07 55.86
N CYS D 22 -24.97 14.94 57.07
CA CYS D 22 -26.33 15.37 57.37
C CYS D 22 -26.53 16.84 57.04
N GLU D 23 -25.45 17.62 57.19
CA GLU D 23 -25.51 19.04 56.90
C GLU D 23 -25.28 19.27 55.42
N ALA D 24 -25.08 18.21 54.67
CA ALA D 24 -24.92 18.36 53.22
C ALA D 24 -26.24 18.07 52.56
N ARG D 25 -27.17 17.50 53.31
CA ARG D 25 -28.54 17.41 52.87
C ARG D 25 -29.15 18.80 52.84
N ARG D 26 -28.64 19.69 53.69
CA ARG D 26 -29.14 21.06 53.76
C ARG D 26 -28.83 21.84 52.50
N SER D 27 -27.98 21.28 51.68
CA SER D 27 -27.64 21.92 50.43
C SER D 27 -28.74 21.69 49.41
N HIS D 28 -29.32 20.50 49.45
CA HIS D 28 -30.35 20.10 48.52
C HIS D 28 -31.64 20.76 48.89
N GLU D 29 -31.80 21.01 50.18
CA GLU D 29 -33.03 21.58 50.70
C GLU D 29 -33.14 23.02 50.30
N HIS D 30 -32.02 23.71 50.26
CA HIS D 30 -32.00 25.10 49.86
C HIS D 30 -32.55 25.23 48.46
N LEU D 31 -32.27 24.26 47.62
CA LEU D 31 -32.75 24.31 46.26
C LEU D 31 -34.24 24.02 46.20
N ILE D 32 -34.68 23.09 47.02
CA ILE D 32 -36.08 22.71 47.07
C ILE D 32 -36.90 23.78 47.76
N ARG D 33 -36.40 24.32 48.85
CA ARG D 33 -37.08 25.39 49.56
C ARG D 33 -37.24 26.61 48.66
N LEU D 34 -36.25 26.85 47.80
CA LEU D 34 -36.31 27.99 46.89
C LEU D 34 -37.29 27.79 45.75
N LEU D 35 -37.53 26.54 45.38
CA LEU D 35 -38.47 26.23 44.33
C LEU D 35 -39.90 26.36 44.83
N LEU D 36 -40.12 26.16 46.11
CA LEU D 36 -41.44 26.21 46.67
C LEU D 36 -41.85 27.61 47.07
N GLU D 37 -40.90 28.42 47.51
CA GLU D 37 -41.20 29.79 47.89
C GLU D 37 -41.51 30.80 46.80
N LYS D 38 -40.63 30.88 45.82
CA LYS D 38 -40.96 31.55 44.58
C LYS D 38 -41.37 30.33 43.79
N GLY D 39 -41.71 30.49 42.52
CA GLY D 39 -42.07 29.31 41.77
C GLY D 39 -41.36 29.28 40.47
N LYS D 40 -40.20 29.92 40.43
CA LYS D 40 -39.50 30.11 39.18
C LYS D 40 -38.64 28.88 38.90
N CYS D 41 -38.23 28.70 37.64
CA CYS D 41 -37.23 27.69 37.33
C CYS D 41 -35.94 28.01 38.03
N PRO D 42 -35.18 26.99 38.39
CA PRO D 42 -33.84 27.30 38.85
C PRO D 42 -33.04 27.78 37.66
N GLU D 43 -32.11 28.70 37.85
CA GLU D 43 -31.41 29.25 36.69
C GLU D 43 -30.47 28.23 36.10
N ASN D 44 -29.73 27.54 36.96
CA ASN D 44 -28.97 26.40 36.52
C ASN D 44 -29.71 25.13 36.88
N GLY D 45 -29.62 24.14 36.02
CA GLY D 45 -30.32 22.90 36.23
C GLY D 45 -29.94 22.22 37.52
N TRP D 46 -30.89 21.53 38.13
CA TRP D 46 -30.64 20.71 39.28
C TRP D 46 -29.78 19.52 38.91
N ASP D 47 -29.02 19.01 39.88
CA ASP D 47 -28.38 17.72 39.75
C ASP D 47 -29.43 16.64 39.85
N GLU D 48 -29.24 15.56 39.13
CA GLU D 48 -30.16 14.44 39.17
C GLU D 48 -30.47 13.95 40.59
N SER D 49 -29.56 14.17 41.51
CA SER D 49 -29.73 13.65 42.85
C SER D 49 -30.69 14.52 43.62
N THR D 50 -30.67 15.81 43.34
CA THR D 50 -31.63 16.71 43.97
C THR D 50 -33.01 16.44 43.38
N LEU D 51 -33.05 16.18 42.09
CA LEU D 51 -34.30 15.93 41.41
C LEU D 51 -34.96 14.71 41.99
N GLU D 52 -34.27 13.59 42.01
CA GLU D 52 -34.89 12.36 42.49
C GLU D 52 -35.17 12.39 43.97
N LEU D 53 -34.44 13.19 44.72
CA LEU D 53 -34.74 13.35 46.12
C LEU D 53 -36.05 14.09 46.28
N PHE D 54 -36.16 15.22 45.62
CA PHE D 54 -37.40 15.99 45.59
C PHE D 54 -38.63 15.17 45.21
N LEU D 55 -38.51 14.33 44.19
CA LEU D 55 -39.65 13.58 43.71
C LEU D 55 -40.05 12.51 44.70
N HIS D 56 -39.05 11.87 45.31
CA HIS D 56 -39.29 10.83 46.29
C HIS D 56 -40.03 11.41 47.50
N GLU D 57 -39.70 12.65 47.83
CA GLU D 57 -40.34 13.34 48.93
C GLU D 57 -41.80 13.65 48.59
N LEU D 58 -42.05 14.10 47.38
CA LEU D 58 -43.40 14.39 46.96
C LEU D 58 -44.21 13.12 46.97
N ALA D 59 -43.68 12.07 46.38
CA ALA D 59 -44.44 10.85 46.22
C ALA D 59 -44.84 10.20 47.53
N ILE D 60 -44.14 10.46 48.62
CA ILE D 60 -44.55 9.83 49.86
C ILE D 60 -45.54 10.71 50.57
N MET D 61 -45.91 11.82 49.96
CA MET D 61 -46.95 12.65 50.53
C MET D 61 -48.29 12.17 50.05
N ASP D 62 -48.30 11.35 49.02
CA ASP D 62 -49.54 10.78 48.50
C ASP D 62 -49.97 9.61 49.35
N SER D 63 -51.26 9.57 49.67
CA SER D 63 -51.79 8.57 50.59
C SER D 63 -51.57 7.15 50.14
N ASN D 64 -51.43 6.91 48.85
CA ASN D 64 -51.24 5.55 48.40
C ASN D 64 -49.87 5.02 48.77
N ASN D 65 -48.98 5.91 49.20
CA ASN D 65 -47.62 5.54 49.53
C ASN D 65 -47.40 5.59 51.02
N PHE D 66 -48.46 5.89 51.76
CA PHE D 66 -48.42 5.89 53.19
C PHE D 66 -48.12 4.50 53.70
N LEU D 67 -47.40 4.41 54.81
CA LEU D 67 -46.97 3.13 55.33
C LEU D 67 -48.03 2.40 56.13
N GLY D 68 -48.80 3.12 56.92
CA GLY D 68 -49.85 2.48 57.68
C GLY D 68 -51.21 2.69 57.04
N ASN D 69 -51.36 2.23 55.82
CA ASN D 69 -52.55 2.60 55.06
C ASN D 69 -53.43 1.42 54.75
N CYS D 70 -54.73 1.65 54.87
CA CYS D 70 -55.73 0.69 54.43
C CYS D 70 -56.66 1.42 53.50
N GLY D 71 -57.07 0.75 52.44
CA GLY D 71 -57.95 1.37 51.47
C GLY D 71 -59.19 0.55 51.27
N VAL D 72 -60.34 1.20 51.39
CA VAL D 72 -61.60 0.49 51.21
C VAL D 72 -62.39 1.09 50.07
N GLY D 73 -61.72 1.86 49.22
CA GLY D 73 -62.37 2.56 48.13
C GLY D 73 -62.13 1.92 46.77
N GLU D 74 -62.63 2.57 45.73
CA GLU D 74 -62.58 2.04 44.39
C GLU D 74 -61.46 2.67 43.57
N ARG D 75 -60.92 3.76 44.09
CA ARG D 75 -59.78 4.41 43.51
C ARG D 75 -58.76 4.72 44.59
N GLU D 76 -57.87 3.76 44.86
CA GLU D 76 -56.99 3.83 46.00
C GLU D 76 -55.56 4.01 45.59
N GLY D 77 -55.28 3.83 44.32
CA GLY D 77 -53.93 4.03 43.83
C GLY D 77 -53.14 2.75 43.83
N ARG D 78 -53.84 1.64 43.82
CA ARG D 78 -53.17 0.36 43.82
C ARG D 78 -52.52 0.14 42.48
N VAL D 79 -51.31 -0.42 42.50
CA VAL D 79 -50.53 -0.65 41.29
C VAL D 79 -50.11 -2.10 41.19
N ALA D 80 -50.53 -2.77 40.12
CA ALA D 80 -50.27 -4.19 39.96
C ALA D 80 -48.81 -4.48 39.75
N SER D 81 -48.17 -3.65 38.93
CA SER D 81 -46.82 -3.91 38.48
C SER D 81 -45.79 -2.94 39.02
N ALA D 82 -44.66 -3.47 39.45
CA ALA D 82 -43.62 -2.65 40.02
C ALA D 82 -42.93 -1.82 38.96
N LEU D 83 -42.83 -2.35 37.74
CA LEU D 83 -42.28 -1.60 36.63
C LEU D 83 -43.06 -0.31 36.42
N VAL D 84 -44.38 -0.41 36.54
CA VAL D 84 -45.28 0.72 36.38
C VAL D 84 -45.21 1.68 37.55
N ALA D 85 -45.13 1.17 38.77
CA ALA D 85 -45.04 2.08 39.90
C ALA D 85 -43.71 2.82 39.93
N ARG D 86 -42.63 2.16 39.57
CA ARG D 86 -41.33 2.78 39.69
C ARG D 86 -41.10 3.79 38.59
N ARG D 87 -41.55 3.51 37.38
CA ARG D 87 -41.31 4.40 36.27
C ARG D 87 -42.08 5.70 36.39
N HIS D 88 -43.04 5.74 37.27
CA HIS D 88 -43.81 6.95 37.54
C HIS D 88 -43.51 7.54 38.90
N TYR D 89 -42.42 7.11 39.51
CA TYR D 89 -41.97 7.62 40.79
C TYR D 89 -43.03 7.50 41.85
N ARG D 90 -43.87 6.48 41.72
CA ARG D 90 -44.95 6.19 42.67
C ARG D 90 -45.99 7.29 42.75
N PHE D 91 -46.14 8.03 41.66
CA PHE D 91 -47.20 9.01 41.51
C PHE D 91 -48.33 8.32 40.77
N ILE D 92 -49.42 8.02 41.47
CA ILE D 92 -50.45 7.15 40.91
C ILE D 92 -51.82 7.81 40.80
N HIS D 93 -52.08 8.81 41.63
CA HIS D 93 -53.41 9.40 41.75
C HIS D 93 -53.79 10.48 40.72
N GLY D 94 -52.96 10.74 39.73
CA GLY D 94 -53.26 11.78 38.76
C GLY D 94 -53.33 13.17 39.37
N ILE D 95 -53.76 14.15 38.60
CA ILE D 95 -53.89 15.50 39.11
C ILE D 95 -55.36 15.86 39.32
N GLY D 96 -55.63 16.73 40.27
CA GLY D 96 -56.96 17.27 40.47
C GLY D 96 -57.95 16.40 41.23
N ARG D 97 -59.06 17.01 41.63
CA ARG D 97 -60.23 16.29 42.10
C ARG D 97 -61.19 16.16 40.93
N SER D 98 -62.09 15.18 40.98
CA SER D 98 -63.04 14.92 39.89
C SER D 98 -63.94 16.10 39.58
N GLY D 99 -64.04 17.04 40.51
CA GLY D 99 -64.87 18.19 40.25
C GLY D 99 -64.07 19.43 39.91
N ASP D 100 -62.77 19.26 39.74
CA ASP D 100 -61.86 20.39 39.55
C ASP D 100 -60.58 19.68 39.10
N ILE D 101 -59.86 20.28 38.16
CA ILE D 101 -58.63 19.66 37.63
C ILE D 101 -57.53 20.43 38.37
N SER D 102 -57.92 21.46 39.10
CA SER D 102 -56.96 22.37 39.71
C SER D 102 -57.02 22.34 41.22
N ALA D 103 -57.82 21.44 41.75
CA ALA D 103 -58.03 21.39 43.19
C ALA D 103 -57.00 20.51 43.85
N VAL D 104 -56.59 20.91 45.04
CA VAL D 104 -55.73 20.06 45.83
C VAL D 104 -56.46 18.78 46.11
N GLN D 105 -55.81 17.66 45.89
CA GLN D 105 -56.39 16.37 46.17
C GLN D 105 -55.94 15.88 47.53
N PRO D 106 -56.83 15.86 48.52
CA PRO D 106 -56.47 15.43 49.87
C PRO D 106 -55.84 14.04 49.93
N LYS D 107 -56.27 13.17 49.03
CA LYS D 107 -55.74 11.82 48.94
C LYS D 107 -54.35 11.84 48.36
N ALA D 108 -53.98 12.93 47.72
CA ALA D 108 -52.72 13.02 47.01
C ALA D 108 -52.10 14.40 47.12
N ALA D 109 -51.65 14.76 48.31
CA ALA D 109 -51.07 16.07 48.51
C ALA D 109 -49.81 16.25 47.68
N GLY D 110 -49.11 15.16 47.45
CA GLY D 110 -47.85 15.22 46.75
C GLY D 110 -48.01 15.44 45.27
N SER D 111 -48.94 14.71 44.66
CA SER D 111 -49.23 14.88 43.25
C SER D 111 -49.89 16.22 43.04
N SER D 112 -50.52 16.73 44.06
CA SER D 112 -51.16 18.01 43.99
C SER D 112 -50.13 19.11 44.00
N LEU D 113 -49.11 18.94 44.82
CA LEU D 113 -48.00 19.88 44.88
C LEU D 113 -47.15 19.81 43.61
N LEU D 114 -47.01 18.63 43.05
CA LEU D 114 -46.31 18.48 41.79
C LEU D 114 -47.00 19.30 40.71
N ASN D 115 -48.31 19.19 40.65
CA ASN D 115 -49.09 19.87 39.65
C ASN D 115 -49.02 21.38 39.81
N LYS D 116 -49.10 21.87 41.04
CA LYS D 116 -49.02 23.30 41.29
C LYS D 116 -47.71 23.87 40.79
N ILE D 117 -46.63 23.14 41.02
CA ILE D 117 -45.29 23.63 40.71
C ILE D 117 -45.00 23.57 39.24
N THR D 118 -45.43 22.49 38.61
CA THR D 118 -45.28 22.37 37.17
C THR D 118 -45.93 23.53 36.44
N ASN D 119 -47.13 23.92 36.85
CA ASN D 119 -47.83 25.03 36.23
C ASN D 119 -47.11 26.35 36.45
N SER D 120 -46.51 26.51 37.61
CA SER D 120 -45.74 27.70 37.91
C SER D 120 -44.46 27.80 37.11
N LEU D 121 -43.78 26.67 36.95
CA LEU D 121 -42.55 26.66 36.18
C LEU D 121 -42.85 26.95 34.75
N VAL D 122 -43.97 26.43 34.28
CA VAL D 122 -44.36 26.58 32.90
C VAL D 122 -44.75 28.02 32.62
N LEU D 123 -45.36 28.66 33.60
CA LEU D 123 -45.70 30.07 33.46
C LEU D 123 -44.43 30.89 33.31
N ASP D 124 -43.42 30.51 34.08
CA ASP D 124 -42.14 31.16 34.08
C ASP D 124 -41.47 31.10 32.73
N ILE D 125 -41.57 29.96 32.06
CA ILE D 125 -40.97 29.80 30.76
C ILE D 125 -41.70 30.61 29.72
N ILE D 126 -43.02 30.57 29.75
CA ILE D 126 -43.83 31.34 28.82
C ILE D 126 -43.45 32.81 28.89
N LYS D 127 -43.21 33.32 30.09
CA LYS D 127 -42.74 34.68 30.21
C LYS D 127 -41.34 34.86 29.65
N LEU D 128 -40.43 33.98 30.04
CA LEU D 128 -39.06 34.07 29.58
C LEU D 128 -39.02 33.96 28.09
N ALA D 129 -40.01 33.30 27.51
CA ALA D 129 -40.01 33.00 26.08
C ALA D 129 -40.49 34.14 25.21
N GLY D 130 -41.14 35.13 25.80
CA GLY D 130 -41.66 36.22 24.99
C GLY D 130 -42.96 36.87 25.37
N VAL D 131 -43.83 36.16 26.07
CA VAL D 131 -45.12 36.69 26.44
C VAL D 131 -45.10 37.08 27.90
N HIS D 132 -44.53 38.23 28.20
CA HIS D 132 -44.23 38.61 29.57
C HIS D 132 -45.45 38.96 30.38
N THR D 133 -46.54 39.21 29.68
CA THR D 133 -47.75 39.68 30.32
C THR D 133 -48.74 38.58 30.58
N VAL D 134 -48.35 37.33 30.36
CA VAL D 134 -49.24 36.21 30.54
C VAL D 134 -49.74 36.19 31.96
N ALA D 135 -51.00 35.84 32.14
CA ALA D 135 -51.62 35.95 33.44
C ALA D 135 -51.67 34.62 34.11
N ASN D 136 -51.98 33.59 33.33
CA ASN D 136 -52.25 32.30 33.90
C ASN D 136 -52.14 31.21 32.86
N CYS D 137 -51.86 29.99 33.30
CA CYS D 137 -51.78 28.86 32.39
C CYS D 137 -51.90 27.57 33.16
N PHE D 138 -52.24 26.49 32.49
CA PHE D 138 -52.20 25.19 33.13
C PHE D 138 -51.83 24.12 32.15
N VAL D 139 -51.12 23.11 32.62
CA VAL D 139 -50.80 21.97 31.81
C VAL D 139 -52.01 21.06 31.78
N VAL D 140 -52.33 20.56 30.60
CA VAL D 140 -53.46 19.68 30.45
C VAL D 140 -52.97 18.49 29.68
N PRO D 141 -53.24 17.29 30.19
CA PRO D 141 -52.77 16.02 29.62
C PRO D 141 -53.50 15.60 28.37
N MET D 142 -53.73 16.54 27.48
CA MET D 142 -54.24 16.24 26.17
C MET D 142 -53.30 16.93 25.24
N ALA D 143 -53.30 16.58 23.97
CA ALA D 143 -52.41 17.28 23.08
C ALA D 143 -53.01 18.63 22.70
N THR D 144 -52.38 19.32 21.76
CA THR D 144 -52.80 20.65 21.38
C THR D 144 -54.15 20.62 20.70
N GLY D 145 -54.36 19.63 19.86
CA GLY D 145 -55.66 19.41 19.24
C GLY D 145 -56.80 19.35 20.22
N MET D 146 -56.78 18.44 21.18
CA MET D 146 -57.88 18.34 22.15
C MET D 146 -57.91 19.52 23.11
N SER D 147 -56.83 20.28 23.19
CA SER D 147 -56.79 21.37 24.12
C SER D 147 -57.46 22.57 23.51
N LEU D 148 -57.41 22.64 22.19
CA LEU D 148 -58.11 23.67 21.49
C LEU D 148 -59.60 23.39 21.64
N THR D 149 -59.97 22.13 21.45
CA THR D 149 -61.32 21.68 21.72
C THR D 149 -61.85 22.06 23.10
N LEU D 150 -61.10 21.81 24.16
CA LEU D 150 -61.52 22.22 25.48
C LEU D 150 -61.73 23.72 25.56
N CYS D 151 -61.01 24.49 24.76
CA CYS D 151 -61.19 25.94 24.73
C CYS D 151 -62.51 26.29 24.08
N PHE D 152 -62.83 25.63 22.98
CA PHE D 152 -64.09 25.82 22.31
C PHE D 152 -65.26 25.30 23.15
N LEU D 153 -65.07 24.21 23.86
CA LEU D 153 -66.11 23.65 24.69
C LEU D 153 -66.46 24.61 25.81
N THR D 154 -65.47 25.39 26.23
CA THR D 154 -65.66 26.37 27.29
C THR D 154 -66.37 27.61 26.77
N LEU D 155 -66.16 27.92 25.50
CA LEU D 155 -66.71 29.13 24.96
C LEU D 155 -68.17 28.93 24.65
N ARG D 156 -68.60 27.70 24.43
CA ARG D 156 -69.96 27.46 24.04
C ARG D 156 -70.93 27.97 25.09
N HIS D 157 -70.55 27.85 26.33
CA HIS D 157 -71.41 28.24 27.42
C HIS D 157 -71.51 29.75 27.56
N LYS D 158 -70.52 30.47 27.03
CA LYS D 158 -70.55 31.93 27.04
C LYS D 158 -71.22 32.49 25.80
N ARG D 159 -71.19 31.74 24.71
CA ARG D 159 -71.79 32.15 23.45
C ARG D 159 -72.66 31.06 22.90
N PRO D 160 -73.83 30.86 23.50
CA PRO D 160 -74.64 29.70 23.13
C PRO D 160 -75.34 29.82 21.80
N LYS D 161 -75.28 30.95 21.12
CA LYS D 161 -75.90 31.03 19.81
C LYS D 161 -74.92 30.72 18.70
N ALA D 162 -73.65 30.57 19.04
CA ALA D 162 -72.59 30.46 18.06
C ALA D 162 -72.51 29.10 17.39
N LYS D 163 -72.22 29.11 16.10
CA LYS D 163 -72.11 27.89 15.33
C LYS D 163 -70.80 27.84 14.58
N TYR D 164 -70.16 28.99 14.39
CA TYR D 164 -69.05 29.08 13.45
C TYR D 164 -67.76 29.44 14.12
N ILE D 165 -66.68 28.93 13.57
CA ILE D 165 -65.34 29.32 13.97
C ILE D 165 -64.54 29.79 12.76
N ILE D 166 -64.10 31.03 12.80
CA ILE D 166 -63.36 31.63 11.69
C ILE D 166 -61.90 31.23 11.77
N TRP D 167 -61.41 30.57 10.72
CA TRP D 167 -60.12 29.90 10.76
C TRP D 167 -59.26 30.20 9.55
N PRO D 168 -58.25 31.05 9.69
CA PRO D 168 -57.31 31.22 8.59
C PRO D 168 -56.54 29.94 8.27
N ARG D 169 -56.66 29.46 7.04
CA ARG D 169 -56.28 28.12 6.67
C ARG D 169 -54.85 27.72 7.02
N ILE D 170 -54.71 26.55 7.59
CA ILE D 170 -53.43 25.90 7.75
C ILE D 170 -53.67 24.44 7.62
N ASP D 171 -52.94 23.80 6.73
CA ASP D 171 -53.24 22.44 6.42
C ASP D 171 -52.62 21.50 7.42
N GLN D 172 -53.29 21.34 8.54
CA GLN D 172 -52.87 20.42 9.57
C GLN D 172 -54.13 19.84 10.15
N LYS D 173 -54.24 18.52 10.17
CA LYS D 173 -55.50 17.87 10.47
C LYS D 173 -55.97 17.99 11.90
N SER D 174 -55.08 18.19 12.86
CA SER D 174 -55.49 18.19 14.24
C SER D 174 -56.17 19.47 14.69
N CYS D 175 -55.59 20.61 14.35
CA CYS D 175 -56.19 21.88 14.75
C CYS D 175 -57.47 22.13 13.95
N PHE D 176 -57.51 21.63 12.73
CA PHE D 176 -58.72 21.68 11.95
C PHE D 176 -59.82 20.88 12.59
N LYS D 177 -59.53 19.65 12.96
CA LYS D 177 -60.56 18.79 13.53
C LYS D 177 -60.95 19.18 14.93
N SER D 178 -60.10 19.93 15.62
CA SER D 178 -60.43 20.33 16.98
C SER D 178 -61.71 21.13 17.00
N MET D 179 -62.00 21.81 15.90
CA MET D 179 -63.17 22.65 15.79
C MET D 179 -64.41 21.81 15.61
N ILE D 180 -64.28 20.75 14.84
CA ILE D 180 -65.39 19.87 14.55
C ILE D 180 -65.74 18.98 15.75
N THR D 181 -64.72 18.54 16.47
CA THR D 181 -64.89 17.74 17.66
C THR D 181 -65.64 18.51 18.73
N ALA D 182 -65.33 19.79 18.87
CA ALA D 182 -66.02 20.64 19.82
C ALA D 182 -67.45 20.87 19.37
N GLY D 183 -67.73 20.59 18.12
CA GLY D 183 -69.09 20.65 17.62
C GLY D 183 -69.45 21.91 16.88
N PHE D 184 -68.45 22.58 16.34
CA PHE D 184 -68.69 23.79 15.60
C PHE D 184 -68.32 23.61 14.16
N GLU D 185 -68.62 24.61 13.34
CA GLU D 185 -68.36 24.52 11.92
C GLU D 185 -67.24 25.45 11.55
N PRO D 186 -66.13 24.90 11.06
CA PRO D 186 -65.03 25.75 10.67
C PRO D 186 -65.33 26.51 9.39
N VAL D 187 -65.09 27.81 9.43
CA VAL D 187 -65.20 28.67 8.28
C VAL D 187 -63.81 28.95 7.78
N VAL D 188 -63.40 28.28 6.73
CA VAL D 188 -62.03 28.36 6.26
C VAL D 188 -61.78 29.61 5.43
N ILE D 189 -60.95 30.50 5.95
CA ILE D 189 -60.53 31.68 5.23
C ILE D 189 -59.24 31.44 4.48
N GLU D 190 -59.26 31.54 3.16
CA GLU D 190 -58.06 31.30 2.39
C GLU D 190 -57.02 32.37 2.64
N ASN D 191 -55.78 32.08 2.28
CA ASN D 191 -54.68 33.01 2.53
C ASN D 191 -54.33 33.83 1.30
N VAL D 192 -53.63 34.94 1.50
CA VAL D 192 -53.17 35.73 0.37
C VAL D 192 -51.71 35.43 0.06
N LEU D 193 -51.41 35.27 -1.22
CA LEU D 193 -50.02 35.13 -1.63
C LEU D 193 -49.37 36.47 -1.67
N GLU D 194 -48.62 36.81 -0.64
CA GLU D 194 -47.86 38.05 -0.64
C GLU D 194 -46.39 37.77 -0.80
N GLY D 195 -45.93 37.69 -2.04
CA GLY D 195 -44.55 37.40 -2.32
C GLY D 195 -44.39 35.91 -2.51
N ASP D 196 -43.63 35.29 -1.62
CA ASP D 196 -43.55 33.84 -1.58
C ASP D 196 -44.42 33.34 -0.45
N GLU D 197 -44.66 34.22 0.52
CA GLU D 197 -45.39 33.92 1.74
C GLU D 197 -46.89 33.85 1.55
N LEU D 198 -47.55 32.99 2.32
CA LEU D 198 -48.99 32.97 2.41
C LEU D 198 -49.34 33.64 3.69
N ARG D 199 -50.16 34.67 3.67
CA ARG D 199 -50.45 35.39 4.89
C ARG D 199 -51.93 35.51 5.11
N THR D 200 -52.31 36.06 6.25
CA THR D 200 -53.70 36.25 6.59
C THR D 200 -54.42 37.16 5.62
N ASP D 201 -55.59 36.74 5.17
CA ASP D 201 -56.46 37.58 4.38
C ASP D 201 -57.40 38.31 5.33
N LEU D 202 -56.98 39.46 5.82
CA LEU D 202 -57.74 40.17 6.82
C LEU D 202 -59.07 40.73 6.33
N LYS D 203 -59.15 41.05 5.04
CA LYS D 203 -60.40 41.57 4.50
C LYS D 203 -61.42 40.47 4.43
N ALA D 204 -60.96 39.26 4.14
CA ALA D 204 -61.84 38.11 4.00
C ALA D 204 -62.33 37.62 5.34
N VAL D 205 -61.51 37.79 6.38
CA VAL D 205 -61.93 37.49 7.74
C VAL D 205 -63.02 38.45 8.14
N GLU D 206 -62.77 39.73 7.96
CA GLU D 206 -63.72 40.75 8.38
C GLU D 206 -64.99 40.67 7.55
N ALA D 207 -64.87 40.31 6.28
CA ALA D 207 -66.04 40.15 5.42
C ALA D 207 -66.90 39.01 5.89
N LYS D 208 -66.31 38.07 6.59
CA LYS D 208 -67.00 36.88 7.01
C LYS D 208 -67.61 37.07 8.38
N VAL D 209 -67.00 37.93 9.19
CA VAL D 209 -67.59 38.34 10.45
C VAL D 209 -68.88 39.09 10.18
N GLN D 210 -68.88 39.84 9.10
CA GLN D 210 -70.01 40.66 8.73
C GLN D 210 -71.14 39.86 8.09
N GLU D 211 -70.79 38.94 7.21
CA GLU D 211 -71.79 38.09 6.59
C GLU D 211 -72.49 37.22 7.61
N LEU D 212 -71.71 36.57 8.46
CA LEU D 212 -72.21 35.57 9.40
C LEU D 212 -72.78 36.19 10.65
N GLY D 213 -72.12 37.22 11.14
CA GLY D 213 -72.61 37.95 12.29
C GLY D 213 -71.83 37.59 13.53
N PRO D 214 -71.30 38.58 14.23
CA PRO D 214 -70.52 38.35 15.44
C PRO D 214 -71.15 37.38 16.42
N ASP D 215 -72.45 37.46 16.65
CA ASP D 215 -73.07 36.60 17.66
C ASP D 215 -73.07 35.15 17.24
N CYS D 216 -72.96 34.90 15.94
CA CYS D 216 -72.96 33.54 15.41
C CYS D 216 -71.56 32.94 15.31
N ILE D 217 -70.57 33.63 15.83
CA ILE D 217 -69.19 33.20 15.69
C ILE D 217 -68.63 32.88 17.06
N LEU D 218 -68.18 31.66 17.24
CA LEU D 218 -67.73 31.28 18.56
C LEU D 218 -66.42 31.95 18.87
N CYS D 219 -65.56 32.04 17.87
CA CYS D 219 -64.24 32.67 18.01
C CYS D 219 -63.54 32.74 16.69
N ILE D 220 -62.48 33.53 16.65
CA ILE D 220 -61.54 33.48 15.55
C ILE D 220 -60.37 32.62 15.99
N HIS D 221 -59.96 31.67 15.17
CA HIS D 221 -58.97 30.69 15.54
C HIS D 221 -57.71 30.87 14.71
N SER D 222 -56.70 31.52 15.28
CA SER D 222 -55.54 31.86 14.49
C SER D 222 -54.38 30.96 14.81
N THR D 223 -53.36 30.95 13.96
CA THR D 223 -52.22 30.07 14.11
C THR D 223 -50.91 30.79 13.97
N THR D 224 -50.06 30.75 15.00
CA THR D 224 -48.72 31.30 14.84
C THR D 224 -47.57 30.46 14.29
N SER D 225 -47.44 29.23 14.73
CA SER D 225 -46.35 28.40 14.28
C SER D 225 -46.97 27.59 13.18
N CYS D 226 -46.26 27.38 12.09
CA CYS D 226 -46.77 26.65 10.94
C CYS D 226 -45.65 26.34 9.97
N PHE D 227 -45.96 25.61 8.91
CA PHE D 227 -44.99 25.28 7.87
C PHE D 227 -44.86 26.39 6.82
N ALA D 228 -43.65 26.71 6.42
CA ALA D 228 -43.45 27.60 5.30
C ALA D 228 -44.06 26.97 4.08
N PRO D 229 -44.50 27.78 3.12
CA PRO D 229 -44.42 29.22 3.02
C PRO D 229 -45.48 30.00 3.79
N ARG D 230 -46.34 29.34 4.55
CA ARG D 230 -47.27 30.05 5.40
C ARG D 230 -46.47 30.68 6.51
N VAL D 231 -46.96 31.78 7.06
CA VAL D 231 -46.26 32.47 8.12
C VAL D 231 -47.26 32.69 9.22
N PRO D 232 -46.81 33.09 10.42
CA PRO D 232 -47.78 33.35 11.47
C PRO D 232 -48.88 34.34 11.10
N ASP D 233 -50.06 34.14 11.66
CA ASP D 233 -51.18 35.00 11.35
C ASP D 233 -50.94 36.38 11.88
N ARG D 234 -51.62 37.36 11.31
CA ARG D 234 -51.42 38.73 11.71
C ARG D 234 -52.18 38.97 12.98
N LEU D 235 -51.62 38.55 14.10
CA LEU D 235 -52.34 38.55 15.36
C LEU D 235 -52.75 39.94 15.83
N GLU D 236 -51.96 40.95 15.53
CA GLU D 236 -52.31 42.27 16.00
C GLU D 236 -53.58 42.76 15.35
N GLU D 237 -53.74 42.45 14.07
CA GLU D 237 -54.89 42.91 13.33
C GLU D 237 -56.12 42.12 13.70
N LEU D 238 -55.96 40.81 13.84
CA LEU D 238 -57.05 39.95 14.25
C LEU D 238 -57.47 40.23 15.67
N ALA D 239 -56.55 40.71 16.49
CA ALA D 239 -56.89 41.03 17.86
C ALA D 239 -57.73 42.28 17.91
N VAL D 240 -57.57 43.14 16.91
CA VAL D 240 -58.33 44.38 16.87
C VAL D 240 -59.71 44.12 16.30
N ILE D 241 -59.79 43.28 15.28
CA ILE D 241 -61.07 42.79 14.80
C ILE D 241 -61.89 42.15 15.90
N CYS D 242 -61.29 41.25 16.65
CA CYS D 242 -61.96 40.59 17.74
C CYS D 242 -62.36 41.55 18.83
N ALA D 243 -61.56 42.55 19.10
CA ALA D 243 -61.90 43.48 20.16
C ALA D 243 -63.07 44.37 19.78
N ASN D 244 -63.16 44.74 18.51
CA ASN D 244 -64.21 45.63 18.04
C ASN D 244 -65.54 44.93 17.88
N TYR D 245 -65.51 43.68 17.47
CA TYR D 245 -66.74 42.93 17.28
C TYR D 245 -67.08 42.05 18.45
N ASP D 246 -66.28 42.13 19.51
CA ASP D 246 -66.55 41.38 20.72
C ASP D 246 -66.57 39.85 20.51
N ILE D 247 -65.60 39.35 19.75
CA ILE D 247 -65.48 37.94 19.41
C ILE D 247 -64.25 37.35 20.07
N PRO D 248 -64.36 36.19 20.71
CA PRO D 248 -63.19 35.61 21.34
C PRO D 248 -62.11 35.24 20.36
N HIS D 249 -60.87 35.35 20.80
CA HIS D 249 -59.74 35.05 19.96
C HIS D 249 -58.95 33.91 20.58
N ILE D 250 -58.84 32.78 19.88
CA ILE D 250 -58.07 31.65 20.34
C ILE D 250 -56.89 31.39 19.43
N VAL D 251 -55.69 31.48 19.97
CA VAL D 251 -54.50 31.30 19.16
C VAL D 251 -53.92 29.89 19.27
N ASN D 252 -53.75 29.23 18.13
CA ASN D 252 -53.00 27.99 18.08
C ASN D 252 -51.51 28.28 18.00
N ASN D 253 -50.80 28.07 19.10
CA ASN D 253 -49.38 28.34 19.19
C ASN D 253 -48.59 27.05 19.32
N ALA D 254 -48.99 26.03 18.57
CA ALA D 254 -48.53 24.66 18.78
C ALA D 254 -47.07 24.53 19.12
N TYR D 255 -46.19 25.06 18.28
CA TYR D 255 -44.79 25.00 18.62
C TYR D 255 -44.11 26.33 18.53
N GLY D 256 -44.71 27.34 19.14
CA GLY D 256 -44.19 28.67 19.03
C GLY D 256 -43.62 29.20 20.32
N VAL D 257 -43.52 28.38 21.35
CA VAL D 257 -42.88 28.85 22.57
C VAL D 257 -41.41 29.03 22.29
N GLN D 258 -40.89 28.22 21.39
CA GLN D 258 -39.48 28.21 21.06
C GLN D 258 -39.07 29.41 20.24
N SER D 259 -40.04 30.06 19.63
CA SER D 259 -39.76 31.18 18.76
C SER D 259 -40.08 32.49 19.45
N SER D 260 -39.11 33.35 19.65
CA SER D 260 -39.37 34.60 20.34
C SER D 260 -40.14 35.56 19.45
N LYS D 261 -40.15 35.28 18.15
CA LYS D 261 -40.93 36.09 17.24
C LYS D 261 -42.40 35.73 17.34
N CYS D 262 -42.72 34.46 17.45
CA CYS D 262 -44.10 34.04 17.68
C CYS D 262 -44.64 34.55 19.01
N MET D 263 -43.86 34.44 20.05
CA MET D 263 -44.32 34.85 21.35
C MET D 263 -44.47 36.36 21.48
N HIS D 264 -43.60 37.13 20.86
CA HIS D 264 -43.72 38.58 20.97
C HIS D 264 -44.91 39.03 20.15
N LEU D 265 -45.26 38.22 19.18
CA LEU D 265 -46.43 38.45 18.35
C LEU D 265 -47.70 38.22 19.14
N ILE D 266 -47.69 37.23 20.01
CA ILE D 266 -48.81 36.97 20.88
C ILE D 266 -48.90 38.06 21.91
N GLN D 267 -47.77 38.51 22.40
CA GLN D 267 -47.76 39.59 23.38
C GLN D 267 -48.24 40.92 22.80
N GLN D 268 -47.92 41.16 21.54
CA GLN D 268 -48.35 42.40 20.90
C GLN D 268 -49.82 42.34 20.65
N GLY D 269 -50.27 41.22 20.11
CA GLY D 269 -51.68 41.02 19.86
C GLY D 269 -52.51 41.29 21.09
N ALA D 270 -51.99 40.92 22.25
CA ALA D 270 -52.73 41.11 23.48
C ALA D 270 -52.69 42.54 23.93
N ARG D 271 -51.73 43.30 23.44
CA ARG D 271 -51.52 44.65 23.95
C ARG D 271 -52.43 45.62 23.26
N VAL D 272 -52.74 45.33 22.00
CA VAL D 272 -53.49 46.26 21.18
C VAL D 272 -54.90 45.79 20.95
N GLY D 273 -55.15 44.54 21.28
CA GLY D 273 -56.44 43.96 21.02
C GLY D 273 -56.77 42.87 21.99
N ARG D 274 -57.36 41.80 21.46
CA ARG D 274 -57.93 40.78 22.29
C ARG D 274 -57.44 39.38 21.94
N ILE D 275 -56.80 38.72 22.90
CA ILE D 275 -56.43 37.32 22.80
C ILE D 275 -56.95 36.65 24.04
N ASP D 276 -57.76 35.62 23.89
CA ASP D 276 -58.45 35.03 25.02
C ASP D 276 -57.67 33.88 25.63
N ALA D 277 -57.10 33.06 24.77
CA ALA D 277 -56.20 32.01 25.17
C ALA D 277 -55.23 31.73 24.04
N PHE D 278 -54.07 31.19 24.37
CA PHE D 278 -53.18 30.63 23.37
C PHE D 278 -52.69 29.27 23.85
N VAL D 279 -52.67 28.30 22.95
CA VAL D 279 -52.45 26.89 23.28
C VAL D 279 -51.16 26.36 22.69
N GLN D 280 -50.36 25.67 23.50
CA GLN D 280 -49.07 25.16 23.07
C GLN D 280 -48.86 23.69 23.33
N SER D 281 -48.14 23.04 22.43
CA SER D 281 -47.78 21.65 22.63
C SER D 281 -46.63 21.53 23.61
N LEU D 282 -46.61 20.45 24.39
CA LEU D 282 -45.52 20.24 25.33
C LEU D 282 -44.33 19.54 24.67
N ASP D 283 -44.60 18.60 23.78
CA ASP D 283 -43.51 17.83 23.22
C ASP D 283 -42.73 18.61 22.19
N LYS D 284 -43.38 19.53 21.51
CA LYS D 284 -42.71 20.36 20.53
C LYS D 284 -41.88 21.47 21.14
N ASN D 285 -42.25 21.95 22.32
CA ASN D 285 -41.57 23.08 22.90
C ASN D 285 -40.65 22.73 24.04
N PHE D 286 -40.78 21.52 24.58
CA PHE D 286 -40.05 21.12 25.78
C PHE D 286 -39.37 19.77 25.68
N MET D 287 -39.49 19.10 24.54
CA MET D 287 -38.78 17.86 24.30
C MET D 287 -39.10 16.81 25.37
N VAL D 288 -40.38 16.52 25.51
CA VAL D 288 -40.87 15.43 26.33
C VAL D 288 -41.74 14.62 25.39
N PRO D 289 -42.24 13.45 25.82
CA PRO D 289 -43.08 12.72 24.87
C PRO D 289 -44.42 13.40 24.52
N VAL D 290 -45.00 12.97 23.40
CA VAL D 290 -46.24 13.52 22.89
C VAL D 290 -47.40 13.27 23.83
N GLY D 291 -48.21 14.28 24.10
CA GLY D 291 -49.41 14.04 24.84
C GLY D 291 -49.95 15.09 25.76
N GLY D 292 -49.22 16.17 25.97
CA GLY D 292 -49.68 17.20 26.87
C GLY D 292 -49.64 18.56 26.21
N ALA D 293 -50.24 19.55 26.85
CA ALA D 293 -50.30 20.88 26.29
C ALA D 293 -50.41 21.90 27.37
N ILE D 294 -50.26 23.16 27.00
CA ILE D 294 -50.45 24.28 27.91
C ILE D 294 -51.52 25.20 27.36
N ILE D 295 -52.48 25.59 28.19
CA ILE D 295 -53.46 26.58 27.82
C ILE D 295 -53.17 27.83 28.62
N ALA D 296 -52.95 28.96 27.96
CA ALA D 296 -52.55 30.15 28.67
C ALA D 296 -53.33 31.33 28.21
N GLY D 297 -53.38 32.37 29.03
CA GLY D 297 -54.16 33.52 28.65
C GLY D 297 -53.84 34.74 29.46
N PHE D 298 -54.68 35.75 29.30
CA PHE D 298 -54.41 37.03 29.89
C PHE D 298 -55.47 37.40 30.88
N ASN D 299 -56.63 36.80 30.74
CA ASN D 299 -57.65 36.92 31.78
C ASN D 299 -57.57 35.74 32.72
N ASP D 300 -57.22 36.02 33.96
CA ASP D 300 -57.00 34.98 34.95
C ASP D 300 -58.24 34.14 35.17
N SER D 301 -59.39 34.81 35.13
CA SER D 301 -60.68 34.19 35.34
C SER D 301 -61.09 33.24 34.24
N PHE D 302 -60.90 33.63 33.00
CA PHE D 302 -61.30 32.79 31.88
C PHE D 302 -60.42 31.55 31.78
N ILE D 303 -59.15 31.67 32.12
CA ILE D 303 -58.28 30.51 32.09
C ILE D 303 -58.71 29.54 33.16
N GLN D 304 -59.13 30.05 34.31
CA GLN D 304 -59.66 29.21 35.36
C GLN D 304 -60.94 28.52 34.92
N GLU D 305 -61.72 29.17 34.07
CA GLU D 305 -62.96 28.58 33.58
C GLU D 305 -62.71 27.42 32.65
N ILE D 306 -61.65 27.48 31.86
CA ILE D 306 -61.31 26.39 30.95
C ILE D 306 -60.80 25.22 31.73
N SER D 307 -60.11 25.52 32.81
CA SER D 307 -59.64 24.51 33.73
C SER D 307 -60.80 23.80 34.39
N LYS D 308 -61.79 24.56 34.84
CA LYS D 308 -62.88 23.96 35.58
C LYS D 308 -63.89 23.29 34.67
N MET D 309 -63.62 23.30 33.37
CA MET D 309 -64.52 22.66 32.40
C MET D 309 -64.07 21.23 32.13
N TYR D 310 -62.85 20.91 32.52
CA TYR D 310 -62.33 19.57 32.37
C TYR D 310 -63.00 18.65 33.37
N PRO D 311 -63.59 17.57 32.91
CA PRO D 311 -64.29 16.70 33.83
C PRO D 311 -63.42 15.59 34.36
N GLY D 312 -63.25 15.55 35.66
CA GLY D 312 -62.55 14.44 36.27
C GLY D 312 -61.08 14.64 36.51
N ARG D 313 -60.42 13.55 36.88
CA ARG D 313 -59.00 13.56 37.12
C ARG D 313 -58.28 13.29 35.84
N ALA D 314 -57.05 13.75 35.74
CA ALA D 314 -56.28 13.52 34.53
C ALA D 314 -54.91 12.98 34.85
N SER D 315 -54.26 12.39 33.87
CA SER D 315 -52.93 11.83 34.01
C SER D 315 -51.90 12.86 34.45
N ALA D 316 -50.98 12.47 35.33
CA ALA D 316 -49.95 13.39 35.79
C ALA D 316 -48.64 13.15 35.08
N SER D 317 -48.65 12.21 34.15
CA SER D 317 -47.46 11.86 33.43
C SER D 317 -46.90 13.01 32.61
N PRO D 318 -47.73 13.79 31.90
CA PRO D 318 -47.09 14.88 31.18
C PRO D 318 -46.61 16.03 32.05
N SER D 319 -47.22 16.26 33.19
CA SER D 319 -46.72 17.28 34.08
C SER D 319 -45.36 16.86 34.62
N LEU D 320 -45.21 15.59 34.94
CA LEU D 320 -43.97 15.10 35.53
C LEU D 320 -42.82 15.17 34.53
N ASP D 321 -43.08 14.80 33.28
CA ASP D 321 -42.07 14.93 32.24
C ASP D 321 -41.58 16.36 32.08
N VAL D 322 -42.46 17.33 32.30
CA VAL D 322 -42.11 18.71 32.08
C VAL D 322 -41.38 19.25 33.27
N LEU D 323 -41.75 18.79 34.46
CA LEU D 323 -41.11 19.22 35.69
C LEU D 323 -39.69 18.68 35.77
N ILE D 324 -39.50 17.44 35.36
CA ILE D 324 -38.19 16.84 35.33
C ILE D 324 -37.34 17.57 34.33
N SER D 325 -37.90 17.90 33.18
CA SER D 325 -37.16 18.56 32.12
C SER D 325 -36.74 19.98 32.46
N LEU D 326 -37.59 20.74 33.10
CA LEU D 326 -37.26 22.13 33.35
C LEU D 326 -36.34 22.26 34.54
N LEU D 327 -36.45 21.35 35.49
CA LEU D 327 -35.58 21.40 36.64
C LEU D 327 -34.20 20.89 36.23
N SER D 328 -34.15 19.97 35.29
CA SER D 328 -32.88 19.50 34.79
C SER D 328 -32.22 20.54 33.90
N LEU D 329 -33.01 21.25 33.12
CA LEU D 329 -32.49 22.25 32.19
C LEU D 329 -32.23 23.58 32.86
N GLY D 330 -33.16 24.06 33.64
CA GLY D 330 -33.04 25.38 34.21
C GLY D 330 -33.33 26.48 33.20
N SER D 331 -33.48 27.71 33.68
CA SER D 331 -33.65 28.87 32.82
C SER D 331 -32.56 28.92 31.78
N ASN D 332 -31.32 28.82 32.22
CA ASN D 332 -30.17 28.92 31.34
C ASN D 332 -30.14 27.80 30.35
N GLY D 333 -30.57 26.64 30.79
CA GLY D 333 -30.58 25.48 29.92
C GLY D 333 -31.58 25.66 28.83
N TYR D 334 -32.73 26.27 29.15
CA TYR D 334 -33.75 26.49 28.15
C TYR D 334 -33.33 27.61 27.20
N LYS D 335 -32.85 28.72 27.73
CA LYS D 335 -32.35 29.81 26.90
C LYS D 335 -31.30 29.31 25.92
N LYS D 336 -30.41 28.45 26.39
CA LYS D 336 -29.40 27.89 25.52
C LYS D 336 -30.04 27.20 24.35
N LEU D 337 -31.02 26.36 24.63
CA LEU D 337 -31.67 25.64 23.56
C LEU D 337 -32.35 26.59 22.58
N LEU D 338 -32.79 27.74 23.08
CA LEU D 338 -33.46 28.73 22.26
C LEU D 338 -32.48 29.47 21.38
N LYS D 339 -31.34 29.87 21.93
CA LYS D 339 -30.31 30.54 21.15
C LYS D 339 -29.77 29.65 20.04
N GLU D 340 -29.70 28.35 20.30
CA GLU D 340 -29.14 27.43 19.33
C GLU D 340 -30.11 27.12 18.20
N ARG D 341 -31.40 27.27 18.47
CA ARG D 341 -32.40 27.01 17.45
C ARG D 341 -32.34 28.09 16.41
N LYS D 342 -32.07 29.31 16.86
CA LYS D 342 -31.85 30.43 15.96
C LYS D 342 -30.62 30.20 15.11
N GLU D 343 -29.51 29.89 15.78
CA GLU D 343 -28.26 29.64 15.09
C GLU D 343 -28.38 28.52 14.08
N MET D 344 -29.13 27.50 14.43
CA MET D 344 -29.30 26.35 13.56
C MET D 344 -30.24 26.68 12.43
N PHE D 345 -30.99 27.74 12.61
CA PHE D 345 -31.93 28.18 11.59
C PHE D 345 -31.19 28.99 10.55
N SER D 346 -30.25 29.81 10.99
CA SER D 346 -29.37 30.50 10.06
C SER D 346 -28.63 29.45 9.28
N TYR D 347 -28.00 28.53 9.99
CA TYR D 347 -27.15 27.56 9.35
C TYR D 347 -27.94 26.73 8.37
N LEU D 348 -29.10 26.23 8.77
CA LEU D 348 -29.91 25.38 7.90
C LEU D 348 -30.36 26.15 6.68
N SER D 349 -30.44 27.47 6.81
CA SER D 349 -30.89 28.28 5.70
C SER D 349 -29.80 28.36 4.66
N ASN D 350 -28.64 28.89 5.08
CA ASN D 350 -27.46 28.98 4.22
C ASN D 350 -27.21 27.68 3.48
N GLN D 351 -27.36 26.57 4.18
CA GLN D 351 -27.14 25.28 3.60
C GLN D 351 -28.16 24.93 2.55
N ILE D 352 -29.36 25.50 2.63
CA ILE D 352 -30.39 25.18 1.64
C ILE D 352 -30.23 26.12 0.48
N LYS D 353 -29.82 27.34 0.76
CA LYS D 353 -29.54 28.28 -0.31
C LYS D 353 -28.45 27.68 -1.19
N LYS D 354 -27.35 27.28 -0.56
CA LYS D 354 -26.21 26.72 -1.29
C LYS D 354 -26.57 25.45 -2.07
N LEU D 355 -27.37 24.58 -1.50
CA LEU D 355 -27.70 23.32 -2.15
C LEU D 355 -28.69 23.52 -3.28
N SER D 356 -29.60 24.46 -3.10
CA SER D 356 -30.65 24.67 -4.07
C SER D 356 -30.09 25.26 -5.34
N GLU D 357 -29.18 26.20 -5.18
CA GLU D 357 -28.56 26.87 -6.32
C GLU D 357 -27.88 25.85 -7.21
N ALA D 358 -27.38 24.78 -6.62
CA ALA D 358 -26.68 23.76 -7.37
C ALA D 358 -27.64 22.88 -8.16
N TYR D 359 -28.93 22.96 -7.84
CA TYR D 359 -29.92 22.17 -8.56
C TYR D 359 -30.90 23.05 -9.30
N ASN D 360 -30.53 24.31 -9.46
CA ASN D 360 -31.38 25.30 -10.12
C ASN D 360 -32.71 25.43 -9.40
N GLU D 361 -32.66 25.42 -8.08
CA GLU D 361 -33.84 25.68 -7.26
C GLU D 361 -33.51 26.83 -6.35
N ARG D 362 -34.48 27.32 -5.60
CA ARG D 362 -34.23 28.45 -4.72
C ARG D 362 -34.93 28.29 -3.41
N LEU D 363 -34.38 28.94 -2.39
CA LEU D 363 -35.00 29.05 -1.10
C LEU D 363 -36.11 30.08 -1.18
N LEU D 364 -37.35 29.65 -1.01
CA LEU D 364 -38.48 30.59 -1.03
C LEU D 364 -38.29 31.64 0.04
N HIS D 365 -38.50 32.89 -0.34
CA HIS D 365 -38.28 33.98 0.59
C HIS D 365 -39.46 34.11 1.53
N THR D 366 -39.27 33.69 2.78
CA THR D 366 -40.33 33.72 3.78
C THR D 366 -39.78 34.21 5.09
N PRO D 367 -39.37 35.47 5.15
CA PRO D 367 -38.72 36.00 6.34
C PRO D 367 -39.60 36.05 7.56
N HIS D 368 -40.91 35.99 7.39
CA HIS D 368 -41.81 36.14 8.52
C HIS D 368 -41.97 34.84 9.29
N ASN D 369 -41.48 33.75 8.73
CA ASN D 369 -41.53 32.45 9.38
C ASN D 369 -40.19 32.13 9.99
N PRO D 370 -40.13 32.02 11.33
CA PRO D 370 -38.87 31.86 12.04
C PRO D 370 -38.50 30.42 12.37
N ILE D 371 -39.27 29.46 11.90
CA ILE D 371 -39.03 28.07 12.23
C ILE D 371 -38.94 27.20 10.99
N SER D 372 -39.78 27.48 10.00
CA SER D 372 -39.88 26.60 8.85
C SER D 372 -39.32 27.22 7.58
N LEU D 373 -38.62 26.42 6.77
CA LEU D 373 -38.06 26.87 5.51
C LEU D 373 -38.67 26.08 4.39
N ALA D 374 -38.66 26.61 3.19
CA ALA D 374 -39.11 25.84 2.05
C ALA D 374 -38.15 26.02 0.90
N MET D 375 -37.96 24.95 0.13
CA MET D 375 -37.08 24.98 -1.03
C MET D 375 -37.88 24.52 -2.22
N THR D 376 -37.73 25.20 -3.35
CA THR D 376 -38.50 24.86 -4.52
C THR D 376 -38.13 23.49 -5.06
N LEU D 377 -39.10 22.78 -5.61
CA LEU D 377 -38.85 21.59 -6.38
C LEU D 377 -39.41 21.83 -7.76
N LYS D 378 -39.13 23.01 -8.29
CA LYS D 378 -39.71 23.48 -9.53
C LYS D 378 -39.18 22.66 -10.69
N THR D 379 -37.94 22.23 -10.55
CA THR D 379 -37.29 21.46 -11.59
C THR D 379 -37.55 19.97 -11.48
N LEU D 380 -38.79 19.60 -11.17
CA LEU D 380 -39.14 18.20 -11.06
C LEU D 380 -40.54 17.98 -11.60
N ASP D 381 -40.65 17.14 -12.62
CA ASP D 381 -41.93 16.88 -13.26
C ASP D 381 -42.69 15.78 -12.55
N GLU D 382 -43.94 16.05 -12.21
CA GLU D 382 -44.79 15.11 -11.48
C GLU D 382 -45.71 14.37 -12.43
N HIS D 383 -46.22 15.07 -13.44
CA HIS D 383 -47.01 14.42 -14.48
C HIS D 383 -46.08 13.64 -15.40
N ARG D 384 -44.79 13.94 -15.30
CA ARG D 384 -43.77 13.24 -16.07
C ARG D 384 -42.69 12.69 -15.13
N ASP D 385 -42.79 11.39 -14.84
CA ASP D 385 -41.88 10.63 -13.97
C ASP D 385 -42.19 10.75 -12.48
N LYS D 386 -43.25 11.48 -12.15
CA LYS D 386 -43.77 11.55 -10.77
C LYS D 386 -42.69 11.78 -9.71
N ALA D 387 -41.75 12.67 -10.00
CA ALA D 387 -40.56 12.81 -9.19
C ALA D 387 -40.79 13.39 -7.81
N VAL D 388 -41.81 14.23 -7.67
CA VAL D 388 -42.00 14.95 -6.43
C VAL D 388 -42.46 14.04 -5.30
N THR D 389 -43.35 13.11 -5.60
CA THR D 389 -43.83 12.19 -4.59
C THR D 389 -42.73 11.22 -4.21
N GLN D 390 -42.08 10.67 -5.23
CA GLN D 390 -41.03 9.68 -5.01
C GLN D 390 -39.75 10.29 -4.46
N LEU D 391 -39.77 11.56 -4.08
CA LEU D 391 -38.64 12.13 -3.35
C LEU D 391 -38.98 12.06 -1.88
N GLY D 392 -40.26 12.01 -1.59
CA GLY D 392 -40.72 11.94 -0.22
C GLY D 392 -40.33 10.62 0.39
N SER D 393 -40.64 9.53 -0.30
CA SER D 393 -40.37 8.21 0.22
C SER D 393 -38.90 7.91 0.08
N MET D 394 -38.22 8.59 -0.82
CA MET D 394 -36.79 8.44 -0.94
C MET D 394 -36.11 9.06 0.26
N LEU D 395 -36.56 10.24 0.68
CA LEU D 395 -35.99 10.88 1.84
C LEU D 395 -36.27 10.08 3.10
N PHE D 396 -37.34 9.29 3.06
CA PHE D 396 -37.74 8.46 4.19
C PHE D 396 -36.76 7.31 4.40
N THR D 397 -36.67 6.44 3.41
CA THR D 397 -35.78 5.29 3.48
C THR D 397 -34.39 5.70 3.98
N ARG D 398 -33.95 6.88 3.60
CA ARG D 398 -32.65 7.38 4.01
C ARG D 398 -32.69 7.92 5.44
N GLN D 399 -33.84 7.77 6.08
CA GLN D 399 -34.01 8.23 7.46
C GLN D 399 -33.81 9.73 7.57
N VAL D 400 -34.60 10.46 6.80
CA VAL D 400 -34.76 11.88 6.98
C VAL D 400 -36.18 12.10 7.46
N SER D 401 -36.34 12.34 8.75
CA SER D 401 -37.67 12.57 9.28
C SER D 401 -37.94 14.05 9.33
N GLY D 402 -39.19 14.43 9.06
CA GLY D 402 -39.57 15.81 9.20
C GLY D 402 -39.46 16.63 7.92
N ALA D 403 -39.02 16.01 6.85
CA ALA D 403 -38.95 16.69 5.57
C ALA D 403 -40.21 16.45 4.78
N ARG D 404 -41.06 17.47 4.69
CA ARG D 404 -42.30 17.36 3.93
C ARG D 404 -42.10 17.69 2.48
N VAL D 405 -42.55 16.83 1.59
CA VAL D 405 -42.65 17.19 0.19
C VAL D 405 -44.07 17.64 -0.07
N VAL D 406 -44.21 18.82 -0.65
CA VAL D 406 -45.53 19.36 -0.92
C VAL D 406 -45.73 19.53 -2.41
N PRO D 407 -46.41 18.58 -3.04
CA PRO D 407 -46.66 18.61 -4.48
C PRO D 407 -47.76 19.57 -4.85
N LEU D 408 -48.16 19.57 -6.10
CA LEU D 408 -49.21 20.46 -6.55
C LEU D 408 -50.51 19.72 -6.67
N GLY D 409 -51.61 20.41 -6.38
CA GLY D 409 -52.93 19.91 -6.64
C GLY D 409 -53.33 18.59 -6.01
N SER D 410 -52.94 18.37 -4.77
CA SER D 410 -53.40 17.18 -4.08
C SER D 410 -54.69 17.47 -3.35
N MET D 411 -55.71 16.69 -3.65
CA MET D 411 -56.98 16.84 -2.98
C MET D 411 -57.08 15.91 -1.79
N GLN D 412 -57.80 16.36 -0.77
CA GLN D 412 -57.80 15.68 0.51
C GLN D 412 -59.08 16.02 1.26
N THR D 413 -59.76 14.99 1.73
CA THR D 413 -60.99 15.17 2.49
C THR D 413 -60.77 14.89 3.97
N VAL D 414 -60.88 15.93 4.77
CA VAL D 414 -60.74 15.82 6.21
C VAL D 414 -62.06 16.13 6.88
N SER D 415 -62.70 15.13 7.46
CA SER D 415 -63.99 15.30 8.15
C SER D 415 -65.07 15.86 7.26
N GLY D 416 -65.09 15.46 5.99
CA GLY D 416 -66.12 15.90 5.07
C GLY D 416 -65.80 17.14 4.25
N TYR D 417 -64.77 17.86 4.66
CA TYR D 417 -64.36 19.07 3.95
C TYR D 417 -63.25 18.69 2.99
N THR D 418 -63.32 19.21 1.78
CA THR D 418 -62.35 18.88 0.76
C THR D 418 -61.38 20.01 0.56
N PHE D 419 -60.10 19.75 0.78
CA PHE D 419 -59.10 20.75 0.55
C PHE D 419 -58.54 20.58 -0.83
N ARG D 420 -58.31 21.68 -1.53
CA ARG D 420 -57.57 21.63 -2.77
C ARG D 420 -56.15 22.04 -2.47
N GLY D 421 -55.20 21.43 -3.16
CA GLY D 421 -53.80 21.75 -2.98
C GLY D 421 -53.35 21.51 -1.57
N PHE D 422 -53.82 20.43 -0.97
CA PHE D 422 -53.58 20.14 0.43
C PHE D 422 -52.09 20.01 0.70
N MET D 423 -51.70 20.44 1.90
CA MET D 423 -50.33 20.53 2.39
C MET D 423 -49.66 21.80 1.95
N SER D 424 -50.37 22.62 1.18
CA SER D 424 -49.76 23.84 0.64
C SER D 424 -50.50 25.07 1.14
N HIS D 425 -51.57 24.88 1.89
CA HIS D 425 -52.31 25.96 2.55
C HIS D 425 -53.00 26.93 1.59
N THR D 426 -53.16 26.53 0.35
CA THR D 426 -53.81 27.35 -0.65
C THR D 426 -54.08 26.40 -1.79
N ASN D 427 -54.91 26.79 -2.74
CA ASN D 427 -55.37 25.83 -3.74
C ASN D 427 -54.44 25.70 -4.92
N ASN D 428 -53.71 26.76 -5.22
CA ASN D 428 -52.73 26.74 -6.28
C ASN D 428 -51.48 27.52 -5.92
N TYR D 429 -50.56 26.89 -5.21
CA TYR D 429 -49.28 27.53 -4.99
C TYR D 429 -48.53 27.40 -6.29
N PRO D 430 -47.70 28.39 -6.61
CA PRO D 430 -46.97 28.40 -7.88
C PRO D 430 -46.09 27.17 -8.16
N CYS D 431 -45.67 26.42 -7.16
CA CYS D 431 -44.71 25.36 -7.39
C CYS D 431 -44.67 24.34 -6.27
N ALA D 432 -44.21 23.13 -6.57
CA ALA D 432 -43.99 22.12 -5.55
C ALA D 432 -42.81 22.55 -4.70
N TYR D 433 -42.73 22.08 -3.47
CA TYR D 433 -41.62 22.50 -2.63
C TYR D 433 -41.31 21.53 -1.51
N LEU D 434 -40.21 21.78 -0.80
CA LEU D 434 -39.73 20.90 0.25
C LEU D 434 -39.57 21.65 1.54
N ASN D 435 -40.02 21.07 2.64
CA ASN D 435 -39.97 21.72 3.94
C ASN D 435 -38.85 21.20 4.80
N ALA D 436 -38.26 22.07 5.60
CA ALA D 436 -37.34 21.65 6.64
C ALA D 436 -37.40 22.69 7.71
N ALA D 437 -37.09 22.33 8.94
CA ALA D 437 -37.28 23.30 10.00
C ALA D 437 -36.20 23.19 11.05
N SER D 438 -35.93 24.31 11.71
CA SER D 438 -35.05 24.33 12.85
C SER D 438 -35.87 24.41 14.10
N ALA D 439 -36.17 23.26 14.68
CA ALA D 439 -36.95 23.20 15.89
C ALA D 439 -36.04 22.89 17.06
N ILE D 440 -36.43 23.32 18.25
CA ILE D 440 -35.61 23.19 19.45
C ILE D 440 -34.97 21.81 19.58
N GLY D 441 -33.70 21.79 19.93
CA GLY D 441 -32.98 20.56 20.11
C GLY D 441 -32.29 20.04 18.87
N MET D 442 -32.32 20.81 17.80
CA MET D 442 -31.68 20.40 16.56
C MET D 442 -30.20 20.60 16.69
N LYS D 443 -29.42 19.65 16.18
CA LYS D 443 -27.98 19.74 16.31
C LYS D 443 -27.36 19.87 14.91
N MET D 444 -26.17 20.47 14.83
CA MET D 444 -25.54 20.76 13.54
C MET D 444 -25.46 19.54 12.66
N GLN D 445 -25.23 18.40 13.28
CA GLN D 445 -25.21 17.13 12.58
C GLN D 445 -26.54 16.87 11.87
N ASP D 446 -27.64 17.38 12.41
CA ASP D 446 -28.94 17.16 11.79
C ASP D 446 -29.03 17.86 10.44
N VAL D 447 -28.59 19.11 10.41
CA VAL D 447 -28.60 19.87 9.18
C VAL D 447 -27.68 19.25 8.16
N ASP D 448 -26.45 18.97 8.60
CA ASP D 448 -25.44 18.39 7.73
C ASP D 448 -25.89 17.07 7.17
N LEU D 449 -26.42 16.19 8.00
CA LEU D 449 -26.92 14.93 7.50
C LEU D 449 -28.06 15.13 6.51
N PHE D 450 -28.92 16.11 6.75
CA PHE D 450 -30.05 16.37 5.87
C PHE D 450 -29.59 16.84 4.52
N ILE D 451 -28.68 17.79 4.50
CA ILE D 451 -28.12 18.29 3.26
C ILE D 451 -27.54 17.16 2.42
N LYS D 452 -26.76 16.28 3.05
CA LYS D 452 -26.09 15.23 2.32
C LYS D 452 -27.06 14.26 1.68
N ARG D 453 -28.15 13.94 2.37
CA ARG D 453 -29.06 12.92 1.87
C ARG D 453 -30.05 13.50 0.88
N LEU D 454 -30.24 14.80 0.95
CA LEU D 454 -31.06 15.47 -0.03
C LEU D 454 -30.30 15.49 -1.35
N ASP D 455 -29.03 15.84 -1.25
CA ASP D 455 -28.14 15.86 -2.41
C ASP D 455 -28.18 14.54 -3.16
N ARG D 456 -28.05 13.43 -2.44
CA ARG D 456 -28.04 12.14 -3.10
C ARG D 456 -29.40 11.82 -3.65
N CYS D 457 -30.42 12.31 -2.98
CA CYS D 457 -31.79 12.09 -3.41
C CYS D 457 -32.08 12.84 -4.69
N LEU D 458 -31.62 14.08 -4.76
CA LEU D 458 -31.81 14.87 -5.95
C LEU D 458 -31.02 14.27 -7.12
N LYS D 459 -29.73 14.02 -6.91
CA LYS D 459 -28.91 13.33 -7.90
C LYS D 459 -29.64 12.12 -8.45
N ALA D 460 -30.03 11.24 -7.55
CA ALA D 460 -30.70 10.01 -7.96
C ALA D 460 -31.99 10.30 -8.69
N VAL D 461 -32.73 11.31 -8.23
CA VAL D 461 -34.02 11.62 -8.83
C VAL D 461 -33.85 12.07 -10.27
N ARG D 462 -32.63 12.52 -10.62
CA ARG D 462 -32.30 12.93 -11.98
C ARG D 462 -31.76 11.74 -12.77
N LYS D 463 -32.67 10.92 -13.30
CA LYS D 463 -32.30 9.75 -14.09
C LYS D 463 -33.51 9.22 -14.83
N1 PLR F . 25.96 -35.92 -9.87
C2 PLR F . 25.14 -35.92 -10.97
C2A PLR F . 23.91 -36.76 -11.00
C3 PLR F . 25.44 -35.16 -12.08
O3 PLR F . 24.62 -35.19 -13.16
C4 PLR F . 26.55 -34.37 -12.09
C4A PLR F . 26.63 -33.17 -12.99
C5 PLR F . 27.37 -34.38 -11.00
C6 PLR F . 27.08 -35.13 -9.87
C5A PLR F . 28.57 -33.48 -11.05
O4P PLR F . 29.76 -34.20 -11.20
P PLR F . 31.02 -33.34 -11.54
O1P PLR F . 31.63 -33.89 -12.77
O2P PLR F . 31.93 -33.38 -10.37
O3P PLR F . 30.61 -31.93 -11.73
P PO4 G . 47.41 -13.98 3.00
O1 PO4 G . 47.18 -14.84 1.78
O2 PO4 G . 48.88 -13.68 3.13
O3 PO4 G . 46.92 -14.67 4.24
O4 PO4 G . 46.66 -12.68 2.85
N1 PLR H . 26.13 11.22 -50.45
C2 PLR H . 25.06 10.75 -49.73
C2A PLR H . 23.67 11.14 -50.12
C3 PLR H . 25.26 9.93 -48.65
O3 PLR H . 24.21 9.48 -47.94
C4 PLR H . 26.54 9.58 -48.28
C4A PLR H . 26.76 8.58 -47.18
C5 PLR H . 27.61 10.06 -49.00
C6 PLR H . 27.40 10.88 -50.08
C5A PLR H . 29.02 9.67 -48.63
O4P PLR H . 29.52 10.30 -47.49
P PLR H . 30.95 9.81 -47.06
O1P PLR H . 30.92 8.35 -46.95
O2P PLR H . 31.35 10.50 -45.82
O3P PLR H . 31.88 10.17 -48.15
P PO4 I . 55.81 -3.73 -54.34
O1 PO4 I . 55.38 -5.13 -54.68
O2 PO4 I . 55.85 -2.93 -55.62
O3 PO4 I . 57.18 -3.78 -53.72
O4 PO4 I . 54.84 -3.12 -53.36
N1 PLR J . -0.88 2.83 45.27
C2 PLR J . -1.24 4.11 44.99
C2A PLR J . -0.18 5.14 44.81
C3 PLR J . -2.58 4.46 44.86
O3 PLR J . -2.90 5.76 44.58
C4 PLR J . -3.56 3.51 45.03
C4A PLR J . -4.89 3.75 44.37
C5 PLR J . -3.19 2.22 45.32
C6 PLR J . -1.85 1.89 45.44
C5A PLR J . -4.20 1.13 45.51
O4P PLR J . -5.23 1.50 46.38
P PLR J . -6.52 0.59 46.50
O1P PLR J . -7.31 0.60 45.24
O2P PLR J . -7.30 1.13 47.63
O3P PLR J . -6.07 -0.79 46.76
P PO4 K . -18.33 -25.15 38.90
O1 PO4 K . -18.73 -25.02 37.44
O2 PO4 K . -16.86 -25.51 38.97
O3 PO4 K . -19.14 -26.23 39.55
O4 PO4 K . -18.55 -23.84 39.60
N1 PLR L . -51.56 22.13 14.91
C2 PLR L . -50.34 22.43 14.36
C2A PLR L . -50.20 23.49 13.32
C3 PLR L . -49.21 21.77 14.77
O3 PLR L . -48.01 22.06 14.20
C4 PLR L . -49.28 20.80 15.72
C4A PLR L . -48.22 19.74 15.73
C5 PLR L . -50.50 20.49 16.27
C6 PLR L . -51.65 21.16 15.88
C5A PLR L . -50.52 19.43 17.32
O4P PLR L . -51.68 18.67 17.24
P PLR L . -51.66 17.35 18.09
O1P PLR L . -51.25 16.25 17.21
O2P PLR L . -53.02 17.15 18.63
O3P PLR L . -50.76 17.59 19.22
P PO4 M . -62.90 12.90 44.89
O1 PO4 M . -61.98 12.49 43.76
O2 PO4 M . -64.14 13.56 44.33
O3 PO4 M . -63.28 11.68 45.69
O4 PO4 M . -62.22 13.89 45.80
#